data_2QQ2
#
_entry.id   2QQ2
#
_cell.length_a   80.950
_cell.length_b   81.600
_cell.length_c   105.100
_cell.angle_alpha   79.61
_cell.angle_beta   89.70
_cell.angle_gamma   74.12
#
_symmetry.space_group_name_H-M   'P 1'
#
_entity_poly.entity_id   1
_entity_poly.type   'polypeptide(L)'
_entity_poly.pdbx_seq_one_letter_code
;MHHHHHHSSGVDLGTENLYFQSMGDIVQPVLNPEPNTVSYSQSSLIHLVGPSDCTLHGFVHGGVTMKLMDEVAGIVAARH
CKTNIVTASVDAINFHDKIRKGCVITISGRMTFTSNKSMEIEVLVDADPVVDSSQKRYRAASAFFTYVSLSQEGRSLPVP
QLVPETEDEKKRFEEGKGRYLQMKAKRQGHAEP
;
_entity_poly.pdbx_strand_id   A,B,C,D,E,F,G,H,I,J,K,L
#
# COMPACT_ATOMS: atom_id res chain seq x y z
N PRO A 33 -20.16 -33.63 -41.00
CA PRO A 33 -19.96 -32.40 -40.23
C PRO A 33 -18.97 -31.45 -40.90
N GLU A 34 -19.48 -30.38 -41.52
CA GLU A 34 -18.69 -29.48 -42.39
C GLU A 34 -17.57 -28.76 -41.66
N PRO A 35 -16.39 -28.61 -42.30
CA PRO A 35 -15.29 -27.88 -41.68
C PRO A 35 -15.66 -26.43 -41.41
N ASN A 36 -15.01 -25.80 -40.41
CA ASN A 36 -15.26 -24.39 -40.11
C ASN A 36 -16.58 -24.15 -39.41
N THR A 37 -17.28 -25.22 -39.08
CA THR A 37 -18.48 -25.09 -38.26
C THR A 37 -18.13 -25.39 -36.79
N VAL A 38 -19.01 -25.05 -35.85
CA VAL A 38 -18.63 -25.31 -34.46
C VAL A 38 -18.58 -26.82 -34.13
N SER A 39 -19.47 -27.60 -34.71
CA SER A 39 -19.48 -29.03 -34.47
C SER A 39 -18.19 -29.69 -34.87
N TYR A 40 -17.52 -29.13 -35.87
CA TYR A 40 -16.31 -29.71 -36.43
C TYR A 40 -15.18 -29.77 -35.40
N SER A 41 -15.07 -28.74 -34.56
CA SER A 41 -13.93 -28.61 -33.68
C SER A 41 -14.33 -28.83 -32.22
N GLN A 42 -15.63 -28.94 -31.97
CA GLN A 42 -16.16 -29.14 -30.62
C GLN A 42 -15.43 -30.28 -29.92
N SER A 43 -14.90 -30.04 -28.73
CA SER A 43 -14.04 -31.04 -28.10
C SER A 43 -14.22 -31.07 -26.63
N SER A 44 -14.15 -32.26 -26.05
CA SER A 44 -14.24 -32.31 -24.61
C SER A 44 -13.24 -33.25 -23.98
N LEU A 45 -13.18 -33.19 -22.68
CA LEU A 45 -12.18 -33.90 -21.96
C LEU A 45 -12.74 -34.29 -20.60
N ILE A 46 -12.45 -35.49 -20.12
CA ILE A 46 -13.07 -36.00 -18.88
C ILE A 46 -11.94 -36.41 -17.99
N HIS A 47 -11.92 -35.95 -16.74
CA HIS A 47 -10.77 -36.15 -15.85
C HIS A 47 -11.20 -36.59 -14.47
N LEU A 48 -10.55 -37.63 -13.91
CA LEU A 48 -10.90 -38.04 -12.58
C LEU A 48 -10.03 -37.29 -11.62
N VAL A 49 -10.63 -36.42 -10.82
CA VAL A 49 -9.85 -35.70 -9.84
C VAL A 49 -9.10 -36.67 -8.93
N GLY A 50 -7.79 -36.66 -9.04
CA GLY A 50 -6.95 -37.52 -8.24
C GLY A 50 -6.32 -36.79 -7.06
N PRO A 51 -5.50 -37.47 -6.26
CA PRO A 51 -5.06 -36.79 -5.04
C PRO A 51 -4.01 -35.72 -5.32
N SER A 52 -3.27 -35.85 -6.42
CA SER A 52 -2.23 -34.85 -6.67
C SER A 52 -2.83 -33.58 -7.24
N ASP A 53 -4.14 -33.60 -7.44
CA ASP A 53 -4.82 -32.45 -7.99
C ASP A 53 -5.32 -31.56 -6.86
N CYS A 54 -5.11 -31.97 -5.63
CA CYS A 54 -5.85 -31.38 -4.54
C CYS A 54 -5.09 -30.63 -3.52
N THR A 55 -5.83 -29.79 -2.82
CA THR A 55 -5.29 -28.95 -1.81
C THR A 55 -5.19 -29.84 -0.57
N LEU A 56 -4.70 -29.33 0.54
CA LEU A 56 -4.55 -30.16 1.72
C LEU A 56 -5.90 -30.50 2.33
N HIS A 57 -6.88 -29.64 2.10
CA HIS A 57 -8.27 -29.92 2.38
C HIS A 57 -8.78 -30.66 1.15
N GLY A 58 -10.06 -30.85 0.99
CA GLY A 58 -10.43 -31.73 -0.12
C GLY A 58 -10.46 -31.27 -1.57
N PHE A 59 -10.03 -30.05 -1.86
CA PHE A 59 -10.46 -29.35 -3.10
C PHE A 59 -9.39 -29.20 -4.17
N VAL A 60 -9.83 -29.16 -5.41
CA VAL A 60 -8.91 -28.98 -6.53
C VAL A 60 -8.35 -27.56 -6.66
N HIS A 61 -7.03 -27.41 -6.74
CA HIS A 61 -6.39 -26.11 -7.10
C HIS A 61 -6.95 -25.52 -8.38
N GLY A 62 -7.24 -24.22 -8.36
CA GLY A 62 -7.76 -23.52 -9.56
C GLY A 62 -6.80 -23.65 -10.73
N GLY A 63 -5.51 -23.62 -10.42
CA GLY A 63 -4.47 -23.91 -11.43
C GLY A 63 -4.68 -25.19 -12.21
N VAL A 64 -5.13 -26.26 -11.52
CA VAL A 64 -5.37 -27.50 -12.22
C VAL A 64 -6.56 -27.31 -13.15
N THR A 65 -7.63 -26.81 -12.61
CA THR A 65 -8.77 -26.56 -13.49
C THR A 65 -8.42 -25.63 -14.69
N MET A 66 -7.66 -24.59 -14.40
CA MET A 66 -7.25 -23.71 -15.45
C MET A 66 -6.43 -24.37 -16.50
N LYS A 67 -5.50 -25.24 -16.10
CA LYS A 67 -4.68 -25.93 -17.10
C LYS A 67 -5.50 -26.84 -18.01
N LEU A 68 -6.49 -27.49 -17.44
CA LEU A 68 -7.27 -28.49 -18.17
C LEU A 68 -8.08 -27.71 -19.17
N MET A 69 -8.62 -26.56 -18.72
CA MET A 69 -9.40 -25.65 -19.58
C MET A 69 -8.57 -25.20 -20.76
N ASP A 70 -7.33 -24.83 -20.51
CA ASP A 70 -6.48 -24.40 -21.59
C ASP A 70 -6.23 -25.51 -22.58
N GLU A 71 -6.03 -26.75 -22.10
CA GLU A 71 -5.76 -27.90 -22.97
C GLU A 71 -6.92 -28.12 -23.91
N VAL A 72 -8.14 -28.03 -23.37
CA VAL A 72 -9.33 -28.22 -24.21
C VAL A 72 -9.44 -27.14 -25.27
N ALA A 73 -9.31 -25.90 -24.82
CA ALA A 73 -9.34 -24.75 -25.74
C ALA A 73 -8.35 -24.89 -26.85
N GLY A 74 -7.13 -25.26 -26.49
CA GLY A 74 -6.08 -25.50 -27.45
C GLY A 74 -6.41 -26.56 -28.49
N ILE A 75 -7.10 -27.60 -28.05
CA ILE A 75 -7.43 -28.68 -28.94
C ILE A 75 -8.48 -28.20 -29.92
N VAL A 76 -9.50 -27.52 -29.38
CA VAL A 76 -10.49 -26.89 -30.26
C VAL A 76 -9.83 -25.99 -31.32
N ALA A 77 -9.01 -25.04 -30.87
CA ALA A 77 -8.27 -24.18 -31.78
C ALA A 77 -7.54 -24.97 -32.84
N ALA A 78 -6.79 -25.99 -32.42
CA ALA A 78 -5.97 -26.74 -33.36
C ALA A 78 -6.83 -27.43 -34.39
N ARG A 79 -7.94 -28.03 -33.96
CA ARG A 79 -8.85 -28.68 -34.91
C ARG A 79 -9.32 -27.71 -35.98
N HIS A 80 -9.69 -26.51 -35.54
CA HIS A 80 -10.25 -25.50 -36.43
C HIS A 80 -9.20 -24.87 -37.37
N CYS A 81 -7.99 -24.64 -36.89
CA CYS A 81 -6.93 -24.00 -37.65
C CYS A 81 -6.07 -24.94 -38.47
N LYS A 82 -5.98 -26.18 -38.00
CA LYS A 82 -5.04 -27.15 -38.51
C LYS A 82 -3.63 -26.56 -38.59
N THR A 83 -3.28 -25.78 -37.57
CA THR A 83 -2.02 -25.05 -37.58
C THR A 83 -1.45 -24.96 -36.17
N ASN A 84 -0.29 -24.35 -36.05
CA ASN A 84 0.22 -23.97 -34.74
C ASN A 84 -0.63 -22.85 -34.11
N ILE A 85 -0.95 -22.99 -32.83
CA ILE A 85 -1.80 -22.03 -32.13
C ILE A 85 -1.19 -21.60 -30.79
N VAL A 86 -1.48 -20.40 -30.33
CA VAL A 86 -1.08 -19.97 -28.97
C VAL A 86 -2.22 -19.20 -28.33
N THR A 87 -2.28 -19.25 -27.01
CA THR A 87 -3.23 -18.46 -26.27
C THR A 87 -2.80 -17.00 -26.32
N ALA A 88 -3.75 -16.11 -26.61
CA ALA A 88 -3.50 -14.67 -26.63
C ALA A 88 -4.02 -14.13 -25.32
N SER A 89 -5.23 -14.53 -24.96
CA SER A 89 -5.78 -14.06 -23.70
C SER A 89 -6.85 -15.00 -23.25
N VAL A 90 -7.12 -14.92 -21.98
CA VAL A 90 -8.19 -15.69 -21.41
C VAL A 90 -8.89 -14.62 -20.65
N ASP A 91 -10.19 -14.56 -20.81
CA ASP A 91 -10.89 -13.55 -20.07
C ASP A 91 -12.09 -14.07 -19.32
N ALA A 92 -12.27 -13.55 -18.12
CA ALA A 92 -13.39 -13.99 -17.28
C ALA A 92 -13.33 -15.49 -16.96
N ILE A 93 -12.39 -15.90 -16.13
CA ILE A 93 -12.49 -17.24 -15.63
C ILE A 93 -13.31 -17.17 -14.36
N ASN A 94 -14.46 -17.83 -14.37
CA ASN A 94 -15.29 -17.87 -13.16
C ASN A 94 -15.44 -19.22 -12.47
N PHE A 95 -15.16 -19.27 -11.18
CA PHE A 95 -15.27 -20.52 -10.48
C PHE A 95 -16.58 -20.50 -9.75
N HIS A 96 -17.56 -21.21 -10.30
CA HIS A 96 -18.91 -21.20 -9.74
C HIS A 96 -19.03 -22.06 -8.51
N ASP A 97 -18.10 -23.00 -8.34
CA ASP A 97 -18.18 -23.88 -7.19
C ASP A 97 -16.91 -24.70 -7.05
N LYS A 98 -16.71 -25.22 -5.85
CA LYS A 98 -15.57 -26.07 -5.54
C LYS A 98 -15.69 -27.46 -6.16
N ILE A 99 -14.54 -28.06 -6.41
CA ILE A 99 -14.47 -29.43 -6.86
C ILE A 99 -13.71 -30.32 -5.88
N ARG A 100 -14.34 -31.43 -5.51
CA ARG A 100 -13.82 -32.39 -4.55
C ARG A 100 -12.94 -33.47 -5.12
N LYS A 101 -12.16 -34.06 -4.24
CA LYS A 101 -11.60 -35.37 -4.52
C LYS A 101 -12.69 -36.36 -4.95
N GLY A 102 -12.42 -37.10 -6.01
CA GLY A 102 -13.33 -38.12 -6.47
C GLY A 102 -14.52 -37.62 -7.25
N CYS A 103 -14.38 -36.47 -7.91
CA CYS A 103 -15.34 -36.02 -8.87
C CYS A 103 -14.76 -36.45 -10.18
N VAL A 104 -15.62 -36.70 -11.15
CA VAL A 104 -15.19 -36.65 -12.49
C VAL A 104 -15.58 -35.26 -13.03
N ILE A 105 -14.63 -34.56 -13.63
CA ILE A 105 -14.98 -33.29 -14.25
C ILE A 105 -14.96 -33.41 -15.75
N THR A 106 -16.04 -32.99 -16.38
CA THR A 106 -16.08 -32.84 -17.85
C THR A 106 -15.72 -31.41 -18.25
N ILE A 107 -14.70 -31.26 -19.07
CA ILE A 107 -14.32 -29.95 -19.58
C ILE A 107 -14.60 -29.90 -21.06
N SER A 108 -15.60 -29.12 -21.45
CA SER A 108 -15.91 -29.11 -22.88
C SER A 108 -15.72 -27.71 -23.47
N GLY A 109 -15.21 -27.69 -24.70
CA GLY A 109 -14.98 -26.45 -25.38
C GLY A 109 -15.66 -26.41 -26.73
N ARG A 110 -15.98 -25.20 -27.15
CA ARG A 110 -16.50 -24.96 -28.51
C ARG A 110 -16.19 -23.54 -28.97
N MET A 111 -16.03 -23.42 -30.28
CA MET A 111 -15.74 -22.15 -30.89
C MET A 111 -16.97 -21.25 -30.82
N THR A 112 -16.77 -19.98 -30.52
CA THR A 112 -17.92 -19.09 -30.45
C THR A 112 -17.88 -17.99 -31.51
N PHE A 113 -16.69 -17.42 -31.71
CA PHE A 113 -16.53 -16.33 -32.62
C PHE A 113 -15.14 -16.33 -33.21
N THR A 114 -15.00 -15.86 -34.44
CA THR A 114 -13.67 -15.60 -35.00
C THR A 114 -13.58 -14.17 -35.49
N SER A 115 -12.45 -13.51 -35.30
CA SER A 115 -12.21 -12.26 -35.96
C SER A 115 -11.39 -12.62 -37.18
N ASN A 116 -10.63 -11.68 -37.71
CA ASN A 116 -9.83 -12.02 -38.88
C ASN A 116 -8.62 -12.86 -38.46
N LYS A 117 -8.01 -12.51 -37.33
CA LYS A 117 -6.79 -13.18 -36.90
C LYS A 117 -6.89 -13.92 -35.55
N SER A 118 -8.07 -14.00 -34.98
CA SER A 118 -8.21 -14.55 -33.65
C SER A 118 -9.48 -15.40 -33.48
N MET A 119 -9.41 -16.40 -32.60
CA MET A 119 -10.54 -17.30 -32.35
C MET A 119 -11.00 -17.28 -30.93
N GLU A 120 -12.29 -17.19 -30.70
CA GLU A 120 -12.76 -17.21 -29.32
C GLU A 120 -13.38 -18.58 -29.05
N ILE A 121 -12.94 -19.19 -27.95
CA ILE A 121 -13.47 -20.48 -27.54
C ILE A 121 -14.07 -20.45 -26.16
N GLU A 122 -15.29 -20.97 -26.04
CA GLU A 122 -15.92 -21.07 -24.72
C GLU A 122 -15.64 -22.44 -24.09
N VAL A 123 -15.13 -22.40 -22.88
CA VAL A 123 -14.85 -23.61 -22.15
C VAL A 123 -15.75 -23.69 -20.91
N LEU A 124 -16.46 -24.82 -20.77
CA LEU A 124 -17.29 -25.11 -19.59
C LEU A 124 -16.76 -26.34 -18.82
N VAL A 125 -16.75 -26.26 -17.49
CA VAL A 125 -16.39 -27.37 -16.63
C VAL A 125 -17.56 -27.80 -15.78
N ASP A 126 -18.00 -29.03 -15.98
CA ASP A 126 -19.00 -29.64 -15.10
C ASP A 126 -18.42 -30.76 -14.21
N ALA A 127 -19.07 -31.03 -13.09
CA ALA A 127 -18.57 -32.02 -12.15
C ALA A 127 -19.65 -33.01 -11.71
N ASP A 128 -19.35 -34.31 -11.83
CA ASP A 128 -20.18 -35.37 -11.23
C ASP A 128 -19.46 -35.93 -10.04
N PRO A 129 -20.15 -36.06 -8.92
CA PRO A 129 -19.61 -36.94 -7.89
C PRO A 129 -19.75 -38.41 -8.38
N VAL A 130 -18.88 -39.33 -7.98
CA VAL A 130 -19.17 -40.76 -8.20
C VAL A 130 -19.53 -41.34 -6.85
N VAL A 131 -19.38 -40.47 -5.85
CA VAL A 131 -19.29 -40.82 -4.42
C VAL A 131 -20.65 -41.01 -3.71
N SER A 134 -24.32 -40.46 -5.02
CA SER A 134 -24.89 -39.71 -6.13
C SER A 134 -26.00 -38.74 -5.69
N GLN A 135 -25.87 -37.49 -6.15
CA GLN A 135 -26.80 -36.41 -5.79
C GLN A 135 -27.13 -35.46 -6.96
N LYS A 136 -26.12 -34.95 -7.69
CA LYS A 136 -26.35 -33.86 -8.66
C LYS A 136 -25.10 -33.24 -9.34
N ARG A 137 -24.95 -33.49 -10.64
CA ARG A 137 -24.00 -32.81 -11.52
C ARG A 137 -24.18 -31.29 -11.52
N TYR A 138 -23.08 -30.54 -11.50
CA TYR A 138 -23.17 -29.09 -11.41
C TYR A 138 -22.11 -28.37 -12.24
N ARG A 139 -22.38 -27.11 -12.58
CA ARG A 139 -21.45 -26.28 -13.29
C ARG A 139 -20.37 -25.73 -12.35
N ALA A 140 -19.09 -25.89 -12.70
CA ALA A 140 -18.05 -25.58 -11.73
C ALA A 140 -17.22 -24.42 -12.16
N ALA A 141 -17.02 -24.31 -13.45
CA ALA A 141 -16.23 -23.19 -13.94
C ALA A 141 -16.57 -22.86 -15.40
N SER A 142 -16.09 -21.70 -15.87
CA SER A 142 -16.29 -21.27 -17.27
C SER A 142 -15.35 -20.17 -17.64
N ALA A 143 -15.04 -20.08 -18.92
CA ALA A 143 -14.13 -19.07 -19.39
C ALA A 143 -14.22 -18.84 -20.91
N PHE A 144 -13.80 -17.65 -21.35
CA PHE A 144 -13.58 -17.45 -22.80
C PHE A 144 -12.10 -17.39 -23.15
N PHE A 145 -11.64 -18.32 -23.97
CA PHE A 145 -10.23 -18.32 -24.34
C PHE A 145 -10.07 -17.66 -25.69
N THR A 146 -8.99 -16.93 -25.88
CA THR A 146 -8.78 -16.38 -27.17
C THR A 146 -7.49 -16.92 -27.69
N TYR A 147 -7.55 -17.58 -28.83
CA TYR A 147 -6.35 -18.10 -29.47
C TYR A 147 -5.95 -17.39 -30.79
N VAL A 148 -4.68 -17.52 -31.15
CA VAL A 148 -4.16 -16.93 -32.37
C VAL A 148 -3.42 -18.03 -33.14
N SER A 149 -3.72 -18.16 -34.41
CA SER A 149 -3.05 -19.12 -35.27
C SER A 149 -1.68 -18.60 -35.76
N LEU A 150 -0.69 -19.48 -35.72
CA LEU A 150 0.66 -19.12 -36.08
C LEU A 150 1.21 -19.97 -37.20
N SER A 151 1.99 -19.33 -38.06
CA SER A 151 2.70 -20.02 -39.13
C SER A 151 3.90 -20.76 -38.53
N GLN A 152 4.61 -21.48 -39.40
CA GLN A 152 5.82 -22.19 -38.99
C GLN A 152 6.87 -21.20 -38.48
N GLU A 153 6.97 -20.04 -39.15
CA GLU A 153 7.90 -18.98 -38.74
C GLU A 153 7.47 -18.30 -37.42
N GLY A 154 6.19 -18.41 -37.08
CA GLY A 154 5.70 -17.85 -35.82
C GLY A 154 4.92 -16.55 -35.97
N ARG A 155 4.54 -16.20 -37.20
CA ARG A 155 3.76 -14.98 -37.44
C ARG A 155 2.27 -15.25 -37.30
N SER A 156 1.51 -14.23 -36.90
CA SER A 156 0.07 -14.39 -36.72
C SER A 156 -0.67 -14.39 -38.07
N LEU A 157 -1.40 -15.46 -38.35
CA LEU A 157 -2.04 -15.74 -39.66
C LEU A 157 -3.53 -15.42 -39.71
N PRO A 158 -4.05 -15.08 -40.91
CA PRO A 158 -5.50 -15.07 -41.03
C PRO A 158 -6.08 -16.43 -40.63
N VAL A 159 -7.26 -16.40 -40.04
CA VAL A 159 -7.85 -17.57 -39.45
C VAL A 159 -9.08 -17.99 -40.23
N PRO A 160 -9.28 -19.29 -40.43
CA PRO A 160 -10.52 -19.77 -41.07
C PRO A 160 -11.76 -19.24 -40.35
N GLN A 161 -12.71 -18.70 -41.08
CA GLN A 161 -13.87 -18.11 -40.41
C GLN A 161 -14.81 -19.15 -39.84
N LEU A 162 -15.41 -18.84 -38.70
CA LEU A 162 -16.41 -19.71 -38.14
C LEU A 162 -17.75 -19.39 -38.78
N VAL A 163 -18.46 -20.39 -39.26
CA VAL A 163 -19.78 -20.15 -39.79
C VAL A 163 -20.87 -20.78 -38.92
N PRO A 164 -21.60 -19.94 -38.18
CA PRO A 164 -22.68 -20.41 -37.31
C PRO A 164 -23.84 -20.92 -38.14
N GLU A 165 -24.64 -21.83 -37.58
CA GLU A 165 -25.74 -22.43 -38.33
C GLU A 165 -27.05 -22.38 -37.56
N THR A 166 -27.03 -22.72 -36.28
CA THR A 166 -28.25 -22.70 -35.46
C THR A 166 -28.53 -21.30 -34.90
N GLU A 167 -29.61 -21.19 -34.13
CA GLU A 167 -29.98 -19.95 -33.48
C GLU A 167 -28.91 -19.51 -32.52
N ASP A 168 -28.56 -20.41 -31.61
CA ASP A 168 -27.63 -20.12 -30.52
C ASP A 168 -26.25 -19.82 -31.04
N GLU A 169 -25.88 -20.45 -32.15
CA GLU A 169 -24.57 -20.24 -32.75
C GLU A 169 -24.44 -18.82 -33.31
N LYS A 170 -25.52 -18.30 -33.85
CA LYS A 170 -25.55 -16.90 -34.30
C LYS A 170 -25.55 -15.95 -33.10
N LYS A 171 -26.31 -16.30 -32.07
CA LYS A 171 -26.34 -15.49 -30.87
C LYS A 171 -24.97 -15.46 -30.19
N ARG A 172 -24.37 -16.64 -29.98
CA ARG A 172 -23.07 -16.72 -29.30
C ARG A 172 -22.00 -16.00 -30.11
N PHE A 173 -22.12 -16.06 -31.44
CA PHE A 173 -21.20 -15.35 -32.32
C PHE A 173 -21.33 -13.84 -32.14
N GLU A 174 -22.56 -13.38 -32.02
CA GLU A 174 -22.83 -11.98 -31.82
C GLU A 174 -22.21 -11.51 -30.53
N GLU A 175 -22.49 -12.23 -29.44
CA GLU A 175 -21.93 -11.91 -28.11
C GLU A 175 -20.40 -11.95 -28.13
N GLY A 176 -19.86 -12.85 -28.93
CA GLY A 176 -18.44 -12.91 -29.15
C GLY A 176 -17.87 -11.67 -29.75
N LYS A 177 -18.47 -11.22 -30.87
CA LYS A 177 -18.10 -9.95 -31.52
C LYS A 177 -18.11 -8.85 -30.48
N GLY A 178 -19.16 -8.85 -29.66
CA GLY A 178 -19.25 -7.89 -28.58
C GLY A 178 -18.04 -7.86 -27.67
N ARG A 179 -17.76 -9.01 -27.06
CA ARG A 179 -16.59 -9.17 -26.17
C ARG A 179 -15.26 -8.87 -26.85
N TYR A 180 -15.16 -9.24 -28.11
CA TYR A 180 -14.00 -8.88 -28.92
C TYR A 180 -13.76 -7.35 -29.04
N LEU A 181 -14.81 -6.60 -29.43
CA LEU A 181 -14.71 -5.15 -29.56
C LEU A 181 -14.31 -4.50 -28.24
N GLN A 182 -14.97 -4.89 -27.15
CA GLN A 182 -14.66 -4.27 -25.86
C GLN A 182 -13.23 -4.48 -25.44
N MET A 183 -12.71 -5.67 -25.68
CA MET A 183 -11.34 -5.96 -25.34
C MET A 183 -10.36 -5.08 -26.10
N LYS A 184 -10.65 -4.82 -27.36
CA LYS A 184 -9.78 -3.93 -28.12
C LYS A 184 -9.80 -2.51 -27.54
N ALA A 185 -10.99 -2.08 -27.10
CA ALA A 185 -11.09 -0.81 -26.42
C ALA A 185 -10.24 -0.83 -25.15
N LYS A 186 -10.25 -1.92 -24.40
CA LYS A 186 -9.44 -1.99 -23.16
C LYS A 186 -7.94 -1.79 -23.32
N ARG A 187 -7.36 -2.18 -24.45
CA ARG A 187 -5.94 -1.94 -24.64
C ARG A 187 -5.72 -0.66 -25.45
N GLN A 188 -6.25 0.45 -24.92
CA GLN A 188 -6.00 1.81 -25.44
C GLN A 188 -6.69 2.85 -24.53
N GLY A 189 -6.36 4.12 -24.70
CA GLY A 189 -6.68 5.17 -23.71
C GLY A 189 -8.07 5.83 -23.64
N HIS A 190 -8.26 6.90 -24.42
CA HIS A 190 -9.55 7.60 -24.45
C HIS A 190 -9.70 8.41 -25.78
N PRO B 33 7.48 -6.38 9.43
CA PRO B 33 6.42 -6.26 8.39
C PRO B 33 5.03 -6.61 8.93
N GLU B 34 4.23 -5.59 9.22
CA GLU B 34 2.94 -5.74 9.91
C GLU B 34 1.93 -6.61 9.18
N PRO B 35 1.16 -7.44 9.92
CA PRO B 35 0.13 -8.28 9.29
C PRO B 35 -0.94 -7.44 8.58
N ASN B 36 -1.60 -8.02 7.58
CA ASN B 36 -2.68 -7.33 6.89
C ASN B 36 -2.20 -6.21 5.98
N THR B 37 -0.89 -6.06 5.88
CA THR B 37 -0.33 -5.13 4.93
C THR B 37 0.11 -5.88 3.68
N VAL B 38 0.35 -5.20 2.58
CA VAL B 38 0.69 -5.97 1.39
C VAL B 38 2.04 -6.67 1.51
N SER B 39 3.01 -6.03 2.15
CA SER B 39 4.33 -6.61 2.31
C SER B 39 4.27 -7.94 3.04
N TYR B 40 3.27 -8.09 3.90
CA TYR B 40 3.16 -9.27 4.74
C TYR B 40 2.95 -10.53 3.95
N SER B 41 2.19 -10.45 2.87
CA SER B 41 1.80 -11.64 2.14
C SER B 41 2.43 -11.70 0.76
N GLN B 42 3.10 -10.64 0.35
CA GLN B 42 3.73 -10.55 -0.96
C GLN B 42 4.61 -11.78 -1.17
N SER B 43 4.42 -12.47 -2.27
CA SER B 43 5.08 -13.75 -2.48
C SER B 43 5.52 -13.88 -3.90
N SER B 44 6.64 -14.55 -4.14
CA SER B 44 7.04 -14.79 -5.52
C SER B 44 7.68 -16.18 -5.71
N LEU B 45 7.94 -16.53 -6.96
CA LEU B 45 8.19 -17.87 -7.35
C LEU B 45 9.00 -17.84 -8.60
N ILE B 46 9.97 -18.73 -8.71
CA ILE B 46 10.90 -18.64 -9.82
C ILE B 46 10.90 -20.03 -10.43
N HIS B 47 10.88 -20.13 -11.74
CA HIS B 47 10.71 -21.43 -12.37
C HIS B 47 11.54 -21.49 -13.62
N LEU B 48 12.32 -22.54 -13.77
CA LEU B 48 13.11 -22.70 -14.97
C LEU B 48 12.29 -23.46 -16.01
N VAL B 49 11.91 -22.80 -17.09
CA VAL B 49 11.16 -23.44 -18.15
C VAL B 49 11.88 -24.68 -18.65
N GLY B 50 11.28 -25.83 -18.40
CA GLY B 50 11.87 -27.12 -18.76
C GLY B 50 11.16 -27.66 -19.97
N PRO B 51 11.51 -28.86 -20.40
CA PRO B 51 11.01 -29.24 -21.71
C PRO B 51 9.57 -29.75 -21.63
N SER B 52 9.15 -30.23 -20.47
CA SER B 52 7.79 -30.70 -20.34
C SER B 52 6.81 -29.52 -20.20
N ASP B 53 7.33 -28.30 -20.21
CA ASP B 53 6.49 -27.11 -20.13
C ASP B 53 6.15 -26.60 -21.53
N CYS B 54 6.75 -27.21 -22.54
CA CYS B 54 6.72 -26.61 -23.85
C CYS B 54 5.88 -27.25 -24.93
N THR B 55 5.50 -26.40 -25.86
CA THR B 55 4.76 -26.78 -27.02
C THR B 55 5.76 -27.51 -27.94
N LEU B 56 5.29 -28.02 -29.08
CA LEU B 56 6.17 -28.74 -29.98
C LEU B 56 7.19 -27.79 -30.65
N HIS B 57 6.81 -26.53 -30.75
CA HIS B 57 7.72 -25.47 -31.12
C HIS B 57 8.35 -25.03 -29.80
N GLY B 58 9.04 -23.91 -29.77
CA GLY B 58 9.76 -23.58 -28.54
C GLY B 58 9.00 -23.01 -27.34
N PHE B 59 7.67 -22.92 -27.36
CA PHE B 59 6.99 -22.02 -26.40
C PHE B 59 6.19 -22.67 -25.27
N VAL B 60 6.07 -21.96 -24.16
CA VAL B 60 5.35 -22.46 -23.01
C VAL B 60 3.85 -22.40 -23.20
N HIS B 61 3.17 -23.52 -23.04
CA HIS B 61 1.69 -23.53 -22.94
C HIS B 61 1.13 -22.49 -21.96
N GLY B 62 0.04 -21.84 -22.34
CA GLY B 62 -0.58 -20.86 -21.47
C GLY B 62 -1.02 -21.50 -20.19
N GLY B 63 -1.48 -22.74 -20.33
CA GLY B 63 -1.89 -23.52 -19.16
C GLY B 63 -0.85 -23.62 -18.06
N VAL B 64 0.37 -23.88 -18.46
CA VAL B 64 1.47 -23.88 -17.49
C VAL B 64 1.59 -22.54 -16.80
N THR B 65 1.75 -21.48 -17.58
CA THR B 65 1.83 -20.14 -16.99
C THR B 65 0.67 -19.86 -16.03
N MET B 66 -0.53 -20.21 -16.47
CA MET B 66 -1.73 -19.97 -15.68
C MET B 66 -1.74 -20.69 -14.37
N LYS B 67 -1.33 -21.97 -14.40
CA LYS B 67 -1.18 -22.76 -13.15
C LYS B 67 -0.17 -22.19 -12.18
N LEU B 68 1.02 -21.80 -12.69
CA LEU B 68 2.00 -21.11 -11.85
C LEU B 68 1.43 -19.83 -11.24
N MET B 69 0.68 -19.08 -12.04
CA MET B 69 0.09 -17.85 -11.54
C MET B 69 -0.87 -18.15 -10.44
N ASP B 70 -1.69 -19.18 -10.61
CA ASP B 70 -2.65 -19.51 -9.57
C ASP B 70 -1.96 -19.94 -8.28
N GLU B 71 -0.86 -20.70 -8.41
CA GLU B 71 -0.12 -21.12 -7.22
C GLU B 71 0.35 -19.94 -6.37
N VAL B 72 0.93 -18.93 -7.02
CA VAL B 72 1.41 -17.77 -6.30
C VAL B 72 0.26 -16.97 -5.70
N ALA B 73 -0.77 -16.74 -6.48
CA ALA B 73 -1.96 -16.10 -5.94
C ALA B 73 -2.51 -16.79 -4.66
N GLY B 74 -2.56 -18.14 -4.71
CA GLY B 74 -3.07 -18.93 -3.62
C GLY B 74 -2.23 -18.73 -2.39
N ILE B 75 -0.92 -18.65 -2.59
CA ILE B 75 -0.01 -18.58 -1.47
C ILE B 75 -0.19 -17.23 -0.84
N VAL B 76 -0.24 -16.19 -1.67
CA VAL B 76 -0.54 -14.84 -1.16
C VAL B 76 -1.82 -14.83 -0.34
N ALA B 77 -2.91 -15.30 -0.94
CA ALA B 77 -4.18 -15.46 -0.21
C ALA B 77 -4.02 -16.20 1.11
N ALA B 78 -3.36 -17.38 1.09
CA ALA B 78 -3.18 -18.15 2.30
C ALA B 78 -2.46 -17.36 3.40
N ARG B 79 -1.36 -16.69 3.03
CA ARG B 79 -0.58 -15.95 4.01
C ARG B 79 -1.43 -14.90 4.64
N HIS B 80 -2.29 -14.26 3.85
CA HIS B 80 -3.09 -13.17 4.34
C HIS B 80 -4.27 -13.62 5.22
N CYS B 81 -4.87 -14.75 4.88
CA CYS B 81 -6.07 -15.19 5.57
C CYS B 81 -5.77 -16.14 6.69
N LYS B 82 -4.65 -16.87 6.55
CA LYS B 82 -4.27 -17.94 7.46
C LYS B 82 -5.41 -18.96 7.55
N THR B 83 -6.04 -19.22 6.42
CA THR B 83 -7.23 -20.05 6.38
C THR B 83 -7.30 -20.81 5.06
N ASN B 84 -8.30 -21.67 4.92
CA ASN B 84 -8.57 -22.31 3.64
C ASN B 84 -9.06 -21.26 2.63
N ILE B 85 -8.54 -21.32 1.41
CA ILE B 85 -8.91 -20.36 0.39
C ILE B 85 -9.28 -21.05 -0.94
N VAL B 86 -10.21 -20.49 -1.70
CA VAL B 86 -10.42 -20.96 -3.07
C VAL B 86 -10.49 -19.80 -4.04
N THR B 87 -10.16 -20.06 -5.29
CA THR B 87 -10.30 -19.10 -6.35
C THR B 87 -11.75 -18.87 -6.66
N ALA B 88 -12.17 -17.60 -6.70
CA ALA B 88 -13.54 -17.25 -7.07
C ALA B 88 -13.57 -16.91 -8.55
N SER B 89 -12.63 -16.10 -8.98
CA SER B 89 -12.56 -15.72 -10.39
C SER B 89 -11.17 -15.20 -10.70
N VAL B 90 -10.83 -15.29 -11.94
CA VAL B 90 -9.61 -14.70 -12.40
C VAL B 90 -10.11 -13.88 -13.54
N ASP B 91 -9.68 -12.64 -13.56
CA ASP B 91 -10.14 -11.81 -14.61
C ASP B 91 -8.99 -11.10 -15.34
N ALA B 92 -9.12 -11.06 -16.66
CA ALA B 92 -8.13 -10.40 -17.48
C ALA B 92 -6.77 -11.07 -17.37
N ILE B 93 -6.62 -12.29 -17.89
CA ILE B 93 -5.29 -12.83 -18.02
C ILE B 93 -4.72 -12.39 -19.35
N ASN B 94 -3.67 -11.60 -19.33
CA ASN B 94 -3.09 -11.13 -20.58
C ASN B 94 -1.73 -11.69 -20.85
N PHE B 95 -1.56 -12.32 -22.00
CA PHE B 95 -0.24 -12.78 -22.41
C PHE B 95 0.51 -11.77 -23.25
N HIS B 96 1.36 -10.98 -22.63
CA HIS B 96 2.04 -9.90 -23.34
C HIS B 96 3.09 -10.38 -24.33
N ASP B 97 3.62 -11.58 -24.10
CA ASP B 97 4.69 -12.11 -24.92
C ASP B 97 4.97 -13.58 -24.64
N LYS B 98 5.51 -14.26 -25.66
CA LYS B 98 5.80 -15.68 -25.59
C LYS B 98 6.95 -15.93 -24.64
N ILE B 99 6.98 -17.13 -24.09
CA ILE B 99 8.10 -17.56 -23.29
C ILE B 99 8.73 -18.79 -23.92
N ARG B 100 9.98 -18.69 -24.33
CA ARG B 100 10.60 -19.84 -24.96
C ARG B 100 11.31 -20.74 -23.91
N LYS B 101 11.80 -21.89 -24.38
CA LYS B 101 12.63 -22.81 -23.63
C LYS B 101 13.86 -22.12 -23.07
N GLY B 102 14.18 -22.39 -21.80
CA GLY B 102 15.40 -21.88 -21.19
C GLY B 102 15.30 -20.43 -20.75
N CYS B 103 14.11 -20.03 -20.36
CA CYS B 103 13.94 -18.80 -19.66
C CYS B 103 13.78 -19.14 -18.23
N VAL B 104 14.10 -18.21 -17.35
CA VAL B 104 13.64 -18.32 -16.00
C VAL B 104 12.48 -17.37 -15.90
N ILE B 105 11.35 -17.84 -15.41
CA ILE B 105 10.27 -16.92 -15.24
C ILE B 105 10.04 -16.63 -13.77
N THR B 106 9.86 -15.36 -13.41
CA THR B 106 9.53 -14.97 -12.05
C THR B 106 8.05 -14.64 -12.02
N ILE B 107 7.28 -15.31 -11.18
CA ILE B 107 5.90 -15.03 -11.01
C ILE B 107 5.75 -14.43 -9.65
N SER B 108 5.26 -13.20 -9.55
CA SER B 108 5.16 -12.55 -8.25
C SER B 108 3.77 -12.06 -8.05
N GLY B 109 3.32 -12.04 -6.82
CA GLY B 109 1.96 -11.73 -6.51
C GLY B 109 1.95 -10.82 -5.31
N ARG B 110 0.94 -9.97 -5.25
CA ARG B 110 0.71 -9.13 -4.09
C ARG B 110 -0.76 -8.75 -4.00
N MET B 111 -1.20 -8.52 -2.78
CA MET B 111 -2.58 -8.18 -2.52
C MET B 111 -2.86 -6.73 -2.97
N THR B 112 -3.99 -6.49 -3.63
CA THR B 112 -4.30 -5.14 -4.06
C THR B 112 -5.50 -4.55 -3.34
N PHE B 113 -6.51 -5.36 -3.11
CA PHE B 113 -7.74 -4.87 -2.54
C PHE B 113 -8.46 -6.00 -1.83
N THR B 114 -9.17 -5.69 -0.77
CA THR B 114 -10.11 -6.63 -0.15
C THR B 114 -11.51 -6.02 -0.05
N SER B 115 -12.53 -6.81 -0.31
CA SER B 115 -13.87 -6.43 0.04
C SER B 115 -14.12 -7.05 1.41
N ASN B 116 -15.38 -7.26 1.76
CA ASN B 116 -15.66 -7.87 3.06
C ASN B 116 -15.35 -9.37 3.03
N LYS B 117 -15.65 -10.02 1.93
CA LYS B 117 -15.52 -11.47 1.89
C LYS B 117 -14.60 -11.96 0.78
N SER B 118 -13.89 -11.06 0.10
CA SER B 118 -13.07 -11.46 -1.03
C SER B 118 -11.74 -10.68 -1.10
N MET B 119 -10.74 -11.30 -1.73
CA MET B 119 -9.40 -10.70 -1.85
C MET B 119 -8.93 -10.62 -3.29
N GLU B 120 -8.37 -9.49 -3.67
CA GLU B 120 -7.88 -9.35 -5.03
C GLU B 120 -6.38 -9.38 -5.00
N ILE B 121 -5.81 -10.26 -5.82
CA ILE B 121 -4.38 -10.36 -5.88
C ILE B 121 -3.89 -10.14 -7.30
N GLU B 122 -2.87 -9.30 -7.44
CA GLU B 122 -2.29 -9.07 -8.77
C GLU B 122 -1.11 -10.00 -8.98
N VAL B 123 -1.12 -10.73 -10.07
CA VAL B 123 0.03 -11.58 -10.36
C VAL B 123 0.73 -11.11 -11.62
N LEU B 124 2.03 -10.88 -11.55
CA LEU B 124 2.83 -10.50 -12.72
C LEU B 124 3.88 -11.55 -13.06
N VAL B 125 4.04 -11.87 -14.35
CA VAL B 125 5.06 -12.83 -14.79
C VAL B 125 6.14 -12.16 -15.62
N ASP B 126 7.39 -12.22 -15.17
CA ASP B 126 8.50 -11.71 -15.97
C ASP B 126 9.40 -12.84 -16.45
N ALA B 127 10.17 -12.62 -17.52
CA ALA B 127 11.03 -13.67 -18.06
C ALA B 127 12.46 -13.20 -18.31
N ASP B 128 13.45 -13.94 -17.83
CA ASP B 128 14.86 -13.71 -18.20
C ASP B 128 15.33 -14.81 -19.10
N PRO B 129 15.96 -14.46 -20.22
CA PRO B 129 16.72 -15.51 -20.90
C PRO B 129 17.97 -15.89 -20.09
N VAL B 130 18.46 -17.12 -20.29
CA VAL B 130 19.73 -17.56 -19.69
C VAL B 130 20.60 -18.14 -20.82
N VAL B 131 20.14 -17.89 -22.04
CA VAL B 131 20.76 -18.42 -23.24
C VAL B 131 21.54 -17.28 -23.95
N ASP B 132 21.10 -16.88 -25.13
CA ASP B 132 21.70 -15.73 -25.82
C ASP B 132 21.43 -14.39 -25.09
N SER B 133 22.53 -13.72 -24.73
CA SER B 133 22.51 -12.55 -23.84
C SER B 133 21.70 -11.34 -24.34
N SER B 134 21.96 -10.89 -25.57
CA SER B 134 21.29 -9.70 -26.16
C SER B 134 19.77 -9.76 -26.04
N GLN B 135 19.29 -10.27 -24.91
CA GLN B 135 17.85 -10.43 -24.64
C GLN B 135 17.49 -10.01 -23.22
N LYS B 136 16.77 -8.89 -23.12
CA LYS B 136 16.51 -8.24 -21.85
C LYS B 136 15.26 -8.79 -21.20
N ARG B 137 15.31 -8.91 -19.88
CA ARG B 137 14.15 -9.26 -19.06
C ARG B 137 12.89 -8.52 -19.53
N TYR B 138 11.77 -9.21 -19.62
CA TYR B 138 10.54 -8.62 -20.12
C TYR B 138 9.30 -9.13 -19.41
N ARG B 139 8.24 -8.34 -19.44
CA ARG B 139 6.96 -8.72 -18.86
C ARG B 139 6.21 -9.69 -19.77
N ALA B 140 5.82 -10.85 -19.24
CA ALA B 140 5.24 -11.88 -20.11
C ALA B 140 3.76 -12.11 -19.93
N ALA B 141 3.26 -11.92 -18.72
CA ALA B 141 1.83 -12.07 -18.48
C ALA B 141 1.41 -11.37 -17.19
N SER B 142 0.10 -11.21 -17.00
CA SER B 142 -0.40 -10.55 -15.80
C SER B 142 -1.85 -10.91 -15.61
N ALA B 143 -2.35 -10.75 -14.39
CA ALA B 143 -3.73 -11.11 -14.09
C ALA B 143 -4.16 -10.60 -12.72
N PHE B 144 -5.47 -10.45 -12.52
CA PHE B 144 -6.01 -10.20 -11.18
C PHE B 144 -6.81 -11.41 -10.74
N PHE B 145 -6.32 -12.06 -9.68
CA PHE B 145 -7.03 -13.22 -9.12
C PHE B 145 -7.90 -12.76 -7.98
N THR B 146 -9.05 -13.41 -7.85
CA THR B 146 -9.93 -13.09 -6.75
C THR B 146 -10.17 -14.38 -5.98
N TYR B 147 -9.80 -14.32 -4.70
CA TYR B 147 -9.95 -15.44 -3.81
C TYR B 147 -11.00 -15.21 -2.73
N VAL B 148 -11.47 -16.31 -2.16
CA VAL B 148 -12.44 -16.25 -1.11
C VAL B 148 -11.97 -17.18 0.01
N SER B 149 -12.26 -16.85 1.26
CA SER B 149 -11.87 -17.71 2.38
C SER B 149 -13.02 -18.57 2.90
N LEU B 150 -12.75 -19.85 3.12
CA LEU B 150 -13.78 -20.79 3.57
C LEU B 150 -13.49 -21.41 4.90
N SER B 151 -14.54 -21.63 5.68
CA SER B 151 -14.41 -22.34 6.94
C SER B 151 -14.29 -23.83 6.66
N GLN B 152 -14.13 -24.62 7.72
CA GLN B 152 -14.06 -26.08 7.60
C GLN B 152 -15.35 -26.63 7.00
N GLU B 153 -16.48 -26.06 7.40
CA GLU B 153 -17.78 -26.45 6.90
C GLU B 153 -17.97 -26.06 5.43
N GLY B 154 -17.21 -25.05 4.98
CA GLY B 154 -17.25 -24.62 3.59
C GLY B 154 -18.02 -23.32 3.35
N ARG B 155 -18.33 -22.59 4.41
CA ARG B 155 -19.04 -21.31 4.29
C ARG B 155 -18.06 -20.17 4.05
N SER B 156 -18.53 -19.11 3.38
CA SER B 156 -17.68 -17.98 3.07
C SER B 156 -17.47 -17.07 4.29
N LEU B 157 -16.21 -16.79 4.61
CA LEU B 157 -15.84 -16.05 5.82
C LEU B 157 -15.51 -14.60 5.57
N PRO B 158 -15.82 -13.72 6.55
CA PRO B 158 -15.25 -12.39 6.47
C PRO B 158 -13.71 -12.47 6.38
N VAL B 159 -13.11 -11.55 5.65
CA VAL B 159 -11.72 -11.59 5.34
C VAL B 159 -11.00 -10.48 6.06
N PRO B 160 -9.79 -10.74 6.58
CA PRO B 160 -8.98 -9.67 7.16
C PRO B 160 -8.77 -8.52 6.15
N GLN B 161 -8.97 -7.29 6.59
CA GLN B 161 -8.87 -6.17 5.66
C GLN B 161 -7.44 -5.86 5.28
N LEU B 162 -7.23 -5.48 4.02
CA LEU B 162 -5.92 -5.00 3.60
C LEU B 162 -5.78 -3.52 3.94
N VAL B 163 -4.68 -3.15 4.57
CA VAL B 163 -4.48 -1.73 4.85
C VAL B 163 -3.27 -1.21 4.07
N PRO B 164 -3.56 -0.40 3.05
CA PRO B 164 -2.53 0.19 2.22
C PRO B 164 -1.75 1.24 3.00
N GLU B 165 -0.51 1.47 2.62
CA GLU B 165 0.32 2.42 3.36
C GLU B 165 0.95 3.43 2.41
N THR B 166 1.53 2.97 1.31
CA THR B 166 2.19 3.88 0.37
C THR B 166 1.19 4.53 -0.58
N GLU B 167 1.71 5.37 -1.46
CA GLU B 167 0.91 6.01 -2.50
C GLU B 167 0.27 4.95 -3.38
N ASP B 168 1.13 4.12 -3.96
CA ASP B 168 0.70 3.15 -4.94
C ASP B 168 -0.26 2.14 -4.34
N GLU B 169 -0.07 1.84 -3.06
CA GLU B 169 -0.93 0.88 -2.40
C GLU B 169 -2.35 1.41 -2.27
N LYS B 170 -2.46 2.71 -2.03
CA LYS B 170 -3.77 3.35 -1.98
C LYS B 170 -4.36 3.45 -3.38
N LYS B 171 -3.53 3.78 -4.36
CA LYS B 171 -4.00 3.83 -5.75
C LYS B 171 -4.48 2.46 -6.21
N ARG B 172 -3.66 1.43 -6.02
CA ARG B 172 -4.00 0.06 -6.46
C ARG B 172 -5.23 -0.45 -5.74
N PHE B 173 -5.36 -0.07 -4.47
CA PHE B 173 -6.56 -0.39 -3.70
C PHE B 173 -7.80 0.25 -4.33
N GLU B 174 -7.67 1.51 -4.73
CA GLU B 174 -8.77 2.21 -5.34
C GLU B 174 -9.17 1.52 -6.64
N GLU B 175 -8.19 1.28 -7.51
CA GLU B 175 -8.45 0.63 -8.79
C GLU B 175 -9.13 -0.70 -8.55
N GLY B 176 -8.72 -1.38 -7.48
CA GLY B 176 -9.33 -2.63 -7.09
C GLY B 176 -10.81 -2.50 -6.78
N LYS B 177 -11.13 -1.57 -5.90
CA LYS B 177 -12.51 -1.31 -5.58
C LYS B 177 -13.29 -1.10 -6.90
N GLY B 178 -12.71 -0.34 -7.82
CA GLY B 178 -13.31 -0.12 -9.12
C GLY B 178 -13.63 -1.41 -9.83
N ARG B 179 -12.62 -2.28 -9.96
CA ARG B 179 -12.80 -3.54 -10.69
C ARG B 179 -13.78 -4.43 -9.97
N TYR B 180 -13.85 -4.28 -8.65
CA TYR B 180 -14.73 -5.10 -7.86
C TYR B 180 -16.17 -4.74 -8.16
N LEU B 181 -16.48 -3.44 -8.12
CA LEU B 181 -17.83 -2.94 -8.37
C LEU B 181 -18.36 -3.34 -9.75
N GLN B 182 -17.55 -3.10 -10.78
CA GLN B 182 -17.92 -3.51 -12.13
C GLN B 182 -18.26 -4.99 -12.26
N MET B 183 -17.47 -5.85 -11.62
CA MET B 183 -17.71 -7.28 -11.70
C MET B 183 -19.06 -7.64 -11.09
N LYS B 184 -19.40 -6.98 -9.98
CA LYS B 184 -20.73 -7.16 -9.36
C LYS B 184 -21.84 -6.76 -10.34
N ALA B 185 -21.65 -5.66 -11.07
CA ALA B 185 -22.59 -5.24 -12.09
C ALA B 185 -22.69 -6.23 -13.27
N LYS B 186 -21.57 -6.54 -13.91
CA LYS B 186 -21.61 -7.46 -15.06
C LYS B 186 -22.66 -8.58 -14.87
N ARG B 187 -22.96 -8.94 -13.62
CA ARG B 187 -23.86 -10.07 -13.33
C ARG B 187 -25.18 -9.70 -12.61
N GLN B 188 -25.07 -8.80 -11.62
CA GLN B 188 -26.20 -8.33 -10.80
C GLN B 188 -27.55 -8.62 -11.41
N PRO C 33 21.68 -3.57 -10.36
CA PRO C 33 22.36 -4.71 -9.71
C PRO C 33 23.35 -5.41 -10.66
N GLU C 34 24.64 -5.12 -10.51
CA GLU C 34 25.70 -5.54 -11.45
C GLU C 34 25.82 -7.05 -11.60
N PRO C 35 26.11 -7.54 -12.82
CA PRO C 35 26.29 -8.99 -13.02
C PRO C 35 27.49 -9.51 -12.25
N ASN C 36 27.47 -10.81 -11.90
CA ASN C 36 28.59 -11.44 -11.19
C ASN C 36 28.68 -11.02 -9.72
N THR C 37 27.69 -10.28 -9.25
CA THR C 37 27.57 -9.95 -7.84
C THR C 37 26.52 -10.89 -7.26
N VAL C 38 26.44 -10.99 -5.95
CA VAL C 38 25.49 -11.97 -5.40
C VAL C 38 24.04 -11.52 -5.62
N SER C 39 23.78 -10.22 -5.57
CA SER C 39 22.42 -9.69 -5.79
C SER C 39 21.85 -10.03 -7.16
N TYR C 40 22.75 -10.07 -8.14
CA TYR C 40 22.37 -10.38 -9.51
C TYR C 40 21.67 -11.75 -9.69
N SER C 41 22.12 -12.76 -8.94
CA SER C 41 21.68 -14.14 -9.15
C SER C 41 20.78 -14.62 -8.01
N GLN C 42 20.81 -13.91 -6.89
CA GLN C 42 20.04 -14.29 -5.72
C GLN C 42 18.62 -14.67 -6.13
N SER C 43 18.15 -15.83 -5.68
CA SER C 43 16.89 -16.33 -6.19
C SER C 43 16.14 -17.01 -5.08
N SER C 44 14.82 -17.06 -5.17
CA SER C 44 14.09 -17.70 -4.11
C SER C 44 12.80 -18.28 -4.62
N LEU C 45 12.14 -19.07 -3.79
CA LEU C 45 11.09 -19.92 -4.28
C LEU C 45 10.18 -20.22 -3.12
N ILE C 46 8.90 -20.28 -3.37
CA ILE C 46 7.95 -20.38 -2.30
C ILE C 46 7.06 -21.56 -2.64
N HIS C 47 6.79 -22.42 -1.69
CA HIS C 47 6.06 -23.63 -2.03
C HIS C 47 5.05 -23.95 -0.98
N LEU C 48 3.83 -24.24 -1.41
CA LEU C 48 2.86 -24.59 -0.39
C LEU C 48 2.89 -26.11 -0.21
N VAL C 49 3.36 -26.55 0.96
CA VAL C 49 3.34 -28.00 1.25
C VAL C 49 1.98 -28.63 0.98
N GLY C 50 1.91 -29.50 0.00
CA GLY C 50 0.67 -30.16 -0.39
C GLY C 50 0.63 -31.59 0.09
N PRO C 51 -0.45 -32.32 -0.21
CA PRO C 51 -0.54 -33.62 0.45
C PRO C 51 0.38 -34.69 -0.17
N SER C 52 0.76 -34.49 -1.44
CA SER C 52 1.63 -35.44 -2.11
C SER C 52 3.07 -35.18 -1.76
N ASP C 53 3.30 -34.21 -0.88
CA ASP C 53 4.64 -33.93 -0.43
C ASP C 53 4.94 -34.68 0.86
N CYS C 54 3.94 -35.36 1.36
CA CYS C 54 3.93 -35.75 2.75
C CYS C 54 4.01 -37.21 3.07
N THR C 55 4.62 -37.47 4.22
CA THR C 55 4.75 -38.80 4.76
C THR C 55 3.36 -39.23 5.25
N LEU C 56 3.22 -40.45 5.74
CA LEU C 56 1.89 -40.93 6.15
C LEU C 56 1.44 -40.26 7.45
N HIS C 57 2.41 -39.80 8.21
CA HIS C 57 2.18 -38.87 9.30
C HIS C 57 2.22 -37.48 8.66
N GLY C 58 2.28 -36.44 9.46
CA GLY C 58 2.15 -35.14 8.82
C GLY C 58 3.32 -34.54 8.08
N PHE C 59 4.42 -35.24 7.85
CA PHE C 59 5.66 -34.52 7.58
C PHE C 59 6.18 -34.62 6.17
N VAL C 60 7.04 -33.69 5.78
CA VAL C 60 7.49 -33.61 4.40
C VAL C 60 8.73 -34.47 4.22
N HIS C 61 8.72 -35.36 3.23
CA HIS C 61 9.91 -36.12 2.85
C HIS C 61 11.12 -35.25 2.62
N GLY C 62 12.25 -35.58 3.22
CA GLY C 62 13.48 -34.83 2.96
C GLY C 62 13.78 -34.76 1.47
N GLY C 63 13.30 -35.73 0.71
CA GLY C 63 13.60 -35.76 -0.69
C GLY C 63 12.96 -34.57 -1.39
N VAL C 64 11.71 -34.32 -1.03
CA VAL C 64 11.01 -33.16 -1.52
C VAL C 64 11.73 -31.87 -1.15
N THR C 65 12.08 -31.69 0.11
CA THR C 65 12.85 -30.50 0.43
C THR C 65 14.15 -30.44 -0.39
N MET C 66 14.82 -31.60 -0.57
CA MET C 66 16.16 -31.57 -1.18
C MET C 66 16.02 -31.18 -2.66
N LYS C 67 14.99 -31.71 -3.31
CA LYS C 67 14.72 -31.37 -4.68
C LYS C 67 14.45 -29.86 -4.83
N LEU C 68 13.62 -29.29 -3.95
CA LEU C 68 13.35 -27.86 -4.08
C LEU C 68 14.65 -27.10 -3.90
N MET C 69 15.50 -27.54 -2.97
CA MET C 69 16.72 -26.82 -2.73
C MET C 69 17.60 -26.89 -3.99
N ASP C 70 17.59 -28.01 -4.68
CA ASP C 70 18.46 -28.14 -5.83
C ASP C 70 17.95 -27.25 -6.94
N GLU C 71 16.62 -27.15 -7.08
CA GLU C 71 16.04 -26.31 -8.11
C GLU C 71 16.48 -24.88 -7.94
N VAL C 72 16.43 -24.37 -6.72
CA VAL C 72 16.84 -23.01 -6.47
C VAL C 72 18.31 -22.81 -6.76
N ALA C 73 19.16 -23.66 -6.17
CA ALA C 73 20.59 -23.56 -6.43
C ALA C 73 20.89 -23.57 -7.94
N GLY C 74 20.20 -24.41 -8.68
CA GLY C 74 20.42 -24.48 -10.12
C GLY C 74 20.03 -23.18 -10.84
N ILE C 75 18.96 -22.55 -10.39
CA ILE C 75 18.54 -21.30 -10.98
C ILE C 75 19.59 -20.24 -10.66
N VAL C 76 20.02 -20.16 -9.41
CA VAL C 76 21.08 -19.21 -9.07
C VAL C 76 22.32 -19.44 -9.97
N ALA C 77 22.80 -20.68 -10.03
CA ALA C 77 23.94 -21.04 -10.89
C ALA C 77 23.73 -20.60 -12.32
N ALA C 78 22.58 -20.96 -12.88
CA ALA C 78 22.24 -20.57 -14.25
C ALA C 78 22.31 -19.05 -14.42
N ARG C 79 21.69 -18.29 -13.51
CA ARG C 79 21.68 -16.84 -13.65
C ARG C 79 23.10 -16.31 -13.73
N HIS C 80 23.97 -16.84 -12.88
CA HIS C 80 25.34 -16.37 -12.77
C HIS C 80 26.23 -16.81 -13.94
N CYS C 81 25.97 -17.96 -14.52
CA CYS C 81 26.82 -18.50 -15.58
C CYS C 81 26.31 -18.24 -16.95
N LYS C 82 25.00 -18.08 -17.04
CA LYS C 82 24.31 -17.93 -18.33
C LYS C 82 24.72 -19.11 -19.22
N THR C 83 24.87 -20.28 -18.61
CA THR C 83 25.33 -21.45 -19.33
C THR C 83 24.68 -22.71 -18.80
N ASN C 84 25.03 -23.85 -19.40
CA ASN C 84 24.58 -25.13 -18.90
C ASN C 84 25.32 -25.43 -17.60
N ILE C 85 24.59 -25.93 -16.60
CA ILE C 85 25.18 -26.19 -15.28
C ILE C 85 24.78 -27.57 -14.74
N VAL C 86 25.64 -28.16 -13.93
CA VAL C 86 25.31 -29.41 -13.24
C VAL C 86 25.80 -29.38 -11.82
N THR C 87 25.12 -30.12 -10.95
CA THR C 87 25.53 -30.25 -9.57
C THR C 87 26.79 -31.12 -9.50
N ALA C 88 27.82 -30.62 -8.81
CA ALA C 88 29.04 -31.40 -8.61
C ALA C 88 28.95 -32.07 -7.26
N SER C 89 28.62 -31.31 -6.22
CA SER C 89 28.42 -31.92 -4.92
C SER C 89 27.51 -31.09 -4.07
N VAL C 90 26.84 -31.71 -3.13
CA VAL C 90 26.10 -30.98 -2.13
C VAL C 90 26.74 -31.41 -0.85
N ASP C 91 27.04 -30.45 0.00
CA ASP C 91 27.68 -30.85 1.22
C ASP C 91 27.02 -30.22 2.42
N ALA C 92 26.80 -31.06 3.43
CA ALA C 92 26.18 -30.63 4.68
C ALA C 92 24.74 -30.17 4.45
N ILE C 93 23.85 -31.04 4.05
CA ILE C 93 22.44 -30.74 4.17
C ILE C 93 21.98 -30.98 5.59
N ASN C 94 21.61 -29.93 6.29
CA ASN C 94 21.11 -30.07 7.66
C ASN C 94 19.61 -29.83 7.82
N PHE C 95 18.91 -30.78 8.41
CA PHE C 95 17.51 -30.59 8.67
C PHE C 95 17.35 -30.13 10.10
N HIS C 96 17.14 -28.82 10.29
CA HIS C 96 17.01 -28.25 11.62
C HIS C 96 15.68 -28.51 12.27
N ASP C 97 14.65 -28.78 11.47
CA ASP C 97 13.34 -29.04 12.02
C ASP C 97 12.40 -29.62 11.00
N LYS C 98 11.34 -30.29 11.47
CA LYS C 98 10.36 -30.92 10.61
C LYS C 98 9.48 -29.87 9.93
N ILE C 99 8.87 -30.23 8.81
CA ILE C 99 7.94 -29.36 8.13
C ILE C 99 6.66 -30.14 8.01
N ARG C 100 5.55 -29.63 8.53
CA ARG C 100 4.33 -30.38 8.38
C ARG C 100 3.41 -29.81 7.32
N LYS C 101 2.31 -30.51 7.10
CA LYS C 101 1.28 -30.14 6.17
C LYS C 101 0.80 -28.70 6.43
N GLY C 102 0.66 -27.92 5.36
CA GLY C 102 0.09 -26.59 5.46
C GLY C 102 1.09 -25.58 5.99
N CYS C 103 2.34 -25.73 5.60
CA CYS C 103 3.29 -24.70 5.81
C CYS C 103 3.51 -24.17 4.46
N VAL C 104 4.06 -22.99 4.42
CA VAL C 104 4.57 -22.49 3.17
C VAL C 104 6.03 -22.52 3.46
N ILE C 105 6.81 -23.05 2.53
CA ILE C 105 8.24 -22.98 2.75
C ILE C 105 8.89 -22.06 1.74
N THR C 106 9.80 -21.25 2.23
CA THR C 106 10.57 -20.40 1.38
C THR C 106 11.96 -20.98 1.24
N ILE C 107 12.35 -21.27 0.01
CA ILE C 107 13.69 -21.72 -0.24
C ILE C 107 14.42 -20.61 -0.95
N SER C 108 15.48 -20.08 -0.35
CA SER C 108 16.22 -19.03 -1.00
C SER C 108 17.67 -19.37 -1.14
N GLY C 109 18.27 -18.96 -2.26
CA GLY C 109 19.65 -19.27 -2.51
C GLY C 109 20.40 -18.03 -2.93
N ARG C 110 21.71 -18.06 -2.71
CA ARG C 110 22.59 -16.98 -3.11
C ARG C 110 23.98 -17.55 -3.26
N MET C 111 24.77 -16.95 -4.13
CA MET C 111 26.10 -17.39 -4.39
C MET C 111 26.98 -16.99 -3.23
N THR C 112 27.95 -17.82 -2.86
CA THR C 112 28.83 -17.46 -1.74
C THR C 112 30.29 -17.41 -2.14
N PHE C 113 30.69 -18.30 -3.01
CA PHE C 113 32.09 -18.37 -3.39
C PHE C 113 32.24 -18.98 -4.78
N THR C 114 33.25 -18.54 -5.52
CA THR C 114 33.58 -19.19 -6.78
C THR C 114 35.06 -19.55 -6.77
N SER C 115 35.39 -20.70 -7.36
CA SER C 115 36.77 -21.04 -7.60
C SER C 115 36.94 -20.72 -9.07
N ASN C 116 37.96 -21.29 -9.72
CA ASN C 116 38.11 -21.04 -11.14
C ASN C 116 37.05 -21.76 -11.97
N LYS C 117 36.71 -22.98 -11.58
CA LYS C 117 35.78 -23.77 -12.36
C LYS C 117 34.52 -24.22 -11.62
N SER C 118 34.33 -23.74 -10.40
CA SER C 118 33.17 -24.16 -9.60
C SER C 118 32.50 -23.03 -8.82
N MET C 119 31.22 -23.21 -8.50
CA MET C 119 30.44 -22.20 -7.78
C MET C 119 29.81 -22.76 -6.51
N GLU C 120 29.91 -22.03 -5.42
CA GLU C 120 29.24 -22.46 -4.22
C GLU C 120 28.04 -21.59 -3.93
N ILE C 121 26.90 -22.23 -3.71
CA ILE C 121 25.67 -21.54 -3.46
C ILE C 121 25.05 -22.02 -2.16
N GLU C 122 24.68 -21.08 -1.30
CA GLU C 122 24.06 -21.41 -0.04
C GLU C 122 22.54 -21.40 -0.19
N VAL C 123 21.87 -22.48 0.20
CA VAL C 123 20.43 -22.50 0.15
C VAL C 123 19.89 -22.60 1.54
N LEU C 124 18.90 -21.78 1.87
CA LEU C 124 18.27 -21.81 3.19
C LEU C 124 16.78 -22.05 3.01
N VAL C 125 16.16 -22.84 3.88
CA VAL C 125 14.74 -23.12 3.78
C VAL C 125 14.09 -22.70 5.07
N ASP C 126 13.09 -21.83 4.97
CA ASP C 126 12.31 -21.38 6.13
C ASP C 126 10.86 -21.83 6.00
N ALA C 127 10.16 -21.91 7.12
CA ALA C 127 8.77 -22.36 7.05
C ALA C 127 7.81 -21.48 7.85
N ASP C 128 6.70 -21.06 7.22
CA ASP C 128 5.64 -20.36 7.93
C ASP C 128 4.46 -21.28 8.03
N PRO C 129 3.92 -21.44 9.23
CA PRO C 129 2.58 -22.03 9.29
C PRO C 129 1.53 -21.09 8.64
N VAL C 130 0.50 -21.70 8.08
CA VAL C 130 -0.50 -21.02 7.26
C VAL C 130 -1.88 -21.38 7.79
N VAL C 131 -1.86 -21.89 9.02
CA VAL C 131 -3.03 -22.30 9.73
C VAL C 131 -2.98 -21.51 11.05
N ASP C 132 -3.84 -21.83 12.02
CA ASP C 132 -3.83 -21.06 13.28
C ASP C 132 -2.42 -21.11 13.88
N SER C 133 -1.82 -19.93 14.06
CA SER C 133 -0.40 -19.83 14.41
C SER C 133 -0.17 -19.91 15.92
N GLN C 135 3.68 -21.02 17.31
CA GLN C 135 4.47 -21.42 16.13
C GLN C 135 4.57 -20.33 15.06
N LYS C 136 5.70 -19.63 15.07
CA LYS C 136 6.00 -18.64 14.05
C LYS C 136 6.98 -19.22 13.03
N ARG C 137 7.47 -18.37 12.15
CA ARG C 137 8.41 -18.74 11.11
C ARG C 137 9.73 -19.25 11.68
N TYR C 138 10.24 -20.34 11.11
CA TYR C 138 11.48 -20.95 11.60
C TYR C 138 12.38 -21.47 10.49
N ARG C 139 13.66 -21.62 10.81
CA ARG C 139 14.63 -22.20 9.88
C ARG C 139 14.50 -23.73 9.86
N ALA C 140 14.37 -24.32 8.68
CA ALA C 140 14.01 -25.71 8.60
C ALA C 140 15.18 -26.49 8.04
N ALA C 141 15.89 -25.94 7.05
CA ALA C 141 17.02 -26.66 6.48
C ALA C 141 18.04 -25.73 5.89
N SER C 142 19.18 -26.27 5.45
CA SER C 142 20.22 -25.46 4.85
C SER C 142 21.25 -26.34 4.22
N ALA C 143 22.00 -25.83 3.26
CA ALA C 143 23.00 -26.62 2.57
C ALA C 143 23.94 -25.76 1.72
N PHE C 144 25.09 -26.28 1.37
CA PHE C 144 25.93 -25.63 0.38
C PHE C 144 26.02 -26.47 -0.89
N PHE C 145 25.38 -26.03 -1.96
CA PHE C 145 25.51 -26.70 -3.24
C PHE C 145 26.74 -26.20 -4.03
N THR C 146 27.32 -27.10 -4.80
CA THR C 146 28.48 -26.80 -5.62
C THR C 146 28.16 -27.17 -7.06
N TYR C 147 28.20 -26.17 -7.91
CA TYR C 147 27.85 -26.37 -9.29
C TYR C 147 29.02 -26.17 -10.21
N VAL C 148 28.92 -26.75 -11.39
CA VAL C 148 29.95 -26.63 -12.39
C VAL C 148 29.32 -26.24 -13.72
N SER C 149 30.01 -25.44 -14.51
CA SER C 149 29.50 -24.97 -15.80
C SER C 149 30.04 -25.80 -16.96
N LEU C 150 29.15 -26.26 -17.82
CA LEU C 150 29.52 -27.11 -18.95
C LEU C 150 29.23 -26.48 -20.31
N SER C 151 30.15 -26.68 -21.27
CA SER C 151 29.94 -26.28 -22.65
C SER C 151 28.96 -27.21 -23.34
N GLN C 152 28.62 -26.89 -24.59
CA GLN C 152 27.72 -27.73 -25.38
C GLN C 152 28.30 -29.13 -25.57
N GLU C 153 29.62 -29.20 -25.78
CA GLU C 153 30.31 -30.49 -25.88
C GLU C 153 30.35 -31.26 -24.54
N GLY C 154 30.17 -30.55 -23.42
CA GLY C 154 30.17 -31.17 -22.09
C GLY C 154 31.46 -31.02 -21.29
N ARG C 155 32.35 -30.13 -21.72
CA ARG C 155 33.62 -29.89 -21.02
C ARG C 155 33.41 -28.85 -19.91
N SER C 156 34.22 -28.93 -18.86
CA SER C 156 34.10 -27.99 -17.74
C SER C 156 34.74 -26.63 -18.05
N LEU C 157 33.97 -25.56 -17.87
CA LEU C 157 34.36 -24.20 -18.27
C LEU C 157 34.88 -23.35 -17.12
N PRO C 158 35.80 -22.42 -17.42
CA PRO C 158 36.04 -21.39 -16.42
C PRO C 158 34.73 -20.64 -16.10
N VAL C 159 34.59 -20.21 -14.86
CA VAL C 159 33.38 -19.64 -14.33
C VAL C 159 33.53 -18.14 -14.05
N PRO C 160 32.52 -17.34 -14.39
CA PRO C 160 32.57 -15.93 -14.02
C PRO C 160 32.81 -15.76 -12.52
N GLN C 161 33.80 -14.96 -12.15
CA GLN C 161 34.11 -14.78 -10.73
C GLN C 161 33.03 -14.02 -9.98
N LEU C 162 32.81 -14.39 -8.72
CA LEU C 162 31.89 -13.67 -7.86
C LEU C 162 32.63 -12.54 -7.20
N VAL C 163 32.10 -11.34 -7.29
CA VAL C 163 32.72 -10.21 -6.59
C VAL C 163 31.85 -9.76 -5.41
N PRO C 164 32.33 -10.03 -4.19
CA PRO C 164 31.64 -9.62 -2.96
C PRO C 164 31.74 -8.10 -2.80
N GLU C 165 30.77 -7.51 -2.11
CA GLU C 165 30.77 -6.07 -1.93
C GLU C 165 30.61 -5.67 -0.46
N THR C 166 29.65 -6.27 0.23
CA THR C 166 29.43 -5.98 1.64
C THR C 166 30.39 -6.74 2.56
N GLU C 167 30.23 -6.51 3.86
CA GLU C 167 31.04 -7.15 4.88
C GLU C 167 30.82 -8.64 4.81
N ASP C 168 29.56 -9.01 4.91
CA ASP C 168 29.16 -10.41 5.01
C ASP C 168 29.53 -11.16 3.75
N GLU C 169 29.47 -10.48 2.61
CA GLU C 169 29.77 -11.10 1.34
C GLU C 169 31.23 -11.47 1.27
N LYS C 170 32.08 -10.64 1.84
CA LYS C 170 33.49 -10.97 1.95
C LYS C 170 33.75 -12.08 2.97
N LYS C 171 33.02 -12.05 4.09
CA LYS C 171 33.15 -13.10 5.08
C LYS C 171 32.67 -14.44 4.51
N ARG C 172 31.47 -14.47 3.95
CA ARG C 172 30.94 -15.70 3.36
C ARG C 172 31.82 -16.24 2.24
N PHE C 173 32.41 -15.34 1.47
CA PHE C 173 33.33 -15.76 0.42
C PHE C 173 34.55 -16.45 1.03
N GLU C 174 35.05 -15.88 2.12
CA GLU C 174 36.20 -16.43 2.80
C GLU C 174 35.89 -17.84 3.30
N GLU C 175 34.80 -17.96 4.04
CA GLU C 175 34.37 -19.25 4.58
C GLU C 175 34.21 -20.27 3.46
N GLY C 176 33.74 -19.79 2.31
CA GLY C 176 33.62 -20.60 1.12
C GLY C 176 34.95 -21.13 0.62
N LYS C 177 35.94 -20.24 0.49
CA LYS C 177 37.27 -20.66 0.11
C LYS C 177 37.74 -21.78 1.06
N GLY C 178 37.50 -21.57 2.35
CA GLY C 178 37.82 -22.57 3.38
C GLY C 178 37.19 -23.91 3.08
N ARG C 179 35.88 -23.94 2.94
CA ARG C 179 35.16 -25.19 2.65
C ARG C 179 35.61 -25.83 1.34
N TYR C 180 35.95 -25.03 0.36
CA TYR C 180 36.45 -25.52 -0.92
C TYR C 180 37.79 -26.27 -0.75
N LEU C 181 38.73 -25.65 -0.03
CA LEU C 181 40.04 -26.25 0.17
C LEU C 181 39.91 -27.59 0.89
N GLN C 182 39.16 -27.63 1.97
CA GLN C 182 38.99 -28.87 2.71
C GLN C 182 38.44 -29.99 1.86
N MET C 183 37.43 -29.69 1.05
CA MET C 183 36.85 -30.70 0.18
C MET C 183 37.86 -31.27 -0.80
N LYS C 184 38.76 -30.44 -1.32
CA LYS C 184 39.82 -30.92 -2.19
C LYS C 184 40.77 -31.86 -1.44
N ALA C 185 41.03 -31.56 -0.17
CA ALA C 185 41.82 -32.42 0.67
C ALA C 185 41.11 -33.73 0.98
N LYS C 186 39.97 -33.65 1.64
CA LYS C 186 39.20 -34.84 1.98
C LYS C 186 39.25 -35.81 0.83
N ARG C 187 38.83 -35.33 -0.34
CA ARG C 187 38.77 -36.13 -1.55
C ARG C 187 40.16 -36.31 -2.19
N GLN C 188 41.18 -36.65 -1.41
CA GLN C 188 42.55 -36.72 -1.96
C GLN C 188 43.53 -37.74 -1.36
N GLY C 189 43.44 -38.05 -0.06
CA GLY C 189 44.35 -39.08 0.52
C GLY C 189 45.15 -38.73 1.79
N HIS C 190 46.49 -38.75 1.71
CA HIS C 190 47.36 -38.24 2.79
C HIS C 190 48.85 -38.47 2.48
N PRO D 33 28.18 -61.37 -14.88
CA PRO D 33 26.81 -61.77 -15.28
C PRO D 33 26.61 -61.69 -16.80
N GLU D 34 26.62 -62.82 -17.48
CA GLU D 34 26.60 -62.87 -18.94
C GLU D 34 25.35 -62.26 -19.57
N PRO D 35 25.50 -61.54 -20.69
CA PRO D 35 24.35 -61.01 -21.40
C PRO D 35 23.38 -62.09 -21.87
N ASN D 36 22.11 -61.74 -22.02
CA ASN D 36 21.12 -62.67 -22.54
C ASN D 36 20.71 -63.75 -21.54
N THR D 37 21.16 -63.62 -20.31
CA THR D 37 20.73 -64.54 -19.27
C THR D 37 19.73 -63.83 -18.38
N VAL D 38 18.95 -64.57 -17.59
CA VAL D 38 17.92 -63.89 -16.79
C VAL D 38 18.53 -62.99 -15.76
N SER D 39 19.66 -63.38 -15.18
CA SER D 39 20.30 -62.59 -14.13
C SER D 39 20.71 -61.23 -14.64
N TYR D 40 20.96 -61.14 -15.94
CA TYR D 40 21.51 -59.93 -16.53
C TYR D 40 20.51 -58.78 -16.51
N SER D 41 19.24 -59.12 -16.66
CA SER D 41 18.19 -58.12 -16.77
C SER D 41 17.31 -58.07 -15.53
N GLN D 42 17.34 -59.12 -14.72
CA GLN D 42 16.53 -59.18 -13.51
C GLN D 42 16.54 -57.85 -12.82
N SER D 43 15.36 -57.30 -12.54
CA SER D 43 15.28 -55.96 -11.95
C SER D 43 14.22 -55.89 -10.90
N SER D 44 14.37 -55.00 -9.92
CA SER D 44 13.32 -54.85 -8.92
C SER D 44 13.21 -53.43 -8.36
N LEU D 45 12.17 -53.18 -7.59
CA LEU D 45 11.77 -51.87 -7.29
C LEU D 45 11.05 -51.89 -5.97
N ILE D 46 11.25 -50.87 -5.18
CA ILE D 46 10.71 -50.86 -3.85
C ILE D 46 9.94 -49.53 -3.72
N HIS D 47 8.79 -49.54 -3.08
CA HIS D 47 7.94 -48.40 -3.11
C HIS D 47 7.22 -48.31 -1.79
N LEU D 48 7.25 -47.13 -1.19
CA LEU D 48 6.55 -46.97 0.07
C LEU D 48 5.17 -46.47 -0.23
N VAL D 49 4.14 -47.24 0.07
CA VAL D 49 2.77 -46.86 -0.19
C VAL D 49 2.44 -45.57 0.53
N GLY D 50 2.15 -44.52 -0.21
CA GLY D 50 1.93 -43.21 0.37
C GLY D 50 0.48 -42.86 0.24
N PRO D 51 0.11 -41.67 0.66
CA PRO D 51 -1.34 -41.47 0.75
C PRO D 51 -1.97 -41.24 -0.64
N SER D 52 -1.22 -40.69 -1.56
CA SER D 52 -1.78 -40.45 -2.87
C SER D 52 -1.93 -41.75 -3.65
N ASP D 53 -1.56 -42.88 -3.04
CA ASP D 53 -1.67 -44.18 -3.72
C ASP D 53 -2.97 -44.84 -3.33
N CYS D 54 -3.68 -44.20 -2.44
CA CYS D 54 -4.75 -44.93 -1.79
C CYS D 54 -6.17 -44.52 -2.03
N THR D 55 -7.05 -45.51 -1.86
CA THR D 55 -8.45 -45.37 -2.02
C THR D 55 -8.93 -44.62 -0.78
N LEU D 56 -10.22 -44.30 -0.72
CA LEU D 56 -10.72 -43.52 0.40
C LEU D 56 -10.69 -44.36 1.69
N HIS D 57 -10.75 -45.67 1.52
CA HIS D 57 -10.51 -46.60 2.62
C HIS D 57 -9.00 -46.82 2.60
N GLY D 58 -8.49 -47.79 3.30
CA GLY D 58 -7.04 -47.86 3.38
C GLY D 58 -6.23 -48.45 2.23
N PHE D 59 -6.83 -48.74 1.08
CA PHE D 59 -6.15 -49.65 0.10
C PHE D 59 -5.61 -49.03 -1.19
N VAL D 60 -4.58 -49.65 -1.75
CA VAL D 60 -3.97 -49.17 -2.96
C VAL D 60 -4.79 -49.52 -4.20
N HIS D 61 -5.14 -48.52 -5.01
CA HIS D 61 -5.70 -48.74 -6.34
C HIS D 61 -4.92 -49.77 -7.18
N GLY D 62 -5.65 -50.65 -7.85
CA GLY D 62 -5.06 -51.60 -8.76
C GLY D 62 -4.22 -50.90 -9.79
N GLY D 63 -4.65 -49.72 -10.18
CA GLY D 63 -3.98 -49.00 -11.26
C GLY D 63 -2.59 -48.58 -10.87
N VAL D 64 -2.43 -48.20 -9.61
CA VAL D 64 -1.10 -47.91 -9.07
C VAL D 64 -0.25 -49.14 -9.14
N THR D 65 -0.72 -50.24 -8.56
CA THR D 65 0.07 -51.47 -8.62
C THR D 65 0.40 -51.82 -10.07
N MET D 66 -0.58 -51.75 -10.96
CA MET D 66 -0.35 -52.12 -12.34
C MET D 66 0.72 -51.25 -12.99
N LYS D 67 0.65 -49.95 -12.74
CA LYS D 67 1.65 -49.06 -13.28
C LYS D 67 3.07 -49.39 -12.80
N LEU D 68 3.23 -49.64 -11.51
CA LEU D 68 4.56 -50.03 -11.00
C LEU D 68 5.04 -51.35 -11.65
N MET D 69 4.13 -52.30 -11.87
CA MET D 69 4.49 -53.55 -12.48
C MET D 69 4.98 -53.32 -13.89
N ASP D 70 4.34 -52.43 -14.63
CA ASP D 70 4.74 -52.19 -16.00
C ASP D 70 6.08 -51.46 -16.04
N GLU D 71 6.32 -50.57 -15.09
CA GLU D 71 7.62 -49.93 -15.03
C GLU D 71 8.76 -50.92 -14.88
N VAL D 72 8.63 -51.88 -13.96
CA VAL D 72 9.66 -52.88 -13.81
C VAL D 72 9.80 -53.76 -15.07
N ALA D 73 8.69 -54.24 -15.57
CA ALA D 73 8.79 -55.10 -16.73
C ALA D 73 9.54 -54.38 -17.83
N GLY D 74 9.25 -53.09 -18.01
CA GLY D 74 9.83 -52.36 -19.13
C GLY D 74 11.31 -52.21 -18.91
N ILE D 75 11.71 -52.00 -17.64
CA ILE D 75 13.12 -51.86 -17.31
C ILE D 75 13.80 -53.19 -17.65
N VAL D 76 13.21 -54.29 -17.18
CA VAL D 76 13.74 -55.61 -17.58
C VAL D 76 13.91 -55.69 -19.10
N ALA D 77 12.83 -55.46 -19.84
CA ALA D 77 12.87 -55.51 -21.28
C ALA D 77 13.98 -54.63 -21.86
N ALA D 78 14.05 -53.39 -21.41
CA ALA D 78 15.08 -52.50 -21.90
C ALA D 78 16.49 -53.04 -21.66
N ARG D 79 16.76 -53.57 -20.45
CA ARG D 79 18.09 -54.09 -20.14
C ARG D 79 18.45 -55.22 -21.10
N HIS D 80 17.47 -56.08 -21.38
CA HIS D 80 17.71 -57.23 -22.23
C HIS D 80 17.88 -56.86 -23.72
N CYS D 81 17.16 -55.84 -24.19
CA CYS D 81 17.11 -55.52 -25.62
C CYS D 81 18.08 -54.43 -26.00
N LYS D 82 18.40 -53.60 -25.02
CA LYS D 82 19.18 -52.40 -25.24
C LYS D 82 18.58 -51.60 -26.40
N THR D 83 17.26 -51.59 -26.47
CA THR D 83 16.55 -50.94 -27.55
C THR D 83 15.25 -50.29 -27.07
N ASN D 84 14.53 -49.66 -27.99
CA ASN D 84 13.21 -49.17 -27.66
C ASN D 84 12.26 -50.36 -27.52
N ILE D 85 11.39 -50.34 -26.52
CA ILE D 85 10.48 -51.44 -26.26
C ILE D 85 9.08 -50.95 -26.00
N VAL D 86 8.07 -51.75 -26.35
CA VAL D 86 6.68 -51.43 -25.98
C VAL D 86 5.96 -52.65 -25.47
N THR D 87 4.94 -52.44 -24.63
CA THR D 87 4.13 -53.53 -24.13
C THR D 87 3.25 -54.02 -25.24
N ALA D 88 3.18 -55.32 -25.46
CA ALA D 88 2.28 -55.88 -26.49
C ALA D 88 1.03 -56.41 -25.83
N SER D 89 1.20 -57.10 -24.71
CA SER D 89 0.08 -57.57 -23.92
C SER D 89 0.52 -57.85 -22.49
N VAL D 90 -0.44 -57.84 -21.59
CA VAL D 90 -0.20 -58.27 -20.26
C VAL D 90 -1.26 -59.29 -20.09
N ASP D 91 -0.89 -60.45 -19.58
CA ASP D 91 -1.91 -61.44 -19.40
C ASP D 91 -1.90 -62.02 -18.00
N ALA D 92 -3.11 -62.20 -17.47
CA ALA D 92 -3.30 -62.75 -16.14
C ALA D 92 -2.70 -61.84 -15.07
N ILE D 93 -3.29 -60.67 -14.85
CA ILE D 93 -2.91 -59.91 -13.66
C ILE D 93 -3.78 -60.36 -12.52
N ASN D 94 -3.16 -60.95 -11.50
CA ASN D 94 -3.90 -61.47 -10.34
C ASN D 94 -3.58 -60.70 -9.09
N PHE D 95 -4.62 -60.22 -8.42
CA PHE D 95 -4.44 -59.57 -7.16
C PHE D 95 -4.71 -60.53 -6.00
N HIS D 96 -3.66 -61.06 -5.39
CA HIS D 96 -3.82 -62.11 -4.39
C HIS D 96 -4.26 -61.54 -3.07
N ASP D 97 -4.01 -60.26 -2.86
CA ASP D 97 -4.34 -59.66 -1.59
C ASP D 97 -4.21 -58.15 -1.63
N LYS D 98 -4.94 -57.49 -0.73
CA LYS D 98 -4.97 -56.04 -0.65
C LYS D 98 -3.65 -55.48 -0.14
N ILE D 99 -3.35 -54.24 -0.51
CA ILE D 99 -2.20 -53.58 0.04
C ILE D 99 -2.66 -52.31 0.78
N ARG D 100 -2.32 -52.20 2.07
CA ARG D 100 -2.76 -51.07 2.86
C ARG D 100 -1.70 -49.99 3.07
N LYS D 101 -2.15 -48.78 3.35
CA LYS D 101 -1.27 -47.67 3.68
C LYS D 101 -0.11 -48.11 4.58
N GLY D 102 1.10 -47.66 4.24
CA GLY D 102 2.29 -47.93 5.04
C GLY D 102 2.88 -49.33 4.86
N CYS D 103 2.70 -49.92 3.71
CA CYS D 103 3.42 -51.11 3.40
C CYS D 103 4.55 -50.64 2.55
N VAL D 104 5.60 -51.44 2.46
CA VAL D 104 6.59 -51.25 1.45
C VAL D 104 6.29 -52.36 0.52
N ILE D 105 6.21 -52.10 -0.79
CA ILE D 105 5.95 -53.19 -1.69
C ILE D 105 7.19 -53.30 -2.54
N THR D 106 7.56 -54.53 -2.87
CA THR D 106 8.71 -54.82 -3.68
C THR D 106 8.15 -55.43 -4.95
N ILE D 107 8.51 -54.87 -6.10
CA ILE D 107 8.00 -55.37 -7.35
C ILE D 107 9.25 -55.82 -8.02
N SER D 108 9.31 -57.08 -8.42
CA SER D 108 10.51 -57.59 -9.04
C SER D 108 10.12 -58.32 -10.24
N GLY D 109 10.99 -58.27 -11.23
CA GLY D 109 10.67 -58.83 -12.51
C GLY D 109 11.87 -59.55 -13.06
N ARG D 110 11.60 -60.52 -13.92
CA ARG D 110 12.65 -61.30 -14.54
C ARG D 110 12.13 -61.91 -15.80
N MET D 111 13.00 -62.05 -16.78
CA MET D 111 12.63 -62.59 -18.07
C MET D 111 12.37 -64.09 -17.92
N THR D 112 11.37 -64.60 -18.62
CA THR D 112 11.07 -66.02 -18.54
C THR D 112 11.23 -66.71 -19.86
N PHE D 113 10.81 -66.07 -20.94
CA PHE D 113 10.81 -66.74 -22.25
C PHE D 113 10.96 -65.69 -23.34
N THR D 114 11.55 -66.08 -24.46
CA THR D 114 11.60 -65.21 -25.63
C THR D 114 11.14 -66.00 -26.83
N SER D 115 10.35 -65.40 -27.70
CA SER D 115 10.10 -65.98 -29.02
C SER D 115 11.07 -65.27 -29.95
N ASN D 116 10.82 -65.30 -31.25
CA ASN D 116 11.72 -64.60 -32.15
C ASN D 116 11.61 -63.09 -32.02
N LYS D 117 10.40 -62.59 -31.85
CA LYS D 117 10.18 -61.14 -31.83
C LYS D 117 9.53 -60.60 -30.58
N SER D 118 9.42 -61.43 -29.54
CA SER D 118 8.73 -61.02 -28.32
C SER D 118 9.37 -61.57 -27.05
N MET D 119 9.22 -60.86 -25.94
CA MET D 119 9.81 -61.23 -24.65
C MET D 119 8.74 -61.35 -23.58
N GLU D 120 8.76 -62.42 -22.79
CA GLU D 120 7.84 -62.56 -21.68
C GLU D 120 8.58 -62.31 -20.40
N ILE D 121 8.03 -61.43 -19.56
CA ILE D 121 8.62 -61.07 -18.29
C ILE D 121 7.62 -61.29 -17.18
N GLU D 122 8.06 -61.97 -16.11
CA GLU D 122 7.20 -62.25 -14.97
C GLU D 122 7.41 -61.21 -13.91
N VAL D 123 6.33 -60.61 -13.44
CA VAL D 123 6.47 -59.61 -12.41
C VAL D 123 5.73 -60.08 -11.19
N LEU D 124 6.37 -59.94 -10.02
CA LEU D 124 5.79 -60.36 -8.76
C LEU D 124 5.77 -59.18 -7.81
N VAL D 125 4.68 -59.00 -7.06
CA VAL D 125 4.65 -57.94 -6.07
C VAL D 125 4.50 -58.51 -4.67
N ASP D 126 5.40 -58.15 -3.76
CA ASP D 126 5.29 -58.59 -2.37
C ASP D 126 5.15 -57.41 -1.47
N ALA D 127 4.61 -57.60 -0.28
CA ALA D 127 4.33 -56.48 0.61
C ALA D 127 4.82 -56.73 2.02
N ASP D 128 5.60 -55.80 2.58
CA ASP D 128 5.94 -55.83 4.01
C ASP D 128 5.18 -54.73 4.71
N PRO D 129 4.49 -55.07 5.82
CA PRO D 129 4.07 -53.99 6.73
C PRO D 129 5.28 -53.36 7.42
N VAL D 130 5.12 -52.17 7.99
CA VAL D 130 6.27 -51.45 8.56
C VAL D 130 5.98 -50.89 9.96
N VAL D 131 5.06 -51.55 10.68
CA VAL D 131 4.68 -51.10 12.02
C VAL D 131 4.47 -52.27 13.00
N ASP D 132 4.09 -53.43 12.48
CA ASP D 132 3.69 -54.54 13.35
C ASP D 132 3.65 -55.87 12.60
N SER D 133 4.26 -56.89 13.19
CA SER D 133 4.30 -58.22 12.58
C SER D 133 3.12 -59.13 12.95
N SER D 134 1.93 -58.55 13.13
CA SER D 134 0.69 -59.32 13.32
C SER D 134 0.64 -60.47 12.32
N GLN D 135 1.03 -60.14 11.09
CA GLN D 135 1.58 -61.10 10.15
C GLN D 135 2.72 -60.38 9.44
N LYS D 136 3.46 -61.12 8.63
CA LYS D 136 4.61 -60.58 7.93
C LYS D 136 4.37 -60.60 6.44
N ARG D 137 5.48 -60.57 5.71
CA ARG D 137 5.53 -60.42 4.26
C ARG D 137 4.67 -61.39 3.45
N TYR D 138 3.97 -60.89 2.43
CA TYR D 138 3.06 -61.70 1.65
C TYR D 138 3.05 -61.32 0.19
N ARG D 139 2.62 -62.26 -0.64
CA ARG D 139 2.51 -62.05 -2.09
C ARG D 139 1.21 -61.32 -2.45
N ALA D 140 1.32 -60.19 -3.14
CA ALA D 140 0.15 -59.32 -3.34
C ALA D 140 -0.38 -59.38 -4.72
N ALA D 141 0.50 -59.51 -5.69
CA ALA D 141 0.06 -59.57 -7.08
C ALA D 141 1.11 -60.22 -7.99
N SER D 142 0.70 -60.56 -9.20
CA SER D 142 1.60 -61.19 -10.16
C SER D 142 1.08 -61.03 -11.58
N ALA D 143 1.98 -61.06 -12.56
CA ALA D 143 1.53 -60.99 -13.95
C ALA D 143 2.59 -61.44 -14.92
N PHE D 144 2.19 -61.82 -16.12
CA PHE D 144 3.14 -61.99 -17.20
C PHE D 144 3.01 -60.88 -18.24
N PHE D 145 4.06 -60.04 -18.34
CA PHE D 145 4.11 -59.01 -19.35
C PHE D 145 4.73 -59.51 -20.68
N THR D 146 4.22 -59.08 -21.81
CA THR D 146 4.86 -59.40 -23.05
C THR D 146 5.26 -58.11 -23.77
N TYR D 147 6.55 -57.98 -24.02
CA TYR D 147 7.07 -56.81 -24.69
C TYR D 147 7.57 -57.10 -26.09
N VAL D 148 7.76 -56.06 -26.88
CA VAL D 148 8.23 -56.17 -28.23
C VAL D 148 9.27 -55.07 -28.45
N SER D 149 10.27 -55.33 -29.29
CA SER D 149 11.34 -54.37 -29.54
C SER D 149 11.19 -53.66 -30.89
N LEU D 150 11.37 -52.34 -30.87
CA LEU D 150 11.19 -51.53 -32.07
C LEU D 150 12.44 -50.77 -32.51
N SER D 151 12.63 -50.67 -33.82
CA SER D 151 13.73 -49.88 -34.37
C SER D 151 13.38 -48.40 -34.33
N GLN D 152 14.31 -47.55 -34.74
CA GLN D 152 14.08 -46.12 -34.76
C GLN D 152 12.92 -45.77 -35.69
N GLU D 153 12.82 -46.49 -36.82
CA GLU D 153 11.72 -46.29 -37.77
C GLU D 153 10.39 -46.80 -37.23
N GLY D 154 10.44 -47.70 -36.25
CA GLY D 154 9.24 -48.23 -35.60
C GLY D 154 8.83 -49.63 -36.03
N ARG D 155 9.72 -50.34 -36.70
CA ARG D 155 9.46 -51.72 -37.14
C ARG D 155 9.81 -52.72 -36.04
N SER D 156 9.13 -53.86 -36.04
CA SER D 156 9.35 -54.88 -35.01
C SER D 156 10.61 -55.69 -35.29
N LEU D 157 11.49 -55.75 -34.29
CA LEU D 157 12.84 -56.32 -34.43
C LEU D 157 12.97 -57.72 -33.87
N PRO D 158 13.83 -58.54 -34.51
CA PRO D 158 14.22 -59.77 -33.84
C PRO D 158 14.84 -59.45 -32.48
N VAL D 159 14.58 -60.32 -31.52
CA VAL D 159 14.92 -60.09 -30.13
C VAL D 159 16.04 -61.01 -29.67
N PRO D 160 17.02 -60.48 -28.93
CA PRO D 160 18.07 -61.35 -28.39
C PRO D 160 17.46 -62.53 -27.63
N GLN D 161 17.92 -63.75 -27.91
CA GLN D 161 17.35 -64.92 -27.25
C GLN D 161 17.73 -65.03 -25.77
N LEU D 162 16.78 -65.50 -24.95
CA LEU D 162 17.07 -65.75 -23.54
C LEU D 162 17.67 -67.13 -23.42
N VAL D 163 18.77 -67.24 -22.69
CA VAL D 163 19.34 -68.56 -22.48
C VAL D 163 19.24 -68.93 -21.02
N PRO D 164 18.36 -69.88 -20.71
CA PRO D 164 18.17 -70.37 -19.35
C PRO D 164 19.39 -71.21 -18.94
N GLU D 165 19.66 -71.25 -17.64
CA GLU D 165 20.82 -71.96 -17.13
C GLU D 165 20.47 -72.93 -16.01
N THR D 166 19.67 -72.50 -15.05
CA THR D 166 19.28 -73.38 -13.95
C THR D 166 18.07 -74.23 -14.31
N GLU D 167 17.67 -75.09 -13.36
CA GLU D 167 16.54 -75.98 -13.54
C GLU D 167 15.30 -75.14 -13.80
N ASP D 168 15.03 -74.22 -12.86
CA ASP D 168 13.80 -73.41 -12.89
C ASP D 168 13.71 -72.52 -14.11
N GLU D 169 14.84 -71.97 -14.52
CA GLU D 169 14.89 -71.19 -15.74
C GLU D 169 14.49 -71.97 -16.98
N LYS D 170 14.86 -73.24 -17.04
CA LYS D 170 14.43 -74.10 -18.16
C LYS D 170 12.95 -74.44 -18.02
N LYS D 171 12.51 -74.67 -16.79
CA LYS D 171 11.09 -74.94 -16.55
C LYS D 171 10.25 -73.71 -16.90
N ARG D 172 10.62 -72.55 -16.35
CA ARG D 172 9.86 -71.33 -16.61
C ARG D 172 9.87 -71.01 -18.10
N PHE D 173 10.98 -71.25 -18.76
CA PHE D 173 11.05 -71.03 -20.19
C PHE D 173 10.05 -71.91 -20.92
N GLU D 174 9.95 -73.16 -20.50
CA GLU D 174 9.03 -74.12 -21.11
C GLU D 174 7.60 -73.65 -20.95
N GLU D 175 7.25 -73.32 -19.70
CA GLU D 175 5.93 -72.84 -19.39
C GLU D 175 5.62 -71.63 -20.24
N GLY D 176 6.62 -70.75 -20.40
CA GLY D 176 6.53 -69.59 -21.28
C GLY D 176 6.16 -69.96 -22.72
N LYS D 177 6.90 -70.89 -23.28
CA LYS D 177 6.61 -71.33 -24.63
C LYS D 177 5.16 -71.79 -24.70
N GLY D 178 4.71 -72.48 -23.65
CA GLY D 178 3.31 -72.92 -23.55
C GLY D 178 2.33 -71.76 -23.62
N ARG D 179 2.51 -70.79 -22.74
CA ARG D 179 1.63 -69.63 -22.70
C ARG D 179 1.69 -68.86 -24.01
N TYR D 180 2.83 -68.91 -24.68
CA TYR D 180 3.03 -68.18 -25.92
C TYR D 180 2.16 -68.77 -27.01
N LEU D 181 2.23 -70.08 -27.13
CA LEU D 181 1.49 -70.79 -28.16
C LEU D 181 -0.01 -70.62 -28.00
N GLN D 182 -0.52 -70.79 -26.79
CA GLN D 182 -1.94 -70.60 -26.55
C GLN D 182 -2.44 -69.21 -26.94
N MET D 183 -1.69 -68.18 -26.58
CA MET D 183 -2.06 -66.81 -26.93
C MET D 183 -2.17 -66.61 -28.44
N LYS D 184 -1.24 -67.19 -29.19
CA LYS D 184 -1.36 -67.18 -30.65
C LYS D 184 -2.66 -67.85 -31.12
N ALA D 185 -3.04 -68.95 -30.48
CA ALA D 185 -4.30 -69.61 -30.79
C ALA D 185 -5.49 -68.75 -30.36
N ASN E 32 -28.10 -59.25 -2.55
CA ASN E 32 -29.59 -59.02 -2.59
C ASN E 32 -30.08 -57.53 -2.69
N PRO E 33 -29.30 -56.67 -3.38
CA PRO E 33 -29.79 -55.32 -3.64
C PRO E 33 -30.45 -55.24 -5.01
N GLU E 34 -30.60 -54.04 -5.56
CA GLU E 34 -31.40 -53.80 -6.77
C GLU E 34 -30.57 -53.85 -8.05
N PRO E 35 -31.09 -54.55 -9.08
CA PRO E 35 -30.39 -54.76 -10.35
C PRO E 35 -30.18 -53.47 -11.13
N ASN E 36 -29.32 -53.49 -12.13
CA ASN E 36 -29.12 -52.30 -12.99
C ASN E 36 -28.68 -52.55 -14.42
N THR E 37 -28.64 -51.51 -15.23
CA THR E 37 -28.47 -51.69 -16.66
C THR E 37 -27.07 -51.26 -17.06
N VAL E 38 -26.59 -51.62 -18.23
CA VAL E 38 -25.25 -51.17 -18.59
C VAL E 38 -25.15 -49.67 -18.85
N SER E 39 -26.20 -49.05 -19.38
CA SER E 39 -26.24 -47.63 -19.66
C SER E 39 -26.10 -46.84 -18.40
N TYR E 40 -26.56 -47.40 -17.27
CA TYR E 40 -26.58 -46.70 -16.01
C TYR E 40 -25.18 -46.38 -15.50
N SER E 41 -24.22 -47.26 -15.76
CA SER E 41 -22.90 -47.15 -15.17
C SER E 41 -21.86 -46.84 -16.24
N GLN E 42 -22.24 -47.00 -17.49
CA GLN E 42 -21.34 -46.73 -18.61
C GLN E 42 -20.56 -45.43 -18.39
N SER E 43 -19.24 -45.48 -18.48
CA SER E 43 -18.46 -44.30 -18.16
C SER E 43 -17.29 -44.17 -19.09
N SER E 44 -16.80 -42.96 -19.26
CA SER E 44 -15.60 -42.81 -20.07
C SER E 44 -14.77 -41.69 -19.61
N LEU E 45 -13.65 -41.51 -20.26
CA LEU E 45 -12.68 -40.62 -19.76
C LEU E 45 -11.76 -40.23 -20.90
N ILE E 46 -11.35 -38.98 -20.96
CA ILE E 46 -10.64 -38.46 -22.12
C ILE E 46 -9.39 -37.76 -21.67
N HIS E 47 -8.25 -38.10 -22.25
CA HIS E 47 -6.99 -37.65 -21.67
C HIS E 47 -6.09 -37.17 -22.76
N LEU E 48 -5.44 -36.04 -22.53
CA LEU E 48 -4.50 -35.55 -23.47
C LEU E 48 -3.12 -36.04 -23.09
N VAL E 49 -2.56 -36.91 -23.91
CA VAL E 49 -1.24 -37.41 -23.65
C VAL E 49 -0.27 -36.24 -23.51
N GLY E 50 0.23 -36.04 -22.30
CA GLY E 50 1.21 -35.00 -22.00
C GLY E 50 2.59 -35.59 -22.00
N PRO E 51 3.61 -34.76 -21.72
CA PRO E 51 4.99 -35.25 -21.88
C PRO E 51 5.42 -36.19 -20.72
N SER E 52 4.76 -36.07 -19.57
CA SER E 52 5.14 -36.90 -18.46
C SER E 52 4.51 -38.30 -18.60
N ASP E 53 3.75 -38.49 -19.66
CA ASP E 53 3.17 -39.78 -19.93
C ASP E 53 4.06 -40.64 -20.81
N CYS E 54 5.17 -40.07 -21.27
CA CYS E 54 5.84 -40.66 -22.40
C CYS E 54 7.20 -41.20 -22.16
N THR E 55 7.54 -42.13 -23.03
CA THR E 55 8.82 -42.78 -23.03
C THR E 55 9.83 -41.77 -23.63
N LEU E 56 11.11 -42.11 -23.66
CA LEU E 56 12.11 -41.17 -24.13
C LEU E 56 11.97 -40.94 -25.64
N HIS E 57 11.43 -41.94 -26.32
CA HIS E 57 10.99 -41.81 -27.70
C HIS E 57 9.59 -41.26 -27.59
N GLY E 58 8.80 -41.28 -28.65
CA GLY E 58 7.54 -40.59 -28.54
C GLY E 58 6.34 -41.24 -27.84
N PHE E 59 6.50 -42.38 -27.20
CA PHE E 59 5.32 -43.23 -26.89
C PHE E 59 4.90 -43.32 -25.44
N VAL E 60 3.65 -43.70 -25.23
CA VAL E 60 3.05 -43.76 -23.90
C VAL E 60 3.40 -45.05 -23.17
N HIS E 61 3.98 -44.98 -21.99
CA HIS E 61 4.14 -46.16 -21.17
C HIS E 61 2.85 -46.96 -21.04
N GLY E 62 2.93 -48.28 -21.23
CA GLY E 62 1.75 -49.11 -21.01
C GLY E 62 1.19 -48.90 -19.60
N GLY E 63 2.04 -48.60 -18.63
CA GLY E 63 1.55 -48.42 -17.30
C GLY E 63 0.54 -47.28 -17.24
N VAL E 64 0.82 -46.21 -17.97
CA VAL E 64 -0.05 -45.06 -17.93
C VAL E 64 -1.36 -45.49 -18.52
N THR E 65 -1.31 -46.12 -19.68
CA THR E 65 -2.58 -46.59 -20.23
C THR E 65 -3.34 -47.51 -19.25
N MET E 66 -2.62 -48.38 -18.54
CA MET E 66 -3.25 -49.40 -17.75
C MET E 66 -3.88 -48.72 -16.58
N LYS E 67 -3.17 -47.76 -16.00
CA LYS E 67 -3.74 -47.03 -14.87
C LYS E 67 -5.05 -46.32 -15.24
N LEU E 68 -5.08 -45.68 -16.43
CA LEU E 68 -6.28 -44.97 -16.86
C LEU E 68 -7.38 -46.00 -17.00
N MET E 69 -7.05 -47.17 -17.53
CA MET E 69 -8.07 -48.17 -17.77
C MET E 69 -8.64 -48.64 -16.44
N ASP E 70 -7.78 -48.73 -15.45
CA ASP E 70 -8.24 -49.16 -14.16
C ASP E 70 -9.17 -48.13 -13.55
N GLU E 71 -8.75 -46.85 -13.59
CA GLU E 71 -9.63 -45.74 -13.15
C GLU E 71 -11.02 -45.79 -13.74
N VAL E 72 -11.12 -45.93 -15.05
CA VAL E 72 -12.46 -46.03 -15.65
C VAL E 72 -13.29 -47.22 -15.13
N ALA E 73 -12.67 -48.40 -15.07
CA ALA E 73 -13.35 -49.60 -14.65
C ALA E 73 -13.80 -49.41 -13.22
N GLY E 74 -12.95 -48.78 -12.46
CA GLY E 74 -13.31 -48.54 -11.08
C GLY E 74 -14.53 -47.64 -10.92
N ILE E 75 -14.63 -46.65 -11.81
CA ILE E 75 -15.75 -45.73 -11.79
C ILE E 75 -17.00 -46.49 -12.20
N VAL E 76 -16.90 -47.28 -13.27
CA VAL E 76 -18.03 -48.08 -13.67
C VAL E 76 -18.53 -48.94 -12.52
N ALA E 77 -17.62 -49.69 -11.91
CA ALA E 77 -17.94 -50.58 -10.82
C ALA E 77 -18.61 -49.82 -9.71
N ALA E 78 -17.99 -48.71 -9.31
CA ALA E 78 -18.57 -47.87 -8.27
C ALA E 78 -20.02 -47.42 -8.57
N ARG E 79 -20.27 -46.96 -9.80
CA ARG E 79 -21.62 -46.55 -10.14
C ARG E 79 -22.61 -47.69 -9.97
N HIS E 80 -22.23 -48.87 -10.42
CA HIS E 80 -23.11 -50.03 -10.40
C HIS E 80 -23.38 -50.59 -8.99
N CYS E 81 -22.39 -50.55 -8.11
CA CYS E 81 -22.50 -51.15 -6.77
C CYS E 81 -22.89 -50.17 -5.70
N LYS E 82 -22.57 -48.90 -5.94
CA LYS E 82 -22.74 -47.84 -4.95
C LYS E 82 -22.04 -48.25 -3.65
N THR E 83 -20.91 -48.90 -3.77
CA THR E 83 -20.22 -49.45 -2.60
C THR E 83 -18.73 -49.36 -2.79
N ASN E 84 -17.98 -49.77 -1.78
CA ASN E 84 -16.53 -49.91 -1.92
C ASN E 84 -16.21 -51.07 -2.88
N ILE E 85 -15.23 -50.86 -3.75
CA ILE E 85 -14.92 -51.87 -4.76
C ILE E 85 -13.41 -52.08 -4.84
N VAL E 86 -12.97 -53.27 -5.24
CA VAL E 86 -11.55 -53.52 -5.55
C VAL E 86 -11.42 -54.39 -6.78
N THR E 87 -10.31 -54.20 -7.48
CA THR E 87 -9.93 -55.09 -8.57
C THR E 87 -9.59 -56.47 -8.04
N ALA E 88 -10.19 -57.49 -8.63
CA ALA E 88 -9.88 -58.90 -8.36
C ALA E 88 -8.88 -59.40 -9.38
N SER E 89 -9.19 -59.21 -10.66
CA SER E 89 -8.24 -59.55 -11.70
C SER E 89 -8.46 -58.69 -12.95
N VAL E 90 -7.43 -58.59 -13.75
CA VAL E 90 -7.60 -58.01 -15.05
C VAL E 90 -7.12 -59.08 -15.93
N ASP E 91 -7.87 -59.41 -16.96
CA ASP E 91 -7.40 -60.43 -17.85
C ASP E 91 -7.38 -59.98 -19.31
N ALA E 92 -6.31 -60.36 -20.00
CA ALA E 92 -6.18 -60.02 -21.41
C ALA E 92 -6.13 -58.51 -21.64
N ILE E 93 -5.07 -57.86 -21.20
CA ILE E 93 -4.84 -56.52 -21.66
C ILE E 93 -4.08 -56.57 -22.99
N ASN E 94 -4.72 -56.12 -24.07
CA ASN E 94 -4.09 -56.11 -25.39
C ASN E 94 -3.76 -54.72 -25.90
N PHE E 95 -2.53 -54.50 -26.30
CA PHE E 95 -2.14 -53.22 -26.85
C PHE E 95 -2.10 -53.35 -28.37
N HIS E 96 -3.15 -52.86 -29.02
CA HIS E 96 -3.27 -53.04 -30.47
C HIS E 96 -2.39 -52.08 -31.23
N ASP E 97 -1.99 -50.99 -30.59
CA ASP E 97 -1.15 -50.04 -31.28
C ASP E 97 -0.56 -49.03 -30.32
N LYS E 98 0.53 -48.40 -30.76
CA LYS E 98 1.23 -47.40 -29.96
C LYS E 98 0.42 -46.09 -29.84
N ILE E 99 0.71 -45.31 -28.83
CA ILE E 99 0.08 -44.04 -28.68
C ILE E 99 1.17 -42.98 -28.61
N ARG E 100 1.13 -42.01 -29.55
CA ARG E 100 2.11 -40.91 -29.61
C ARG E 100 1.79 -39.75 -28.64
N LYS E 101 2.81 -38.95 -28.34
CA LYS E 101 2.60 -37.62 -27.76
C LYS E 101 1.58 -36.84 -28.57
N GLY E 102 0.66 -36.18 -27.88
CA GLY E 102 -0.31 -35.32 -28.54
C GLY E 102 -1.46 -36.05 -29.17
N CYS E 103 -1.79 -37.20 -28.63
CA CYS E 103 -3.04 -37.84 -28.98
C CYS E 103 -3.96 -37.47 -27.90
N VAL E 104 -5.23 -37.57 -28.19
CA VAL E 104 -6.22 -37.56 -27.14
C VAL E 104 -6.68 -38.99 -27.06
N ILE E 105 -6.64 -39.59 -25.88
CA ILE E 105 -7.16 -40.94 -25.78
C ILE E 105 -8.46 -40.95 -25.02
N THR E 106 -9.43 -41.65 -25.59
CA THR E 106 -10.68 -41.90 -24.95
C THR E 106 -10.68 -43.31 -24.36
N ILE E 107 -10.85 -43.40 -23.05
CA ILE E 107 -10.96 -44.67 -22.38
C ILE E 107 -12.40 -44.84 -21.98
N SER E 108 -13.10 -45.81 -22.56
CA SER E 108 -14.47 -46.00 -22.15
C SER E 108 -14.72 -47.40 -21.57
N GLY E 109 -15.52 -47.47 -20.51
CA GLY E 109 -15.83 -48.72 -19.85
C GLY E 109 -17.33 -48.94 -19.77
N ARG E 110 -17.73 -50.20 -19.82
CA ARG E 110 -19.10 -50.62 -19.59
C ARG E 110 -19.14 -52.03 -18.99
N MET E 111 -20.18 -52.28 -18.21
CA MET E 111 -20.31 -53.52 -17.56
C MET E 111 -20.69 -54.56 -18.60
N THR E 112 -20.24 -55.80 -18.48
CA THR E 112 -20.63 -56.81 -19.46
C THR E 112 -21.32 -58.00 -18.82
N PHE E 113 -20.90 -58.35 -17.62
CA PHE E 113 -21.45 -59.54 -16.98
C PHE E 113 -21.30 -59.39 -15.48
N THR E 114 -22.25 -59.95 -14.74
CA THR E 114 -22.07 -60.10 -13.30
C THR E 114 -22.22 -61.55 -12.89
N SER E 115 -21.43 -61.99 -11.91
CA SER E 115 -21.74 -63.30 -11.29
C SER E 115 -22.50 -62.94 -10.02
N ASN E 116 -22.50 -63.83 -9.03
CA ASN E 116 -23.13 -63.46 -7.78
C ASN E 116 -22.32 -62.45 -6.97
N LYS E 117 -21.00 -62.57 -7.00
CA LYS E 117 -20.17 -61.71 -6.17
C LYS E 117 -19.11 -60.94 -6.93
N SER E 118 -19.16 -60.98 -8.25
CA SER E 118 -18.14 -60.28 -9.07
C SER E 118 -18.73 -59.62 -10.30
N MET E 119 -18.04 -58.58 -10.79
CA MET E 119 -18.47 -57.82 -11.96
C MET E 119 -17.41 -57.81 -13.05
N GLU E 120 -17.81 -58.13 -14.28
CA GLU E 120 -16.89 -57.94 -15.39
C GLU E 120 -17.14 -56.63 -16.20
N ILE E 121 -16.09 -55.84 -16.35
CA ILE E 121 -16.16 -54.59 -17.09
C ILE E 121 -15.21 -54.55 -18.28
N GLU E 122 -15.74 -54.24 -19.47
CA GLU E 122 -14.91 -54.10 -20.65
C GLU E 122 -14.41 -52.66 -20.79
N VAL E 123 -13.12 -52.48 -20.98
CA VAL E 123 -12.54 -51.17 -21.14
C VAL E 123 -11.90 -51.08 -22.51
N LEU E 124 -12.27 -50.05 -23.28
CA LEU E 124 -11.68 -49.84 -24.61
C LEU E 124 -10.93 -48.51 -24.60
N VAL E 125 -9.78 -48.45 -25.28
CA VAL E 125 -9.01 -47.23 -25.45
C VAL E 125 -8.87 -46.90 -26.92
N ASP E 126 -9.37 -45.72 -27.30
CA ASP E 126 -9.19 -45.23 -28.66
C ASP E 126 -8.32 -43.98 -28.67
N ALA E 127 -7.73 -43.67 -29.81
CA ALA E 127 -6.83 -42.53 -29.90
C ALA E 127 -7.10 -41.63 -31.11
N ASP E 128 -7.23 -40.33 -30.89
CA ASP E 128 -7.26 -39.36 -31.98
C ASP E 128 -5.97 -38.59 -31.98
N PRO E 129 -5.31 -38.50 -33.12
CA PRO E 129 -4.29 -37.46 -33.23
C PRO E 129 -4.94 -36.07 -33.30
N VAL E 130 -4.19 -35.00 -33.11
CA VAL E 130 -4.82 -33.69 -33.19
C VAL E 130 -4.03 -32.68 -34.06
N GLN E 135 -2.94 -40.21 -40.59
CA GLN E 135 -3.33 -40.68 -39.24
C GLN E 135 -4.78 -40.32 -38.89
N LYS E 136 -5.51 -41.25 -38.27
CA LYS E 136 -6.95 -41.10 -37.96
C LYS E 136 -7.35 -42.01 -36.81
N ARG E 137 -8.51 -41.76 -36.19
CA ARG E 137 -8.92 -42.44 -34.95
C ARG E 137 -8.79 -43.97 -35.02
N TYR E 138 -8.11 -44.54 -34.04
CA TYR E 138 -7.87 -45.98 -34.04
C TYR E 138 -8.02 -46.61 -32.66
N ARG E 139 -8.27 -47.93 -32.63
CA ARG E 139 -8.34 -48.69 -31.40
C ARG E 139 -6.93 -49.00 -30.83
N ALA E 140 -6.65 -48.62 -29.59
CA ALA E 140 -5.29 -48.70 -29.08
C ALA E 140 -5.10 -49.82 -28.06
N ALA E 141 -6.10 -50.02 -27.21
CA ALA E 141 -5.98 -51.08 -26.23
C ALA E 141 -7.34 -51.58 -25.77
N SER E 142 -7.36 -52.71 -25.08
CA SER E 142 -8.61 -53.25 -24.53
C SER E 142 -8.33 -54.22 -23.40
N ALA E 143 -9.35 -54.54 -22.62
CA ALA E 143 -9.19 -55.39 -21.46
C ALA E 143 -10.51 -55.72 -20.80
N PHE E 144 -10.58 -56.83 -20.10
CA PHE E 144 -11.72 -57.11 -19.22
C PHE E 144 -11.28 -57.04 -17.75
N PHE E 145 -11.77 -56.06 -17.00
CA PHE E 145 -11.50 -55.98 -15.58
C PHE E 145 -12.55 -56.79 -14.81
N THR E 146 -12.14 -57.34 -13.67
CA THR E 146 -13.06 -58.03 -12.82
C THR E 146 -12.99 -57.41 -11.44
N TYR E 147 -14.13 -56.94 -10.96
CA TYR E 147 -14.14 -56.19 -9.70
C TYR E 147 -14.96 -56.95 -8.70
N VAL E 148 -14.76 -56.63 -7.44
CA VAL E 148 -15.50 -57.24 -6.34
C VAL E 148 -15.93 -56.14 -5.36
N SER E 149 -17.13 -56.26 -4.80
CA SER E 149 -17.66 -55.24 -3.89
C SER E 149 -17.42 -55.58 -2.42
N LEU E 150 -16.91 -54.60 -1.67
CA LEU E 150 -16.54 -54.80 -0.27
C LEU E 150 -17.34 -53.89 0.68
N SER E 151 -17.70 -54.46 1.85
CA SER E 151 -18.32 -53.71 2.92
C SER E 151 -17.28 -52.84 3.61
N GLN E 152 -17.72 -52.03 4.56
CA GLN E 152 -16.82 -51.19 5.33
C GLN E 152 -15.82 -52.04 6.12
N GLU E 153 -16.28 -53.18 6.64
CA GLU E 153 -15.42 -54.13 7.37
C GLU E 153 -14.42 -54.85 6.44
N GLY E 154 -14.76 -54.91 5.16
CA GLY E 154 -13.86 -55.50 4.17
C GLY E 154 -14.29 -56.88 3.67
N ARG E 155 -15.53 -57.25 3.94
CA ARG E 155 -16.03 -58.54 3.49
C ARG E 155 -16.63 -58.43 2.09
N SER E 156 -16.61 -59.53 1.35
CA SER E 156 -17.13 -59.54 -0.02
C SER E 156 -18.64 -59.69 -0.07
N LEU E 157 -19.27 -58.88 -0.90
CA LEU E 157 -20.72 -58.76 -0.90
C LEU E 157 -21.38 -59.35 -2.15
N PRO E 158 -22.63 -59.83 -2.00
CA PRO E 158 -23.42 -60.06 -3.21
C PRO E 158 -23.56 -58.76 -4.01
N VAL E 159 -23.57 -58.90 -5.32
CA VAL E 159 -23.46 -57.78 -6.23
C VAL E 159 -24.77 -57.60 -6.98
N PRO E 160 -25.20 -56.35 -7.19
CA PRO E 160 -26.39 -56.09 -7.99
C PRO E 160 -26.29 -56.71 -9.36
N GLN E 161 -27.30 -57.48 -9.76
CA GLN E 161 -27.25 -58.14 -11.05
C GLN E 161 -27.33 -57.16 -12.22
N LEU E 162 -26.56 -57.44 -13.27
CA LEU E 162 -26.65 -56.70 -14.51
C LEU E 162 -27.76 -57.27 -15.36
N VAL E 163 -28.68 -56.42 -15.81
CA VAL E 163 -29.73 -56.87 -16.69
C VAL E 163 -29.56 -56.33 -18.09
N PRO E 164 -29.12 -57.18 -19.01
CA PRO E 164 -28.95 -56.79 -20.40
C PRO E 164 -30.31 -56.51 -21.05
N GLU E 165 -30.32 -55.67 -22.08
CA GLU E 165 -31.54 -55.29 -22.74
C GLU E 165 -31.48 -55.46 -24.25
N THR E 166 -30.42 -54.96 -24.87
CA THR E 166 -30.26 -55.12 -26.32
C THR E 166 -29.66 -56.48 -26.73
N GLU E 167 -29.54 -56.68 -28.05
CA GLU E 167 -28.99 -57.91 -28.59
C GLU E 167 -27.58 -58.08 -28.07
N ASP E 168 -26.76 -57.07 -28.29
CA ASP E 168 -25.34 -57.14 -27.98
C ASP E 168 -25.08 -57.29 -26.50
N GLU E 169 -25.95 -56.70 -25.68
CA GLU E 169 -25.80 -56.79 -24.24
C GLU E 169 -26.07 -58.22 -23.77
N LYS E 170 -26.97 -58.93 -24.43
CA LYS E 170 -27.18 -60.34 -24.11
C LYS E 170 -26.00 -61.15 -24.62
N LYS E 171 -25.47 -60.78 -25.78
CA LYS E 171 -24.33 -61.50 -26.34
C LYS E 171 -23.10 -61.31 -25.47
N ARG E 172 -22.78 -60.08 -25.18
CA ARG E 172 -21.63 -59.76 -24.33
C ARG E 172 -21.74 -60.37 -22.95
N PHE E 173 -22.95 -60.45 -22.42
CA PHE E 173 -23.21 -61.09 -21.14
C PHE E 173 -22.90 -62.59 -21.22
N GLU E 174 -23.31 -63.22 -22.32
CA GLU E 174 -23.05 -64.63 -22.56
C GLU E 174 -21.56 -64.91 -22.61
N GLU E 175 -20.85 -64.13 -23.44
CA GLU E 175 -19.40 -64.27 -23.58
C GLU E 175 -18.73 -64.08 -22.23
N GLY E 176 -19.29 -63.19 -21.43
CA GLY E 176 -18.78 -62.96 -20.10
C GLY E 176 -18.92 -64.17 -19.20
N LYS E 177 -20.11 -64.77 -19.20
CA LYS E 177 -20.31 -65.97 -18.42
C LYS E 177 -19.27 -67.01 -18.81
N GLY E 178 -19.02 -67.10 -20.12
CA GLY E 178 -17.97 -67.97 -20.67
C GLY E 178 -16.59 -67.69 -20.06
N ARG E 179 -16.13 -66.46 -20.18
CA ARG E 179 -14.83 -66.10 -19.65
C ARG E 179 -14.78 -66.32 -18.14
N TYR E 180 -15.91 -66.15 -17.47
CA TYR E 180 -15.98 -66.32 -16.03
C TYR E 180 -15.70 -67.78 -15.65
N LEU E 181 -16.41 -68.69 -16.29
CA LEU E 181 -16.28 -70.11 -16.02
C LEU E 181 -14.85 -70.61 -16.25
N GLN E 182 -14.28 -70.28 -17.39
CA GLN E 182 -12.90 -70.66 -17.67
C GLN E 182 -11.93 -70.17 -16.62
N MET E 183 -12.09 -68.94 -16.15
CA MET E 183 -11.17 -68.43 -15.15
C MET E 183 -11.27 -69.23 -13.87
N LYS E 184 -12.46 -69.67 -13.50
CA LYS E 184 -12.64 -70.52 -12.34
C LYS E 184 -11.90 -71.88 -12.50
N ALA E 185 -11.98 -72.44 -13.69
CA ALA E 185 -11.23 -73.63 -14.05
C ALA E 185 -9.72 -73.32 -14.05
N GLU F 34 13.30 4.23 21.65
CA GLU F 34 13.53 4.47 23.11
C GLU F 34 12.33 5.12 23.81
N PRO F 35 11.88 4.52 24.92
CA PRO F 35 10.70 4.98 25.68
C PRO F 35 10.89 6.36 26.30
N ASN F 36 9.80 6.97 26.78
CA ASN F 36 9.88 8.27 27.47
C ASN F 36 8.79 8.57 28.51
N THR F 37 9.00 9.56 29.38
CA THR F 37 8.08 9.80 30.49
C THR F 37 7.04 10.93 30.23
N VAL F 38 5.96 11.03 31.01
CA VAL F 38 5.02 12.10 30.72
C VAL F 38 5.61 13.47 31.01
N SER F 39 6.43 13.60 32.02
CA SER F 39 7.03 14.90 32.33
C SER F 39 7.87 15.44 31.18
N TYR F 40 8.43 14.54 30.38
CA TYR F 40 9.35 14.94 29.33
C TYR F 40 8.66 15.79 28.23
N SER F 41 7.42 15.45 27.94
CA SER F 41 6.71 16.03 26.84
C SER F 41 5.58 16.99 27.31
N GLN F 42 5.26 16.92 28.59
CA GLN F 42 4.23 17.77 29.16
C GLN F 42 4.38 19.20 28.67
N SER F 43 3.32 19.75 28.10
CA SER F 43 3.43 21.09 27.52
C SER F 43 2.20 21.92 27.78
N SER F 44 2.41 23.22 27.93
CA SER F 44 1.26 24.08 28.12
C SER F 44 1.36 25.42 27.40
N LEU F 45 0.21 26.08 27.29
CA LEU F 45 0.11 27.24 26.44
C LEU F 45 -0.82 28.21 27.11
N ILE F 46 -0.52 29.49 27.04
CA ILE F 46 -1.33 30.50 27.70
C ILE F 46 -1.70 31.53 26.65
N HIS F 47 -2.98 31.88 26.61
CA HIS F 47 -3.51 32.73 25.53
C HIS F 47 -4.44 33.79 26.09
N LEU F 48 -4.20 35.05 25.75
CA LEU F 48 -5.14 36.10 26.13
C LEU F 48 -6.28 36.22 25.12
N VAL F 49 -7.50 35.94 25.55
CA VAL F 49 -8.64 36.01 24.67
C VAL F 49 -8.76 37.42 24.12
N GLY F 50 -8.54 37.57 22.82
CA GLY F 50 -8.59 38.87 22.14
C GLY F 50 -9.90 39.01 21.41
N PRO F 51 -10.10 40.14 20.72
CA PRO F 51 -11.42 40.38 20.19
C PRO F 51 -11.70 39.54 18.94
N SER F 52 -10.66 39.17 18.19
CA SER F 52 -10.86 38.37 17.00
C SER F 52 -11.12 36.90 17.35
N ASP F 53 -11.10 36.57 18.64
CA ASP F 53 -11.42 35.21 19.07
C ASP F 53 -12.88 35.05 19.39
N CYS F 54 -13.63 36.14 19.30
CA CYS F 54 -14.95 36.17 19.90
C CYS F 54 -16.14 36.24 18.98
N THR F 55 -17.23 35.71 19.50
CA THR F 55 -18.51 35.73 18.84
C THR F 55 -19.04 37.17 18.93
N LEU F 56 -20.20 37.45 18.38
CA LEU F 56 -20.74 38.82 18.40
C LEU F 56 -21.17 39.22 19.80
N HIS F 57 -21.55 38.24 20.59
CA HIS F 57 -21.73 38.41 22.01
C HIS F 57 -20.35 38.23 22.63
N GLY F 58 -20.26 38.04 23.93
CA GLY F 58 -18.92 38.07 24.53
C GLY F 58 -18.04 36.82 24.46
N PHE F 59 -18.43 35.79 23.72
CA PHE F 59 -17.84 34.46 23.94
C PHE F 59 -16.87 33.97 22.88
N VAL F 60 -15.97 33.05 23.27
CA VAL F 60 -15.00 32.48 22.35
C VAL F 60 -15.59 31.36 21.49
N HIS F 61 -15.42 31.45 20.18
CA HIS F 61 -15.79 30.35 19.29
C HIS F 61 -15.17 29.04 19.73
N GLY F 62 -15.94 27.95 19.72
CA GLY F 62 -15.39 26.63 20.03
C GLY F 62 -14.21 26.29 19.14
N GLY F 63 -14.29 26.72 17.89
CA GLY F 63 -13.24 26.51 16.91
C GLY F 63 -11.88 27.04 17.40
N VAL F 64 -11.89 28.23 17.95
CA VAL F 64 -10.68 28.80 18.51
C VAL F 64 -10.15 27.90 19.58
N THR F 65 -10.98 27.55 20.54
CA THR F 65 -10.52 26.70 21.60
C THR F 65 -10.01 25.37 21.05
N MET F 66 -10.72 24.81 20.08
CA MET F 66 -10.33 23.53 19.52
C MET F 66 -8.96 23.62 18.86
N LYS F 67 -8.74 24.68 18.11
CA LYS F 67 -7.46 24.84 17.46
C LYS F 67 -6.34 24.93 18.44
N LEU F 68 -6.55 25.67 19.52
CA LEU F 68 -5.48 25.87 20.46
C LEU F 68 -5.19 24.53 21.07
N MET F 69 -6.24 23.74 21.30
CA MET F 69 -6.08 22.44 21.95
C MET F 69 -5.26 21.55 21.03
N ASP F 70 -5.52 21.61 19.74
CA ASP F 70 -4.76 20.77 18.85
C ASP F 70 -3.32 21.20 18.79
N GLU F 71 -3.04 22.49 18.95
CA GLU F 71 -1.65 22.95 18.91
C GLU F 71 -0.84 22.33 20.02
N VAL F 72 -1.37 22.39 21.22
CA VAL F 72 -0.68 21.84 22.40
C VAL F 72 -0.50 20.32 22.27
N ALA F 73 -1.56 19.58 21.91
CA ALA F 73 -1.46 18.15 21.70
C ALA F 73 -0.35 17.86 20.73
N GLY F 74 -0.32 18.61 19.65
CA GLY F 74 0.64 18.34 18.60
C GLY F 74 2.03 18.57 19.11
N ILE F 75 2.22 19.54 19.99
CA ILE F 75 3.56 19.83 20.46
C ILE F 75 3.96 18.69 21.39
N VAL F 76 3.08 18.29 22.29
CA VAL F 76 3.35 17.14 23.15
C VAL F 76 3.74 15.92 22.29
N ALA F 77 2.91 15.55 21.33
CA ALA F 77 3.26 14.47 20.42
C ALA F 77 4.63 14.67 19.80
N ALA F 78 4.91 15.86 19.30
CA ALA F 78 6.20 16.06 18.66
C ALA F 78 7.36 15.83 19.64
N ARG F 79 7.23 16.30 20.87
CA ARG F 79 8.32 16.22 21.82
C ARG F 79 8.58 14.78 22.09
N HIS F 80 7.51 13.99 22.18
CA HIS F 80 7.62 12.58 22.52
C HIS F 80 8.12 11.70 21.37
N CYS F 81 7.79 12.04 20.13
CA CYS F 81 8.16 11.22 18.98
C CYS F 81 9.40 11.70 18.29
N LYS F 82 9.72 12.97 18.48
CA LYS F 82 10.80 13.62 17.75
C LYS F 82 10.66 13.31 16.27
N THR F 83 9.42 13.30 15.78
CA THR F 83 9.16 12.94 14.40
C THR F 83 7.99 13.76 13.85
N ASN F 84 7.66 13.51 12.59
CA ASN F 84 6.44 14.07 12.02
C ASN F 84 5.21 13.38 12.60
N ILE F 85 4.21 14.15 12.97
CA ILE F 85 3.01 13.59 13.59
C ILE F 85 1.75 14.10 12.89
N VAL F 86 0.68 13.30 12.90
CA VAL F 86 -0.64 13.81 12.50
C VAL F 86 -1.76 13.35 13.41
N THR F 87 -2.82 14.12 13.46
CA THR F 87 -3.94 13.80 14.32
C THR F 87 -4.66 12.64 13.69
N ALA F 88 -5.01 11.65 14.48
CA ALA F 88 -5.78 10.54 13.92
C ALA F 88 -7.24 10.70 14.29
N SER F 89 -7.48 11.09 15.54
CA SER F 89 -8.83 11.30 16.01
C SER F 89 -8.76 12.11 17.27
N VAL F 90 -9.83 12.83 17.55
CA VAL F 90 -10.00 13.53 18.80
C VAL F 90 -11.32 12.96 19.25
N ASP F 91 -11.38 12.61 20.51
CA ASP F 91 -12.62 12.06 20.98
C ASP F 91 -13.03 12.70 22.29
N ALA F 92 -14.33 12.99 22.38
CA ALA F 92 -14.91 13.58 23.56
C ALA F 92 -14.31 14.96 23.84
N ILE F 93 -14.61 15.93 23.00
CA ILE F 93 -14.29 17.31 23.37
C ILE F 93 -15.48 17.82 24.14
N ASN F 94 -15.27 18.19 25.39
CA ASN F 94 -16.35 18.69 26.23
C ASN F 94 -16.14 20.13 26.62
N PHE F 95 -17.14 20.95 26.36
CA PHE F 95 -17.05 22.34 26.78
C PHE F 95 -17.81 22.51 28.08
N HIS F 96 -17.08 22.59 29.18
CA HIS F 96 -17.70 22.66 30.51
C HIS F 96 -18.28 24.03 30.81
N ASP F 97 -17.80 25.05 30.11
CA ASP F 97 -18.24 26.40 30.41
C ASP F 97 -17.75 27.36 29.35
N LYS F 98 -18.46 28.47 29.22
CA LYS F 98 -18.11 29.53 28.27
C LYS F 98 -16.84 30.28 28.67
N ILE F 99 -16.17 30.86 27.68
CA ILE F 99 -15.03 31.71 27.92
C ILE F 99 -15.34 33.09 27.39
N ARG F 100 -15.31 34.10 28.25
CA ARG F 100 -15.63 35.46 27.80
C ARG F 100 -14.37 36.28 27.50
N LYS F 101 -14.55 37.34 26.71
CA LYS F 101 -13.51 38.32 26.44
C LYS F 101 -12.70 38.65 27.68
N GLY F 102 -11.39 38.74 27.53
CA GLY F 102 -10.51 39.16 28.62
C GLY F 102 -10.28 38.10 29.68
N CYS F 103 -10.32 36.83 29.27
CA CYS F 103 -9.83 35.75 30.11
C CYS F 103 -8.46 35.45 29.61
N VAL F 104 -7.64 34.90 30.47
CA VAL F 104 -6.46 34.22 30.01
C VAL F 104 -6.82 32.75 30.07
N ILE F 105 -6.64 32.01 28.99
CA ILE F 105 -6.87 30.60 29.06
C ILE F 105 -5.55 29.82 29.03
N THR F 106 -5.38 28.91 29.97
CA THR F 106 -4.25 28.01 29.94
C THR F 106 -4.66 26.67 29.33
N ILE F 107 -4.03 26.32 28.23
CA ILE F 107 -4.20 25.01 27.65
C ILE F 107 -2.99 24.14 28.01
N SER F 108 -3.20 23.03 28.69
CA SER F 108 -2.07 22.17 29.03
C SER F 108 -2.32 20.77 28.62
N GLY F 109 -1.28 20.15 28.09
CA GLY F 109 -1.37 18.79 27.53
C GLY F 109 -0.38 17.86 28.17
N ARG F 110 -0.72 16.59 28.21
CA ARG F 110 0.21 15.57 28.68
C ARG F 110 -0.15 14.22 28.09
N MET F 111 0.87 13.40 27.91
CA MET F 111 0.65 12.09 27.33
C MET F 111 -0.06 11.21 28.35
N THR F 112 -0.96 10.35 27.92
CA THR F 112 -1.61 9.48 28.88
C THR F 112 -1.35 8.01 28.59
N PHE F 113 -1.36 7.64 27.32
CA PHE F 113 -1.25 6.24 26.94
C PHE F 113 -0.64 6.12 25.56
N THR F 114 0.11 5.05 25.30
CA THR F 114 0.59 4.79 23.95
C THR F 114 0.21 3.37 23.59
N SER F 115 -0.17 3.12 22.35
CA SER F 115 -0.27 1.76 21.85
C SER F 115 1.02 1.54 21.10
N ASN F 116 1.05 0.55 20.22
CA ASN F 116 2.26 0.35 19.44
C ASN F 116 2.51 1.49 18.44
N LYS F 117 1.43 1.96 17.79
CA LYS F 117 1.56 2.94 16.71
C LYS F 117 0.80 4.26 16.91
N SER F 118 0.27 4.48 18.11
CA SER F 118 -0.55 5.66 18.38
C SER F 118 -0.35 6.23 19.78
N MET F 119 -0.55 7.54 19.94
CA MET F 119 -0.33 8.19 21.24
C MET F 119 -1.61 8.85 21.68
N GLU F 120 -1.94 8.77 22.95
CA GLU F 120 -3.10 9.48 23.48
C GLU F 120 -2.67 10.62 24.36
N ILE F 121 -3.16 11.82 24.04
CA ILE F 121 -2.81 13.00 24.83
C ILE F 121 -4.04 13.69 25.42
N GLU F 122 -3.99 14.00 26.70
CA GLU F 122 -5.10 14.66 27.34
C GLU F 122 -4.83 16.13 27.34
N VAL F 123 -5.78 16.91 26.83
CA VAL F 123 -5.66 18.36 26.87
C VAL F 123 -6.73 18.96 27.76
N LEU F 124 -6.31 19.84 28.67
CA LEU F 124 -7.27 20.50 29.54
C LEU F 124 -7.18 22.01 29.34
N VAL F 125 -8.32 22.70 29.30
CA VAL F 125 -8.33 24.16 29.21
C VAL F 125 -8.90 24.80 30.46
N ASP F 126 -8.15 25.68 31.08
CA ASP F 126 -8.66 26.42 32.23
C ASP F 126 -8.75 27.91 31.90
N ALA F 127 -9.56 28.66 32.65
CA ALA F 127 -9.72 30.08 32.37
C ALA F 127 -9.61 30.95 33.62
N ASP F 128 -8.74 31.96 33.60
CA ASP F 128 -8.72 33.03 34.64
C ASP F 128 -9.32 34.31 34.09
N PRO F 129 -10.25 34.91 34.84
CA PRO F 129 -10.58 36.28 34.52
C PRO F 129 -9.49 37.26 34.98
N VAL F 130 -9.74 38.54 34.66
CA VAL F 130 -9.01 39.69 35.17
C VAL F 130 -10.08 40.65 35.74
N VAL F 131 -10.29 40.63 37.07
CA VAL F 131 -11.48 41.25 37.70
C VAL F 131 -11.15 41.85 39.05
N GLN F 135 -15.67 35.86 40.71
CA GLN F 135 -15.40 34.72 39.79
C GLN F 135 -13.96 34.21 39.75
N LYS F 136 -13.77 32.93 40.07
CA LYS F 136 -12.43 32.33 40.20
C LYS F 136 -12.09 31.35 39.05
N ARG F 137 -10.80 31.06 38.91
CA ARG F 137 -10.30 30.12 37.88
C ARG F 137 -11.18 28.87 37.75
N TYR F 138 -11.49 28.48 36.52
CA TYR F 138 -12.40 27.35 36.30
C TYR F 138 -11.99 26.50 35.08
N ARG F 139 -12.45 25.25 35.07
CA ARG F 139 -12.19 24.32 33.98
C ARG F 139 -13.16 24.60 32.84
N ALA F 140 -12.65 24.83 31.63
CA ALA F 140 -13.51 25.25 30.53
C ALA F 140 -13.73 24.17 29.49
N ALA F 141 -12.71 23.36 29.24
CA ALA F 141 -12.85 22.32 28.23
C ALA F 141 -11.84 21.22 28.46
N SER F 142 -12.01 20.13 27.72
CA SER F 142 -11.11 18.99 27.87
C SER F 142 -11.29 18.05 26.69
N ALA F 143 -10.29 17.25 26.41
CA ALA F 143 -10.38 16.31 25.31
C ALA F 143 -9.24 15.32 25.35
N PHE F 144 -9.43 14.20 24.64
CA PHE F 144 -8.35 13.25 24.41
C PHE F 144 -8.01 13.21 22.93
N PHE F 145 -6.84 13.71 22.60
CA PHE F 145 -6.35 13.65 21.22
C PHE F 145 -5.59 12.34 20.97
N THR F 146 -5.64 11.83 19.76
CA THR F 146 -4.89 10.65 19.42
C THR F 146 -4.04 10.95 18.21
N TYR F 147 -2.73 10.86 18.38
CA TYR F 147 -1.81 11.14 17.30
C TYR F 147 -1.12 9.90 16.77
N VAL F 148 -0.50 10.04 15.62
CA VAL F 148 0.17 8.94 14.98
C VAL F 148 1.44 9.48 14.36
N SER F 149 2.41 8.60 14.18
CA SER F 149 3.69 8.99 13.59
C SER F 149 3.89 8.34 12.27
N LEU F 150 4.28 9.11 11.27
CA LEU F 150 4.41 8.61 9.92
C LEU F 150 5.83 8.75 9.40
N SER F 151 6.25 7.77 8.58
CA SER F 151 7.52 7.84 7.90
C SER F 151 7.39 8.70 6.66
N GLN F 152 8.51 8.96 5.99
CA GLN F 152 8.48 9.76 4.77
C GLN F 152 7.58 9.13 3.72
N GLU F 153 7.59 7.81 3.63
CA GLU F 153 6.75 7.08 2.69
C GLU F 153 5.27 7.14 3.09
N GLY F 154 5.01 7.40 4.37
CA GLY F 154 3.65 7.55 4.85
C GLY F 154 3.10 6.36 5.63
N ARG F 155 3.97 5.47 6.05
CA ARG F 155 3.55 4.30 6.81
C ARG F 155 3.57 4.61 8.29
N SER F 156 2.70 3.94 9.03
CA SER F 156 2.58 4.20 10.47
C SER F 156 3.79 3.65 11.22
N LEU F 157 4.58 4.58 11.78
CA LEU F 157 5.77 4.22 12.53
C LEU F 157 5.42 3.68 13.91
N PRO F 158 6.17 2.68 14.38
CA PRO F 158 6.12 2.32 15.79
C PRO F 158 6.51 3.53 16.65
N VAL F 159 5.87 3.64 17.80
CA VAL F 159 5.94 4.84 18.62
C VAL F 159 6.69 4.59 19.92
N PRO F 160 7.55 5.52 20.35
CA PRO F 160 8.24 5.33 21.62
C PRO F 160 7.23 5.08 22.72
N GLN F 161 7.42 4.05 23.53
CA GLN F 161 6.45 3.73 24.56
C GLN F 161 6.45 4.74 25.70
N LEU F 162 5.29 4.97 26.28
CA LEU F 162 5.20 5.87 27.42
C LEU F 162 5.37 5.04 28.68
N VAL F 163 6.26 5.45 29.55
CA VAL F 163 6.43 4.74 30.80
C VAL F 163 5.96 5.58 31.98
N PRO F 164 4.82 5.19 32.55
CA PRO F 164 4.26 5.88 33.70
C PRO F 164 5.11 5.59 34.92
N GLU F 165 5.08 6.50 35.90
CA GLU F 165 5.90 6.39 37.09
C GLU F 165 5.11 6.55 38.39
N THR F 166 4.25 7.56 38.44
CA THR F 166 3.41 7.77 39.63
C THR F 166 2.13 6.95 39.60
N GLU F 167 1.34 7.10 40.66
CA GLU F 167 0.10 6.38 40.81
C GLU F 167 -0.81 6.74 39.67
N ASP F 168 -1.03 8.05 39.53
CA ASP F 168 -1.99 8.59 38.59
C ASP F 168 -1.58 8.28 37.15
N GLU F 169 -0.28 8.27 36.90
CA GLU F 169 0.20 7.97 35.57
C GLU F 169 -0.12 6.54 35.18
N LYS F 170 -0.05 5.62 36.14
CA LYS F 170 -0.45 4.25 35.87
C LYS F 170 -1.98 4.16 35.69
N LYS F 171 -2.71 4.91 36.51
CA LYS F 171 -4.16 4.91 36.40
C LYS F 171 -4.59 5.48 35.06
N ARG F 172 -4.08 6.66 34.73
CA ARG F 172 -4.43 7.29 33.47
C ARG F 172 -4.03 6.43 32.29
N PHE F 173 -2.92 5.72 32.41
CA PHE F 173 -2.47 4.83 31.35
C PHE F 173 -3.49 3.72 31.15
N GLU F 174 -3.97 3.20 32.27
CA GLU F 174 -4.95 2.12 32.26
C GLU F 174 -6.24 2.56 31.57
N GLU F 175 -6.78 3.69 32.03
CA GLU F 175 -7.97 4.28 31.45
C GLU F 175 -7.79 4.51 29.95
N GLY F 176 -6.59 4.94 29.57
CA GLY F 176 -6.22 5.09 28.17
C GLY F 176 -6.35 3.80 27.37
N LYS F 177 -5.73 2.73 27.87
CA LYS F 177 -5.84 1.42 27.24
C LYS F 177 -7.31 1.06 27.05
N GLY F 178 -8.13 1.37 28.06
CA GLY F 178 -9.57 1.16 27.99
C GLY F 178 -10.20 1.91 26.82
N ARG F 179 -9.99 3.22 26.79
CA ARG F 179 -10.53 4.05 25.72
C ARG F 179 -10.03 3.62 24.34
N TYR F 180 -8.79 3.15 24.29
CA TYR F 180 -8.20 2.68 23.04
C TYR F 180 -8.93 1.45 22.51
N LEU F 181 -9.14 0.46 23.38
CA LEU F 181 -9.80 -0.77 22.97
C LEU F 181 -11.21 -0.53 22.45
N GLN F 182 -11.98 0.26 23.19
CA GLN F 182 -13.35 0.58 22.76
C GLN F 182 -13.40 1.24 21.39
N MET F 183 -12.50 2.19 21.14
CA MET F 183 -12.47 2.86 19.84
C MET F 183 -12.22 1.88 18.70
N LYS F 184 -11.35 0.91 18.92
CA LYS F 184 -11.12 -0.14 17.93
C LYS F 184 -12.39 -0.94 17.69
N ALA F 185 -13.15 -1.21 18.74
CA ALA F 185 -14.45 -1.87 18.61
C ALA F 185 -15.45 -0.98 17.88
N PRO G 33 -39.68 28.20 19.44
CA PRO G 33 -40.78 27.27 19.21
C PRO G 33 -41.48 27.34 17.84
N GLU G 34 -40.78 27.72 16.77
CA GLU G 34 -41.21 27.37 15.39
C GLU G 34 -40.26 26.36 14.75
N PRO G 35 -40.81 25.24 14.22
CA PRO G 35 -40.02 24.15 13.60
C PRO G 35 -39.29 24.58 12.32
N ASN G 36 -38.28 23.79 11.91
CA ASN G 36 -37.55 24.07 10.66
C ASN G 36 -36.96 22.83 9.93
N THR G 37 -36.52 22.96 8.68
CA THR G 37 -36.05 21.79 7.93
C THR G 37 -34.52 21.74 7.78
N VAL G 38 -33.94 20.61 7.39
CA VAL G 38 -32.47 20.58 7.29
C VAL G 38 -31.99 21.42 6.09
N SER G 39 -32.78 21.48 5.03
CA SER G 39 -32.38 22.25 3.84
C SER G 39 -32.25 23.73 4.15
N TYR G 40 -33.01 24.17 5.13
CA TYR G 40 -33.05 25.57 5.50
C TYR G 40 -31.73 26.07 6.05
N SER G 41 -31.08 25.23 6.86
CA SER G 41 -29.84 25.66 7.53
C SER G 41 -28.59 25.07 6.89
N GLN G 42 -28.77 24.06 6.05
CA GLN G 42 -27.64 23.41 5.40
C GLN G 42 -26.63 24.43 4.91
N SER G 43 -25.37 24.26 5.25
CA SER G 43 -24.37 25.27 4.92
C SER G 43 -23.04 24.61 4.57
N SER G 44 -22.28 25.24 3.67
CA SER G 44 -20.98 24.70 3.39
C SER G 44 -19.97 25.78 3.10
N LEU G 45 -18.71 25.39 3.02
CA LEU G 45 -17.62 26.33 3.10
C LEU G 45 -16.49 25.71 2.29
N ILE G 46 -15.70 26.54 1.64
CA ILE G 46 -14.70 26.01 0.73
C ILE G 46 -13.46 26.78 1.07
N HIS G 47 -12.32 26.11 1.15
CA HIS G 47 -11.10 26.75 1.64
C HIS G 47 -9.91 26.23 0.87
N LEU G 48 -9.08 27.12 0.39
CA LEU G 48 -7.88 26.69 -0.28
C LEU G 48 -6.78 26.57 0.73
N VAL G 49 -6.29 25.37 0.94
CA VAL G 49 -5.22 25.15 1.89
C VAL G 49 -4.01 25.98 1.50
N GLY G 50 -3.66 26.93 2.35
CA GLY G 50 -2.55 27.83 2.09
C GLY G 50 -1.40 27.47 2.98
N PRO G 51 -0.29 28.22 2.91
CA PRO G 51 0.91 27.72 3.56
C PRO G 51 0.89 27.89 5.06
N SER G 52 0.12 28.85 5.55
CA SER G 52 0.07 29.06 6.98
C SER G 52 -0.83 28.01 7.63
N ASP G 53 -1.43 27.14 6.83
CA ASP G 53 -2.30 26.10 7.36
C ASP G 53 -1.53 24.83 7.60
N CYS G 54 -0.24 24.87 7.29
CA CYS G 54 0.50 23.63 7.17
C CYS G 54 1.59 23.34 8.16
N THR G 55 1.80 22.05 8.35
CA THR G 55 2.87 21.54 9.19
C THR G 55 4.18 21.74 8.42
N LEU G 56 5.31 21.41 9.02
CA LEU G 56 6.60 21.65 8.36
C LEU G 56 6.79 20.70 7.19
N HIS G 57 6.12 19.57 7.26
CA HIS G 57 5.97 18.69 6.13
C HIS G 57 4.73 19.19 5.39
N GLY G 58 4.20 18.43 4.44
CA GLY G 58 3.15 19.02 3.63
C GLY G 58 1.72 19.11 4.16
N PHE G 59 1.49 18.84 5.45
CA PHE G 59 0.11 18.54 5.88
C PHE G 59 -0.59 19.58 6.75
N VAL G 60 -1.92 19.55 6.72
CA VAL G 60 -2.69 20.51 7.47
C VAL G 60 -2.83 20.13 8.93
N HIS G 61 -2.45 21.00 9.86
CA HIS G 61 -2.79 20.81 11.28
C HIS G 61 -4.23 20.46 11.52
N GLY G 62 -4.49 19.52 12.42
CA GLY G 62 -5.86 19.09 12.68
C GLY G 62 -6.64 20.25 13.29
N GLY G 63 -5.91 21.09 13.99
CA GLY G 63 -6.51 22.29 14.56
C GLY G 63 -7.20 23.17 13.50
N VAL G 64 -6.49 23.47 12.42
CA VAL G 64 -7.10 24.17 11.33
C VAL G 64 -8.36 23.47 10.89
N THR G 65 -8.28 22.20 10.54
CA THR G 65 -9.50 21.53 10.09
C THR G 65 -10.63 21.63 11.12
N MET G 66 -10.25 21.57 12.39
CA MET G 66 -11.24 21.48 13.45
C MET G 66 -11.92 22.82 13.53
N LYS G 67 -11.13 23.88 13.47
CA LYS G 67 -11.68 25.22 13.50
C LYS G 67 -12.66 25.46 12.36
N LEU G 68 -12.29 25.06 11.15
CA LEU G 68 -13.15 25.30 10.05
C LEU G 68 -14.41 24.52 10.31
N MET G 69 -14.27 23.36 10.95
CA MET G 69 -15.46 22.53 11.10
C MET G 69 -16.41 23.22 12.09
N ASP G 70 -15.84 23.80 13.12
CA ASP G 70 -16.67 24.49 14.08
C ASP G 70 -17.35 25.69 13.48
N GLU G 71 -16.64 26.46 12.65
CA GLU G 71 -17.26 27.57 11.92
C GLU G 71 -18.51 27.14 11.19
N VAL G 72 -18.43 26.06 10.43
CA VAL G 72 -19.61 25.69 9.64
C VAL G 72 -20.76 25.21 10.50
N ALA G 73 -20.45 24.39 11.50
CA ALA G 73 -21.47 23.95 12.46
C ALA G 73 -22.15 25.16 13.11
N GLY G 74 -21.32 26.11 13.54
CA GLY G 74 -21.83 27.36 14.14
C GLY G 74 -22.84 28.06 13.22
N ILE G 75 -22.54 28.11 11.92
CA ILE G 75 -23.34 28.88 11.02
C ILE G 75 -24.63 28.13 10.93
N VAL G 76 -24.54 26.80 10.77
CA VAL G 76 -25.75 25.98 10.67
C VAL G 76 -26.62 26.21 11.90
N ALA G 77 -26.06 26.04 13.08
CA ALA G 77 -26.78 26.32 14.32
C ALA G 77 -27.44 27.69 14.31
N ALA G 78 -26.65 28.74 14.05
CA ALA G 78 -27.20 30.11 13.93
C ALA G 78 -28.40 30.19 12.97
N ARG G 79 -28.27 29.65 11.77
CA ARG G 79 -29.34 29.77 10.83
C ARG G 79 -30.61 29.16 11.40
N HIS G 80 -30.44 28.05 12.11
CA HIS G 80 -31.58 27.29 12.59
C HIS G 80 -32.23 27.91 13.82
N CYS G 81 -31.43 28.56 14.64
CA CYS G 81 -31.93 29.12 15.87
C CYS G 81 -32.25 30.58 15.79
N LYS G 82 -31.61 31.26 14.84
CA LYS G 82 -31.69 32.72 14.71
C LYS G 82 -31.39 33.34 16.07
N THR G 83 -30.46 32.74 16.79
CA THR G 83 -30.13 33.20 18.13
C THR G 83 -28.62 33.08 18.42
N ASN G 84 -28.22 33.50 19.61
CA ASN G 84 -26.86 33.24 20.08
C ASN G 84 -26.66 31.75 20.36
N ILE G 85 -25.54 31.19 19.94
CA ILE G 85 -25.33 29.75 20.07
C ILE G 85 -23.96 29.48 20.63
N VAL G 86 -23.81 28.40 21.39
CA VAL G 86 -22.46 27.94 21.77
C VAL G 86 -22.30 26.44 21.62
N THR G 87 -21.06 26.01 21.43
CA THR G 87 -20.74 24.61 21.32
C THR G 87 -20.84 24.00 22.71
N ALA G 88 -21.58 22.90 22.80
CA ALA G 88 -21.68 22.15 24.06
C ALA G 88 -20.67 21.00 24.08
N SER G 89 -20.61 20.28 22.97
CA SER G 89 -19.69 19.17 22.83
C SER G 89 -19.55 18.83 21.36
N VAL G 90 -18.37 18.34 21.04
CA VAL G 90 -18.13 17.76 19.74
C VAL G 90 -17.75 16.35 20.08
N ASP G 91 -18.33 15.41 19.37
CA ASP G 91 -17.99 14.05 19.67
C ASP G 91 -17.64 13.29 18.42
N ALA G 92 -16.55 12.53 18.53
CA ALA G 92 -16.10 11.68 17.44
C ALA G 92 -15.62 12.50 16.25
N ILE G 93 -14.53 13.24 16.42
CA ILE G 93 -13.89 13.81 15.25
C ILE G 93 -12.92 12.79 14.69
N ASN G 94 -13.16 12.35 13.48
CA ASN G 94 -12.33 11.34 12.86
C ASN G 94 -11.60 11.89 11.66
N PHE G 95 -10.29 11.79 11.67
CA PHE G 95 -9.52 12.15 10.49
C PHE G 95 -9.25 10.94 9.58
N HIS G 96 -10.05 10.80 8.52
CA HIS G 96 -9.93 9.67 7.63
C HIS G 96 -8.71 9.70 6.72
N ASP G 97 -8.15 10.89 6.52
CA ASP G 97 -6.98 10.99 5.65
C ASP G 97 -6.34 12.34 5.75
N LYS G 98 -5.05 12.41 5.41
CA LYS G 98 -4.30 13.66 5.48
C LYS G 98 -4.76 14.66 4.41
N ILE G 99 -4.53 15.95 4.67
CA ILE G 99 -4.76 16.95 3.67
C ILE G 99 -3.47 17.69 3.38
N ARG G 100 -3.08 17.74 2.12
CA ARG G 100 -1.78 18.28 1.75
C ARG G 100 -1.92 19.64 1.10
N LYS G 101 -0.87 20.45 1.17
CA LYS G 101 -0.80 21.74 0.50
C LYS G 101 -1.47 21.74 -0.87
N GLY G 102 -2.29 22.76 -1.16
CA GLY G 102 -2.88 22.92 -2.48
C GLY G 102 -4.04 21.99 -2.74
N CYS G 103 -4.77 21.65 -1.69
CA CYS G 103 -6.07 21.04 -1.84
C CYS G 103 -7.07 22.14 -1.64
N VAL G 104 -8.26 21.94 -2.18
CA VAL G 104 -9.34 22.74 -1.77
C VAL G 104 -10.15 21.84 -0.89
N ILE G 105 -10.52 22.30 0.29
CA ILE G 105 -11.35 21.45 1.11
C ILE G 105 -12.74 22.03 1.22
N THR G 106 -13.74 21.21 0.96
CA THR G 106 -15.13 21.58 1.20
C THR G 106 -15.62 21.06 2.54
N ILE G 107 -15.90 21.94 3.49
CA ILE G 107 -16.54 21.55 4.74
C ILE G 107 -18.03 21.82 4.64
N SER G 108 -18.89 20.81 4.65
CA SER G 108 -20.33 21.06 4.63
C SER G 108 -21.03 20.54 5.87
N GLY G 109 -21.97 21.33 6.42
CA GLY G 109 -22.65 21.00 7.68
C GLY G 109 -24.13 20.84 7.41
N ARG G 110 -24.82 20.02 8.21
CA ARG G 110 -26.30 19.95 8.14
C ARG G 110 -26.81 19.46 9.48
N MET G 111 -28.07 19.79 9.74
CA MET G 111 -28.64 19.49 11.03
C MET G 111 -29.11 18.04 10.99
N THR G 112 -28.90 17.27 12.06
CA THR G 112 -29.35 15.87 12.04
C THR G 112 -30.44 15.58 13.04
N PHE G 113 -30.31 16.19 14.21
CA PHE G 113 -31.23 15.90 15.31
C PHE G 113 -31.30 17.09 16.26
N THR G 114 -32.48 17.29 16.83
CA THR G 114 -32.63 18.24 17.94
C THR G 114 -33.29 17.57 19.13
N SER G 115 -32.81 17.88 20.33
CA SER G 115 -33.54 17.53 21.53
C SER G 115 -34.40 18.74 21.88
N ASN G 116 -34.77 18.88 23.13
CA ASN G 116 -35.53 20.06 23.52
C ASN G 116 -34.63 21.30 23.59
N LYS G 117 -33.41 21.12 24.09
CA LYS G 117 -32.54 22.27 24.28
C LYS G 117 -31.20 22.19 23.56
N SER G 118 -31.03 21.21 22.69
CA SER G 118 -29.74 21.04 22.01
C SER G 118 -29.89 20.62 20.57
N MET G 119 -28.88 20.94 19.76
CA MET G 119 -28.91 20.62 18.33
C MET G 119 -27.69 19.81 17.93
N GLU G 120 -27.91 18.80 17.12
CA GLU G 120 -26.82 18.01 16.59
C GLU G 120 -26.62 18.31 15.11
N ILE G 121 -25.38 18.67 14.80
CA ILE G 121 -25.00 18.97 13.44
C ILE G 121 -23.88 18.07 12.93
N GLU G 122 -24.08 17.47 11.77
CA GLU G 122 -23.04 16.64 11.17
C GLU G 122 -22.19 17.45 10.20
N VAL G 123 -20.88 17.53 10.44
CA VAL G 123 -19.98 18.21 9.53
C VAL G 123 -19.08 17.21 8.81
N LEU G 124 -19.06 17.26 7.48
CA LEU G 124 -18.16 16.43 6.68
C LEU G 124 -17.10 17.30 6.00
N VAL G 125 -15.84 16.86 5.94
CA VAL G 125 -14.80 17.53 5.16
C VAL G 125 -14.35 16.70 3.95
N ASP G 126 -14.44 17.24 2.74
CA ASP G 126 -13.90 16.56 1.56
C ASP G 126 -12.70 17.31 1.00
N ALA G 127 -11.88 16.66 0.18
CA ALA G 127 -10.70 17.34 -0.35
C ALA G 127 -10.49 17.08 -1.82
N ASP G 128 -10.35 18.13 -2.61
CA ASP G 128 -9.95 18.01 -4.01
C ASP G 128 -8.51 18.47 -4.15
N PRO G 129 -7.68 17.66 -4.83
CA PRO G 129 -6.42 18.22 -5.31
C PRO G 129 -6.63 19.22 -6.46
N VAL G 130 -5.67 20.14 -6.61
CA VAL G 130 -5.70 21.17 -7.64
C VAL G 130 -4.30 21.39 -8.20
N LYS G 136 -8.01 12.63 -7.10
CA LYS G 136 -9.58 11.98 -7.03
C LYS G 136 -10.05 12.45 -5.61
N ARG G 137 -11.12 13.25 -5.63
CA ARG G 137 -11.78 13.77 -4.42
C ARG G 137 -12.03 12.70 -3.36
N TYR G 138 -11.73 13.01 -2.10
CA TYR G 138 -11.87 12.03 -1.03
C TYR G 138 -12.38 12.62 0.28
N ARG G 139 -12.96 11.77 1.13
CA ARG G 139 -13.44 12.18 2.44
C ARG G 139 -12.28 12.31 3.44
N ALA G 140 -12.14 13.45 4.09
CA ALA G 140 -10.97 13.69 4.91
C ALA G 140 -11.28 13.69 6.39
N ALA G 141 -12.47 14.13 6.76
CA ALA G 141 -12.79 14.16 8.19
C ALA G 141 -14.28 14.19 8.39
N SER G 142 -14.72 14.04 9.64
CA SER G 142 -16.14 14.12 9.93
C SER G 142 -16.31 14.26 11.42
N ALA G 143 -17.48 14.72 11.85
CA ALA G 143 -17.76 14.95 13.25
C ALA G 143 -19.22 15.28 13.49
N PHE G 144 -19.66 15.08 14.73
CA PHE G 144 -20.98 15.49 15.15
C PHE G 144 -20.82 16.58 16.19
N PHE G 145 -21.22 17.80 15.83
CA PHE G 145 -21.17 18.89 16.79
C PHE G 145 -22.51 19.00 17.51
N THR G 146 -22.44 19.43 18.78
CA THR G 146 -23.67 19.65 19.54
C THR G 146 -23.67 21.08 20.06
N TYR G 147 -24.69 21.82 19.62
CA TYR G 147 -24.85 23.21 19.98
C TYR G 147 -26.04 23.47 20.89
N VAL G 148 -25.94 24.56 21.62
CA VAL G 148 -26.98 24.96 22.54
C VAL G 148 -27.31 26.42 22.31
N SER G 149 -28.57 26.78 22.54
CA SER G 149 -29.03 28.15 22.32
C SER G 149 -29.22 28.94 23.61
N LEU G 150 -28.66 30.15 23.64
CA LEU G 150 -28.70 30.99 24.83
C LEU G 150 -29.45 32.30 24.61
N SER G 151 -30.18 32.74 25.63
CA SER G 151 -30.81 34.04 25.62
C SER G 151 -29.78 35.12 25.90
N GLN G 152 -30.19 36.38 25.81
CA GLN G 152 -29.31 37.51 26.10
C GLN G 152 -28.79 37.43 27.52
N GLU G 153 -29.63 36.97 28.45
CA GLU G 153 -29.24 36.82 29.86
C GLU G 153 -28.28 35.65 30.04
N GLY G 154 -28.31 34.70 29.11
CA GLY G 154 -27.38 33.57 29.15
C GLY G 154 -27.99 32.25 29.63
N ARG G 155 -29.32 32.18 29.64
CA ARG G 155 -30.03 30.96 30.03
C ARG G 155 -30.25 30.06 28.82
N SER G 156 -30.32 28.75 29.07
CA SER G 156 -30.46 27.79 27.98
C SER G 156 -31.89 27.76 27.45
N LEU G 157 -32.02 28.01 26.15
CA LEU G 157 -33.34 28.17 25.53
C LEU G 157 -33.88 26.89 24.90
N PRO G 158 -35.20 26.72 24.97
CA PRO G 158 -35.78 25.70 24.09
C PRO G 158 -35.42 25.99 22.64
N VAL G 159 -35.23 24.92 21.87
CA VAL G 159 -34.71 25.02 20.52
C VAL G 159 -35.79 24.68 19.49
N PRO G 160 -35.84 25.43 18.38
CA PRO G 160 -36.76 25.05 17.32
C PRO G 160 -36.55 23.60 16.88
N GLN G 161 -37.60 22.80 16.88
CA GLN G 161 -37.49 21.41 16.46
C GLN G 161 -37.16 21.20 14.98
N LEU G 162 -36.31 20.22 14.72
CA LEU G 162 -35.97 19.85 13.36
C LEU G 162 -37.02 18.91 12.85
N VAL G 163 -37.58 19.18 11.69
CA VAL G 163 -38.53 18.26 11.13
C VAL G 163 -37.93 17.63 9.87
N PRO G 164 -37.62 16.33 9.96
CA PRO G 164 -37.12 15.56 8.84
C PRO G 164 -38.21 15.35 7.80
N GLU G 165 -37.81 15.18 6.55
CA GLU G 165 -38.77 14.98 5.48
C GLU G 165 -38.50 13.75 4.63
N THR G 166 -37.25 13.58 4.20
CA THR G 166 -36.87 12.41 3.41
C THR G 166 -36.58 11.16 4.26
N GLU G 167 -36.26 10.06 3.57
CA GLU G 167 -35.92 8.80 4.23
C GLU G 167 -34.73 9.01 5.14
N ASP G 168 -33.65 9.51 4.55
CA ASP G 168 -32.36 9.62 5.24
C ASP G 168 -32.44 10.60 6.40
N GLU G 169 -33.28 11.61 6.25
CA GLU G 169 -33.41 12.62 7.30
C GLU G 169 -34.09 12.01 8.53
N LYS G 170 -35.03 11.10 8.29
CA LYS G 170 -35.65 10.36 9.41
C LYS G 170 -34.65 9.35 10.01
N LYS G 171 -33.89 8.68 9.15
CA LYS G 171 -32.86 7.78 9.62
C LYS G 171 -31.82 8.53 10.43
N ARG G 172 -31.27 9.60 9.87
CA ARG G 172 -30.22 10.36 10.55
C ARG G 172 -30.73 10.96 11.86
N PHE G 173 -31.99 11.36 11.87
CA PHE G 173 -32.61 11.87 13.08
C PHE G 173 -32.64 10.79 14.15
N GLU G 174 -33.03 9.59 13.74
CA GLU G 174 -33.10 8.43 14.65
C GLU G 174 -31.74 8.16 15.25
N GLU G 175 -30.73 8.00 14.40
CA GLU G 175 -29.36 7.77 14.85
C GLU G 175 -28.90 8.86 15.80
N GLY G 176 -29.32 10.09 15.53
CA GLY G 176 -29.05 11.22 16.41
C GLY G 176 -29.64 11.03 17.80
N LYS G 177 -30.93 10.69 17.85
CA LYS G 177 -31.57 10.41 19.14
C LYS G 177 -30.74 9.38 19.89
N GLY G 178 -30.34 8.32 19.18
CA GLY G 178 -29.47 7.30 19.72
C GLY G 178 -28.24 7.89 20.37
N ARG G 179 -27.46 8.64 19.59
CA ARG G 179 -26.21 9.22 20.09
C ARG G 179 -26.46 10.17 21.25
N TYR G 180 -27.64 10.81 21.23
CA TYR G 180 -28.00 11.77 22.26
C TYR G 180 -28.17 11.05 23.60
N LEU G 181 -28.97 9.99 23.59
CA LEU G 181 -29.23 9.20 24.80
C LEU G 181 -27.97 8.62 25.44
N GLN G 182 -27.12 8.00 24.64
CA GLN G 182 -25.86 7.46 25.13
C GLN G 182 -24.99 8.50 25.80
N MET G 183 -24.90 9.69 25.21
CA MET G 183 -24.09 10.75 25.80
C MET G 183 -24.60 11.17 27.18
N LYS G 184 -25.92 11.19 27.33
CA LYS G 184 -26.54 11.46 28.63
C LYS G 184 -26.18 10.38 29.66
N ALA G 185 -26.17 9.13 29.21
CA ALA G 185 -25.69 8.03 30.05
C ALA G 185 -24.19 8.16 30.36
N PRO H 33 21.42 59.77 -4.36
CA PRO H 33 21.70 59.32 -2.99
C PRO H 33 22.75 58.22 -2.96
N GLU H 34 23.99 58.57 -2.60
CA GLU H 34 25.16 57.68 -2.68
C GLU H 34 25.02 56.39 -1.86
N PRO H 35 25.52 55.25 -2.38
CA PRO H 35 25.51 54.00 -1.61
C PRO H 35 26.37 54.10 -0.35
N ASN H 36 26.04 53.30 0.67
CA ASN H 36 26.80 53.26 1.92
C ASN H 36 26.57 54.50 2.80
N THR H 37 25.60 55.31 2.39
CA THR H 37 25.17 56.50 3.12
C THR H 37 23.82 56.22 3.77
N VAL H 38 23.40 57.03 4.73
CA VAL H 38 22.15 56.72 5.42
C VAL H 38 20.94 56.87 4.51
N SER H 39 20.97 57.85 3.58
CA SER H 39 19.85 58.07 2.66
C SER H 39 19.59 56.85 1.79
N TYR H 40 20.65 56.10 1.51
CA TYR H 40 20.59 54.95 0.62
C TYR H 40 19.69 53.84 1.16
N SER H 41 19.73 53.63 2.47
CA SER H 41 19.03 52.52 3.11
C SER H 41 17.78 52.97 3.88
N GLN H 42 17.67 54.27 4.14
CA GLN H 42 16.56 54.84 4.89
C GLN H 42 15.26 54.25 4.40
N SER H 43 14.44 53.74 5.31
CA SER H 43 13.24 53.05 4.89
C SER H 43 12.14 53.30 5.88
N SER H 44 10.90 53.28 5.40
CA SER H 44 9.80 53.48 6.30
C SER H 44 8.61 52.66 5.90
N LEU H 45 7.62 52.66 6.77
CA LEU H 45 6.52 51.74 6.63
C LEU H 45 5.33 52.37 7.33
N ILE H 46 4.15 52.18 6.74
CA ILE H 46 2.94 52.86 7.19
C ILE H 46 1.83 51.83 7.37
N HIS H 47 1.22 51.81 8.54
CA HIS H 47 0.32 50.69 8.86
C HIS H 47 -0.97 51.21 9.44
N LEU H 48 -2.09 50.73 8.94
CA LEU H 48 -3.34 51.10 9.56
C LEU H 48 -3.67 50.14 10.69
N VAL H 49 -3.59 50.61 11.93
CA VAL H 49 -3.99 49.80 13.06
C VAL H 49 -5.37 49.21 12.85
N GLY H 50 -5.42 47.89 12.67
CA GLY H 50 -6.65 47.17 12.47
C GLY H 50 -7.10 46.50 13.75
N PRO H 51 -8.22 45.77 13.70
CA PRO H 51 -8.76 45.31 14.98
C PRO H 51 -7.99 44.12 15.55
N SER H 52 -7.33 43.36 14.68
CA SER H 52 -6.57 42.21 15.15
C SER H 52 -5.24 42.65 15.77
N ASP H 53 -4.95 43.94 15.72
CA ASP H 53 -3.74 44.45 16.32
C ASP H 53 -3.99 44.85 17.75
N CYS H 54 -5.23 44.71 18.22
CA CYS H 54 -5.60 45.42 19.43
C CYS H 54 -5.96 44.61 20.62
N THR H 55 -5.76 45.24 21.77
CA THR H 55 -6.07 44.65 23.03
C THR H 55 -7.60 44.69 23.17
N LEU H 56 -8.15 44.17 24.25
CA LEU H 56 -9.60 44.11 24.39
C LEU H 56 -10.18 45.51 24.65
N HIS H 57 -9.36 46.37 25.22
CA HIS H 57 -9.63 47.80 25.28
C HIS H 57 -9.13 48.34 23.94
N GLY H 58 -8.96 49.63 23.79
CA GLY H 58 -8.68 50.11 22.43
C GLY H 58 -7.25 50.08 21.90
N PHE H 59 -6.31 49.50 22.63
CA PHE H 59 -4.88 49.75 22.35
C PHE H 59 -4.06 48.64 21.65
N VAL H 60 -3.00 49.05 20.98
CA VAL H 60 -2.18 48.11 20.22
C VAL H 60 -1.21 47.40 21.14
N HIS H 61 -1.17 46.07 21.06
CA HIS H 61 -0.16 45.27 21.77
C HIS H 61 1.27 45.75 21.44
N GLY H 62 2.10 45.88 22.46
CA GLY H 62 3.50 46.23 22.26
C GLY H 62 4.14 45.29 21.25
N GLY H 63 3.69 44.03 21.26
CA GLY H 63 4.27 43.01 20.40
C GLY H 63 4.15 43.43 18.96
N VAL H 64 2.95 43.89 18.60
CA VAL H 64 2.67 44.31 17.23
C VAL H 64 3.58 45.46 16.84
N THR H 65 3.65 46.48 17.68
CA THR H 65 4.56 47.57 17.39
C THR H 65 6.02 47.07 17.24
N MET H 66 6.45 46.21 18.16
CA MET H 66 7.82 45.72 18.13
C MET H 66 8.08 44.96 16.84
N LYS H 67 7.17 44.10 16.46
CA LYS H 67 7.33 43.37 15.23
C LYS H 67 7.50 44.31 14.04
N LEU H 68 6.63 45.32 13.92
CA LEU H 68 6.73 46.27 12.79
C LEU H 68 8.09 46.98 12.85
N MET H 69 8.54 47.32 14.05
CA MET H 69 9.81 47.98 14.17
C MET H 69 10.95 47.09 13.69
N ASP H 70 10.87 45.79 13.96
CA ASP H 70 11.93 44.90 13.53
C ASP H 70 11.90 44.73 12.02
N GLU H 71 10.71 44.64 11.44
CA GLU H 71 10.60 44.56 9.98
C GLU H 71 11.29 45.73 9.28
N VAL H 72 11.05 46.94 9.76
CA VAL H 72 11.69 48.10 9.17
C VAL H 72 13.21 48.04 9.32
N ALA H 73 13.69 47.83 10.54
CA ALA H 73 15.12 47.71 10.77
C ALA H 73 15.75 46.66 9.87
N GLY H 74 15.06 45.54 9.71
CA GLY H 74 15.55 44.46 8.86
C GLY H 74 15.71 44.91 7.42
N ILE H 75 14.70 45.62 6.94
CA ILE H 75 14.77 46.14 5.59
C ILE H 75 15.94 47.11 5.42
N VAL H 76 16.07 48.05 6.34
CA VAL H 76 17.20 48.96 6.30
C VAL H 76 18.53 48.20 6.25
N ALA H 77 18.73 47.26 7.19
CA ALA H 77 19.92 46.44 7.23
C ALA H 77 20.15 45.73 5.90
N ALA H 78 19.12 45.09 5.37
CA ALA H 78 19.23 44.37 4.11
C ALA H 78 19.69 45.31 2.98
N ARG H 79 19.09 46.49 2.88
CA ARG H 79 19.46 47.43 1.82
C ARG H 79 20.93 47.76 1.91
N HIS H 80 21.40 47.99 3.12
CA HIS H 80 22.77 48.43 3.35
C HIS H 80 23.80 47.30 3.15
N CYS H 81 23.43 46.07 3.47
CA CYS H 81 24.35 44.95 3.40
C CYS H 81 24.26 44.17 2.11
N LYS H 82 23.08 44.23 1.50
CA LYS H 82 22.78 43.41 0.32
C LYS H 82 23.11 41.95 0.64
N THR H 83 22.81 41.54 1.87
CA THR H 83 23.17 40.20 2.32
C THR H 83 22.12 39.67 3.29
N ASN H 84 22.32 38.44 3.74
CA ASN H 84 21.51 37.90 4.81
C ASN H 84 21.85 38.62 6.11
N ILE H 85 20.80 38.97 6.86
CA ILE H 85 20.98 39.71 8.12
C ILE H 85 20.17 39.09 9.26
N VAL H 86 20.66 39.21 10.49
CA VAL H 86 19.86 38.83 11.67
C VAL H 86 19.98 39.88 12.76
N THR H 87 18.96 39.96 13.59
CA THR H 87 18.99 40.84 14.75
C THR H 87 19.92 40.29 15.80
N ALA H 88 20.84 41.11 16.32
CA ALA H 88 21.75 40.68 17.38
C ALA H 88 21.18 41.10 18.72
N SER H 89 20.74 42.35 18.79
CA SER H 89 20.14 42.88 19.99
C SER H 89 19.28 44.07 19.62
N VAL H 90 18.31 44.32 20.47
CA VAL H 90 17.53 45.53 20.41
C VAL H 90 17.77 46.12 21.77
N ASP H 91 18.08 47.40 21.83
CA ASP H 91 18.25 47.99 23.13
C ASP H 91 17.47 49.28 23.28
N ALA H 92 16.84 49.40 24.46
CA ALA H 92 16.02 50.56 24.78
C ALA H 92 14.83 50.70 23.87
N ILE H 93 13.87 49.82 23.99
CA ILE H 93 12.59 50.09 23.33
C ILE H 93 11.75 50.90 24.29
N ASN H 94 11.41 52.12 23.90
CA ASN H 94 10.60 53.00 24.74
C ASN H 94 9.25 53.29 24.15
N PHE H 95 8.20 53.01 24.90
CA PHE H 95 6.85 53.33 24.43
C PHE H 95 6.41 54.64 25.04
N HIS H 96 6.51 55.72 24.26
CA HIS H 96 6.22 57.07 24.76
C HIS H 96 4.73 57.32 24.93
N ASP H 97 3.91 56.52 24.25
CA ASP H 97 2.48 56.73 24.29
C ASP H 97 1.69 55.59 23.63
N LYS H 98 0.44 55.45 24.05
CA LYS H 98 -0.42 54.40 23.56
C LYS H 98 -0.83 54.67 22.12
N ILE H 99 -1.17 53.61 21.40
CA ILE H 99 -1.69 53.75 20.07
C ILE H 99 -3.06 53.10 20.01
N ARG H 100 -4.05 53.82 19.53
CA ARG H 100 -5.37 53.26 19.53
C ARG H 100 -5.80 52.74 18.18
N LYS H 101 -6.96 52.10 18.17
CA LYS H 101 -7.61 51.66 16.95
C LYS H 101 -7.83 52.85 16.03
N GLY H 102 -7.59 52.64 14.73
CA GLY H 102 -7.81 53.68 13.74
C GLY H 102 -6.77 54.78 13.72
N CYS H 103 -5.54 54.49 14.15
CA CYS H 103 -4.44 55.37 13.88
C CYS H 103 -3.79 54.81 12.67
N VAL H 104 -3.01 55.65 12.00
CA VAL H 104 -2.07 55.18 11.02
C VAL H 104 -0.75 55.39 11.68
N ILE H 105 0.07 54.35 11.78
CA ILE H 105 1.40 54.52 12.36
C ILE H 105 2.44 54.44 11.27
N THR H 106 3.38 55.36 11.34
CA THR H 106 4.50 55.39 10.45
C THR H 106 5.73 54.93 11.22
N ILE H 107 6.31 53.83 10.75
CA ILE H 107 7.53 53.32 11.34
C ILE H 107 8.66 53.62 10.39
N SER H 108 9.62 54.42 10.81
CA SER H 108 10.71 54.73 9.92
C SER H 108 12.04 54.37 10.55
N GLY H 109 12.94 53.86 9.73
CA GLY H 109 14.25 53.50 10.22
C GLY H 109 15.34 54.12 9.39
N ARG H 110 16.50 54.32 10.01
CA ARG H 110 17.70 54.75 9.31
C ARG H 110 18.92 54.25 10.05
N MET H 111 20.01 54.08 9.30
CA MET H 111 21.25 53.62 9.87
C MET H 111 21.90 54.75 10.68
N THR H 112 22.52 54.41 11.80
CA THR H 112 23.17 55.45 12.61
C THR H 112 24.63 55.22 12.77
N PHE H 113 25.01 53.96 12.94
CA PHE H 113 26.42 53.64 13.21
C PHE H 113 26.75 52.24 12.73
N THR H 114 27.96 52.04 12.25
CA THR H 114 28.44 50.69 11.98
C THR H 114 29.74 50.45 12.74
N SER H 115 29.90 49.24 13.27
CA SER H 115 31.21 48.82 13.75
C SER H 115 31.82 48.04 12.60
N ASN H 116 32.79 47.18 12.88
CA ASN H 116 33.34 46.34 11.83
C ASN H 116 32.37 45.24 11.40
N LYS H 117 31.67 44.64 12.35
CA LYS H 117 30.80 43.52 12.03
C LYS H 117 29.33 43.70 12.43
N SER H 118 28.96 44.91 12.83
CA SER H 118 27.57 45.16 13.28
C SER H 118 27.02 46.50 12.84
N MET H 119 25.70 46.59 12.71
CA MET H 119 25.02 47.81 12.25
C MET H 119 23.99 48.28 13.23
N GLU H 120 23.99 49.58 13.54
CA GLU H 120 22.98 50.12 14.43
C GLU H 120 21.98 50.91 13.63
N ILE H 121 20.70 50.60 13.84
CA ILE H 121 19.63 51.27 13.14
C ILE H 121 18.61 51.82 14.12
N GLU H 122 18.25 53.08 13.92
CA GLU H 122 17.29 53.75 14.79
C GLU H 122 15.90 53.65 14.17
N VAL H 123 14.94 53.17 14.94
CA VAL H 123 13.60 53.08 14.45
C VAL H 123 12.72 53.99 15.28
N LEU H 124 11.92 54.83 14.61
CA LEU H 124 10.97 55.72 15.26
C LEU H 124 9.56 55.39 14.81
N VAL H 125 8.61 55.40 15.75
CA VAL H 125 7.22 55.16 15.39
C VAL H 125 6.37 56.38 15.72
N ASP H 126 5.63 56.88 14.72
CA ASP H 126 4.75 58.04 14.92
C ASP H 126 3.33 57.63 14.60
N ALA H 127 2.35 58.36 15.15
CA ALA H 127 0.94 57.97 14.96
C ALA H 127 0.07 59.16 14.60
N ASP H 128 -0.71 59.03 13.53
CA ASP H 128 -1.74 60.01 13.19
C ASP H 128 -3.09 59.40 13.51
N PRO H 129 -3.97 60.14 14.19
CA PRO H 129 -5.36 59.73 14.20
C PRO H 129 -6.01 60.02 12.84
N VAL H 130 -7.21 59.48 12.61
CA VAL H 130 -8.01 59.82 11.43
C VAL H 130 -8.81 61.15 11.57
N VAL H 131 -9.31 61.42 12.78
CA VAL H 131 -10.18 62.57 13.07
C VAL H 131 -9.38 63.77 13.59
N ASP H 132 -8.61 64.41 12.71
CA ASP H 132 -7.64 65.42 13.14
C ASP H 132 -8.27 66.51 14.00
N LYS H 136 -3.72 65.18 16.93
CA LYS H 136 -2.41 65.65 16.46
C LYS H 136 -1.36 64.53 16.45
N ARG H 137 -0.57 64.47 15.37
CA ARG H 137 0.49 63.48 15.19
C ARG H 137 1.47 63.48 16.36
N TYR H 138 1.83 62.30 16.86
CA TYR H 138 2.72 62.21 18.02
C TYR H 138 3.71 61.04 17.94
N ARG H 139 4.83 61.18 18.67
CA ARG H 139 5.84 60.13 18.77
C ARG H 139 5.39 59.01 19.70
N ALA H 140 5.37 57.78 19.22
CA ALA H 140 4.76 56.70 20.00
C ALA H 140 5.79 55.75 20.56
N ALA H 141 6.84 55.50 19.79
CA ALA H 141 7.86 54.57 20.25
C ALA H 141 9.18 54.80 19.56
N SER H 142 10.25 54.23 20.11
CA SER H 142 11.57 54.35 19.51
C SER H 142 12.48 53.23 20.00
N ALA H 143 13.54 52.95 19.26
CA ALA H 143 14.47 51.90 19.64
C ALA H 143 15.74 51.94 18.82
N PHE H 144 16.81 51.33 19.34
CA PHE H 144 18.00 51.10 18.52
C PHE H 144 18.19 49.60 18.25
N PHE H 145 18.04 49.19 17.00
CA PHE H 145 18.26 47.80 16.64
C PHE H 145 19.69 47.60 16.22
N THR H 146 20.23 46.43 16.55
CA THR H 146 21.59 46.06 16.14
C THR H 146 21.54 44.80 15.31
N TYR H 147 22.03 44.90 14.08
CA TYR H 147 21.98 43.77 13.18
C TYR H 147 23.36 43.31 12.83
N VAL H 148 23.43 42.09 12.33
CA VAL H 148 24.68 41.46 11.96
C VAL H 148 24.48 40.80 10.60
N SER H 149 25.49 40.88 9.74
CA SER H 149 25.41 40.30 8.40
C SER H 149 25.95 38.87 8.37
N LEU H 150 25.18 37.96 7.78
CA LEU H 150 25.56 36.55 7.72
C LEU H 150 25.71 36.04 6.29
N SER H 151 26.70 35.18 6.08
CA SER H 151 26.86 34.49 4.81
C SER H 151 25.81 33.39 4.68
N GLN H 152 25.82 32.70 3.53
CA GLN H 152 24.88 31.61 3.30
C GLN H 152 25.11 30.46 4.30
N GLU H 153 26.39 30.21 4.62
CA GLU H 153 26.75 29.20 5.60
C GLU H 153 26.34 29.61 7.02
N GLY H 154 26.17 30.92 7.24
CA GLY H 154 25.75 31.44 8.55
C GLY H 154 26.86 32.05 9.40
N ARG H 155 28.02 32.31 8.80
CA ARG H 155 29.11 32.97 9.51
C ARG H 155 28.97 34.49 9.47
N SER H 156 29.52 35.17 10.48
CA SER H 156 29.42 36.63 10.56
C SER H 156 30.44 37.36 9.66
N LEU H 157 29.97 38.38 8.94
CA LEU H 157 30.77 39.06 7.91
C LEU H 157 31.18 40.48 8.27
N PRO H 158 32.35 40.93 7.76
CA PRO H 158 32.59 42.38 7.80
C PRO H 158 31.47 43.13 7.09
N VAL H 159 31.14 44.30 7.61
CA VAL H 159 29.98 45.05 7.17
C VAL H 159 30.40 46.32 6.43
N PRO H 160 29.71 46.65 5.33
CA PRO H 160 30.00 47.91 4.63
C PRO H 160 29.90 49.09 5.61
N GLN H 161 30.91 49.94 5.62
CA GLN H 161 30.92 51.07 6.55
C GLN H 161 29.90 52.14 6.20
N LEU H 162 29.29 52.74 7.23
CA LEU H 162 28.38 53.85 7.03
C LEU H 162 29.19 55.13 6.98
N VAL H 163 28.97 55.93 5.95
CA VAL H 163 29.67 57.21 5.88
C VAL H 163 28.70 58.37 6.06
N PRO H 164 28.77 59.02 7.22
CA PRO H 164 27.91 60.16 7.53
C PRO H 164 28.31 61.36 6.68
N GLU H 165 27.36 62.25 6.42
CA GLU H 165 27.63 63.40 5.58
C GLU H 165 27.21 64.71 6.24
N THR H 166 26.00 64.75 6.80
CA THR H 166 25.52 65.97 7.45
C THR H 166 26.01 66.08 8.89
N GLU H 167 25.62 67.17 9.55
CA GLU H 167 25.98 67.42 10.94
C GLU H 167 25.43 66.31 11.82
N ASP H 168 24.12 66.11 11.71
CA ASP H 168 23.40 65.18 12.57
C ASP H 168 23.87 63.75 12.35
N GLU H 169 24.23 63.42 11.12
CA GLU H 169 24.70 62.09 10.80
C GLU H 169 26.02 61.78 11.49
N LYS H 170 26.88 62.79 11.61
CA LYS H 170 28.13 62.64 12.36
C LYS H 170 27.87 62.57 13.87
N LYS H 171 26.90 63.35 14.33
CA LYS H 171 26.53 63.33 15.74
C LYS H 171 25.92 61.98 16.11
N ARG H 172 24.93 61.55 15.33
CA ARG H 172 24.27 60.26 15.58
C ARG H 172 25.25 59.10 15.49
N PHE H 173 26.21 59.19 14.58
CA PHE H 173 27.24 58.18 14.47
C PHE H 173 28.09 58.14 15.74
N GLU H 174 28.41 59.31 16.26
CA GLU H 174 29.22 59.42 17.47
C GLU H 174 28.49 58.79 18.64
N GLU H 175 27.23 59.18 18.82
CA GLU H 175 26.40 58.64 19.90
C GLU H 175 26.29 57.13 19.76
N GLY H 176 26.24 56.66 18.51
CA GLY H 176 26.22 55.22 18.23
C GLY H 176 27.47 54.51 18.70
N LYS H 177 28.63 55.04 18.34
CA LYS H 177 29.89 54.49 18.82
C LYS H 177 29.84 54.39 20.35
N GLY H 178 29.33 55.43 21.00
CA GLY H 178 29.18 55.45 22.45
C GLY H 178 28.35 54.29 22.95
N ARG H 179 27.14 54.14 22.41
CA ARG H 179 26.24 53.06 22.82
C ARG H 179 26.86 51.70 22.54
N TYR H 180 27.65 51.62 21.46
CA TYR H 180 28.28 50.38 21.08
C TYR H 180 29.31 49.94 22.13
N LEU H 181 30.17 50.88 22.51
CA LEU H 181 31.20 50.60 23.48
C LEU H 181 30.62 50.16 24.82
N GLN H 182 29.65 50.90 25.33
CA GLN H 182 29.02 50.52 26.60
C GLN H 182 28.42 49.12 26.57
N MET H 183 27.78 48.75 25.47
CA MET H 183 27.19 47.42 25.36
C MET H 183 28.24 46.32 25.44
N LYS H 184 29.39 46.55 24.82
CA LYS H 184 30.49 45.61 24.95
C LYS H 184 30.98 45.49 26.39
N ALA H 185 30.98 46.60 27.11
CA ALA H 185 31.32 46.58 28.53
C ALA H 185 30.27 45.81 29.33
N LYS H 186 29.01 46.13 29.12
CA LYS H 186 27.91 45.44 29.80
C LYS H 186 28.05 43.92 29.71
N ARG H 187 27.91 43.39 28.49
CA ARG H 187 28.08 41.97 28.23
C ARG H 187 29.57 41.72 28.18
N GLN H 188 30.04 40.80 29.00
CA GLN H 188 31.48 40.61 29.25
C GLN H 188 32.43 41.18 28.18
N PRO I 33 -1.01 28.84 45.47
CA PRO I 33 -0.10 29.93 45.08
C PRO I 33 -0.70 31.29 45.37
N GLU I 34 -0.26 31.92 46.45
CA GLU I 34 -0.85 33.16 46.97
C GLU I 34 -0.81 34.33 45.98
N PRO I 35 -1.86 35.18 45.97
CA PRO I 35 -1.88 36.37 45.11
C PRO I 35 -0.78 37.36 45.49
N ASN I 36 -0.34 38.16 44.51
CA ASN I 36 0.68 39.19 44.74
C ASN I 36 2.11 38.65 44.92
N THR I 37 2.32 37.39 44.58
CA THR I 37 3.64 36.76 44.68
C THR I 37 4.07 36.42 43.27
N VAL I 38 5.33 36.09 43.03
CA VAL I 38 5.72 35.82 41.66
C VAL I 38 5.05 34.57 41.11
N SER I 39 4.88 33.56 41.95
CA SER I 39 4.27 32.30 41.52
C SER I 39 2.85 32.49 40.99
N TYR I 40 2.19 33.55 41.48
CA TYR I 40 0.79 33.80 41.16
C TYR I 40 0.57 34.17 39.72
N SER I 41 1.51 34.94 39.17
CA SER I 41 1.40 35.49 37.82
C SER I 41 2.31 34.80 36.81
N GLN I 42 3.29 34.04 37.31
CA GLN I 42 4.27 33.35 36.47
C GLN I 42 3.55 32.68 35.33
N SER I 43 4.00 32.93 34.11
CA SER I 43 3.26 32.44 32.95
C SER I 43 4.20 31.99 31.86
N SER I 44 3.77 31.03 31.04
CA SER I 44 4.64 30.60 29.96
C SER I 44 3.88 30.14 28.72
N LEU I 45 4.61 30.00 27.64
CA LEU I 45 4.00 29.85 26.37
C LEU I 45 4.92 29.01 25.52
N ILE I 46 4.35 28.11 24.70
CA ILE I 46 5.11 27.17 23.94
C ILE I 46 4.68 27.31 22.50
N HIS I 47 5.62 27.42 21.58
CA HIS I 47 5.25 27.71 20.20
C HIS I 47 6.09 26.88 19.24
N LEU I 48 5.43 26.21 18.30
CA LEU I 48 6.17 25.44 17.33
C LEU I 48 6.54 26.34 16.14
N VAL I 49 7.82 26.64 15.99
CA VAL I 49 8.27 27.46 14.87
C VAL I 49 7.75 26.90 13.56
N GLY I 50 6.84 27.64 12.91
CA GLY I 50 6.26 27.22 11.64
C GLY I 50 6.94 27.95 10.50
N PRO I 51 6.48 27.72 9.27
CA PRO I 51 7.25 28.29 8.16
C PRO I 51 7.01 29.79 7.99
N SER I 52 5.85 30.27 8.45
CA SER I 52 5.55 31.68 8.29
C SER I 52 6.29 32.52 9.34
N ASP I 53 7.03 31.83 10.22
CA ASP I 53 7.82 32.49 11.24
C ASP I 53 9.24 32.74 10.76
N CYS I 54 9.52 32.33 9.53
CA CYS I 54 10.90 32.21 9.15
C CYS I 54 11.40 33.10 8.04
N THR I 55 12.70 33.35 8.11
CA THR I 55 13.40 34.11 7.12
C THR I 55 13.56 33.21 5.89
N LEU I 56 14.12 33.72 4.80
CA LEU I 56 14.26 32.93 3.58
C LEU I 56 15.28 31.79 3.76
N HIS I 57 16.21 32.01 4.67
CA HIS I 57 17.08 30.94 5.16
C HIS I 57 16.31 30.29 6.31
N GLY I 58 16.95 29.47 7.12
CA GLY I 58 16.17 28.72 8.09
C GLY I 58 15.68 29.40 9.37
N PHE I 59 15.88 30.71 9.54
CA PHE I 59 15.79 31.31 10.89
C PHE I 59 14.58 32.18 11.22
N VAL I 60 14.25 32.27 12.49
CA VAL I 60 13.11 33.04 12.95
C VAL I 60 13.42 34.53 13.03
N HIS I 61 12.57 35.35 12.41
CA HIS I 61 12.68 36.81 12.54
C HIS I 61 12.66 37.22 14.00
N GLY I 62 13.51 38.18 14.35
CA GLY I 62 13.52 38.69 15.72
C GLY I 62 12.18 39.29 16.11
N GLY I 63 11.48 39.84 15.13
CA GLY I 63 10.15 40.40 15.34
C GLY I 63 9.15 39.39 15.90
N VAL I 64 9.14 38.21 15.30
CA VAL I 64 8.35 37.10 15.82
C VAL I 64 8.73 36.78 17.28
N THR I 65 10.01 36.58 17.53
CA THR I 65 10.37 36.30 18.90
C THR I 65 9.91 37.43 19.84
N MET I 66 10.09 38.68 19.40
CA MET I 66 9.81 39.82 20.29
C MET I 66 8.33 39.86 20.57
N LYS I 67 7.53 39.64 19.55
CA LYS I 67 6.09 39.60 19.74
C LYS I 67 5.64 38.57 20.78
N LEU I 68 6.10 37.33 20.61
CA LEU I 68 5.82 36.28 21.58
C LEU I 68 6.25 36.73 22.97
N MET I 69 7.43 37.32 23.10
CA MET I 69 7.89 37.72 24.39
C MET I 69 6.93 38.74 24.98
N ASP I 70 6.43 39.66 24.14
CA ASP I 70 5.55 40.71 24.66
C ASP I 70 4.23 40.12 25.10
N GLU I 71 3.71 39.18 24.32
CA GLU I 71 2.50 38.48 24.72
C GLU I 71 2.62 37.87 26.12
N VAL I 72 3.73 37.19 26.41
CA VAL I 72 3.84 36.55 27.70
C VAL I 72 3.92 37.60 28.79
N ALA I 73 4.78 38.60 28.60
CA ALA I 73 4.93 39.67 29.60
C ALA I 73 3.56 40.28 29.89
N GLY I 74 2.81 40.55 28.81
CA GLY I 74 1.49 41.13 28.95
C GLY I 74 0.60 40.29 29.85
N ILE I 75 0.51 38.99 29.54
CA ILE I 75 -0.25 38.07 30.36
C ILE I 75 0.21 38.12 31.82
N VAL I 76 1.52 38.09 32.07
CA VAL I 76 2.00 38.14 33.46
C VAL I 76 1.48 39.40 34.12
N ALA I 77 1.64 40.53 33.43
CA ALA I 77 1.23 41.82 33.98
C ALA I 77 -0.26 41.81 34.29
N ALA I 78 -1.05 41.37 33.30
CA ALA I 78 -2.48 41.26 33.49
C ALA I 78 -2.84 40.43 34.71
N ARG I 79 -2.29 39.23 34.85
CA ARG I 79 -2.59 38.39 36.02
C ARG I 79 -2.32 39.15 37.30
N HIS I 80 -1.23 39.90 37.33
CA HIS I 80 -0.79 40.55 38.57
C HIS I 80 -1.61 41.80 38.89
N CYS I 81 -2.08 42.50 37.87
CA CYS I 81 -2.80 43.76 38.06
C CYS I 81 -4.30 43.60 38.04
N LYS I 82 -4.76 42.56 37.34
CA LYS I 82 -6.17 42.35 37.09
C LYS I 82 -6.77 43.62 36.51
N THR I 83 -5.98 44.30 35.69
CA THR I 83 -6.41 45.57 35.11
C THR I 83 -5.92 45.71 33.68
N ASN I 84 -6.26 46.83 33.05
CA ASN I 84 -5.69 47.15 31.75
C ASN I 84 -4.22 47.51 31.91
N ILE I 85 -3.38 47.01 31.01
CA ILE I 85 -1.92 47.22 31.10
C ILE I 85 -1.35 47.65 29.76
N VAL I 86 -0.29 48.45 29.77
CA VAL I 86 0.46 48.72 28.54
C VAL I 86 1.96 48.65 28.76
N THR I 87 2.69 48.33 27.69
CA THR I 87 4.13 48.31 27.72
C THR I 87 4.63 49.74 27.83
N ALA I 88 5.50 50.00 28.80
CA ALA I 88 6.17 51.31 28.94
C ALA I 88 7.55 51.30 28.31
N SER I 89 8.31 50.26 28.58
CA SER I 89 9.56 50.08 27.89
C SER I 89 9.98 48.61 27.94
N VAL I 90 10.81 48.22 26.98
CA VAL I 90 11.48 46.96 27.02
C VAL I 90 12.93 47.34 26.99
N ASP I 91 13.71 46.76 27.89
CA ASP I 91 15.09 47.11 27.84
C ASP I 91 15.96 45.88 27.81
N ALA I 92 17.01 45.94 26.99
CA ALA I 92 17.98 44.85 26.85
C ALA I 92 17.35 43.58 26.32
N ILE I 93 16.89 43.60 25.07
CA ILE I 93 16.53 42.36 24.42
C ILE I 93 17.79 41.74 23.81
N ASN I 94 18.19 40.58 24.32
CA ASN I 94 19.40 39.93 23.82
C ASN I 94 19.09 38.64 23.10
N PHE I 95 19.61 38.52 21.89
CA PHE I 95 19.44 37.28 21.15
C PHE I 95 20.69 36.44 21.26
N HIS I 96 20.65 35.46 22.16
CA HIS I 96 21.84 34.66 22.47
C HIS I 96 22.15 33.66 21.38
N ASP I 97 21.15 33.32 20.58
CA ASP I 97 21.34 32.31 19.54
C ASP I 97 20.16 32.25 18.59
N LYS I 98 20.44 31.79 17.36
CA LYS I 98 19.41 31.68 16.34
C LYS I 98 18.40 30.58 16.65
N ILE I 99 17.20 30.71 16.10
CA ILE I 99 16.21 29.67 16.23
C ILE I 99 15.83 29.20 14.84
N ARG I 100 15.95 27.91 14.57
CA ARG I 100 15.68 27.44 13.22
C ARG I 100 14.37 26.66 13.14
N LYS I 101 13.82 26.60 11.93
CA LYS I 101 12.60 25.85 11.63
C LYS I 101 12.53 24.56 12.41
N GLY I 102 11.37 24.26 12.97
CA GLY I 102 11.12 23.01 13.67
C GLY I 102 11.72 22.93 15.07
N CYS I 103 11.86 24.07 15.72
CA CYS I 103 12.17 24.07 17.13
C CYS I 103 10.85 24.27 17.80
N VAL I 104 10.77 23.89 19.06
CA VAL I 104 9.70 24.35 19.86
C VAL I 104 10.35 25.37 20.76
N ILE I 105 9.80 26.59 20.83
CA ILE I 105 10.37 27.55 21.74
C ILE I 105 9.44 27.73 22.90
N THR I 106 10.03 27.81 24.09
CA THR I 106 9.30 28.08 25.31
C THR I 106 9.65 29.48 25.79
N ILE I 107 8.62 30.32 25.89
CA ILE I 107 8.78 31.69 26.34
C ILE I 107 8.17 31.72 27.71
N SER I 108 8.95 32.05 28.73
CA SER I 108 8.39 32.12 30.07
C SER I 108 8.67 33.44 30.70
N GLY I 109 7.71 33.95 31.47
CA GLY I 109 7.84 35.24 32.07
C GLY I 109 7.49 35.17 33.52
N ARG I 110 8.09 36.04 34.31
CA ARG I 110 7.77 36.13 35.72
C ARG I 110 8.09 37.53 36.20
N MET I 111 7.38 37.95 37.24
CA MET I 111 7.54 39.29 37.73
C MET I 111 8.84 39.36 38.53
N THR I 112 9.57 40.45 38.45
CA THR I 112 10.81 40.57 39.22
C THR I 112 10.77 41.70 40.20
N PHE I 113 10.21 42.84 39.79
CA PHE I 113 10.23 44.01 40.65
C PHE I 113 9.03 44.89 40.36
N THR I 114 8.54 45.60 41.37
CA THR I 114 7.50 46.59 41.14
C THR I 114 7.95 47.89 41.77
N SER I 115 7.68 49.01 41.11
CA SER I 115 7.83 50.32 41.78
C SER I 115 6.43 50.67 42.27
N ASN I 116 6.16 51.96 42.50
CA ASN I 116 4.80 52.35 42.86
C ASN I 116 3.81 52.24 41.69
N LYS I 117 4.26 52.61 40.50
CA LYS I 117 3.35 52.64 39.36
C LYS I 117 3.78 51.78 38.17
N SER I 118 4.82 50.98 38.33
CA SER I 118 5.33 50.17 37.22
C SER I 118 5.76 48.76 37.64
N MET I 119 5.74 47.84 36.69
CA MET I 119 6.08 46.43 36.92
C MET I 119 7.18 45.95 35.99
N GLU I 120 8.21 45.31 36.55
CA GLU I 120 9.25 44.71 35.73
C GLU I 120 9.06 43.21 35.61
N ILE I 121 9.02 42.72 34.37
CA ILE I 121 8.85 41.31 34.12
C ILE I 121 9.98 40.76 33.27
N GLU I 122 10.56 39.64 33.71
CA GLU I 122 11.65 39.00 33.01
C GLU I 122 11.15 37.91 32.10
N VAL I 123 11.49 38.01 30.81
CA VAL I 123 11.06 36.99 29.88
C VAL I 123 12.26 36.25 29.33
N LEU I 124 12.18 34.93 29.36
CA LEU I 124 13.25 34.08 28.86
C LEU I 124 12.71 33.20 27.77
N VAL I 125 13.49 33.02 26.71
CA VAL I 125 13.11 32.14 25.61
C VAL I 125 14.10 30.98 25.45
N ASP I 126 13.61 29.75 25.55
CA ASP I 126 14.43 28.58 25.33
C ASP I 126 13.99 27.80 24.09
N ALA I 127 14.88 26.99 23.52
CA ALA I 127 14.55 26.29 22.30
C ALA I 127 14.93 24.81 22.34
N ASP I 128 13.96 23.95 22.03
CA ASP I 128 14.22 22.51 21.83
C ASP I 128 14.13 22.21 20.35
N PRO I 129 15.14 21.52 19.80
CA PRO I 129 14.94 20.89 18.49
C PRO I 129 14.02 19.67 18.60
N VAL I 130 13.55 19.19 17.44
CA VAL I 130 12.61 18.05 17.38
C VAL I 130 13.08 16.89 16.49
N VAL I 131 12.95 17.04 15.17
CA VAL I 131 13.15 15.93 14.19
C VAL I 131 14.48 15.13 14.33
N ASP I 132 15.37 15.62 15.19
CA ASP I 132 16.59 14.90 15.61
C ASP I 132 17.08 15.35 16.99
N SER I 133 17.45 14.39 17.84
CA SER I 133 17.93 14.73 19.16
C SER I 133 19.45 14.56 19.28
N SER I 134 20.17 15.21 18.38
CA SER I 134 21.62 15.37 18.51
C SER I 134 21.95 16.86 18.70
N GLN I 135 20.91 17.63 19.05
CA GLN I 135 21.05 19.03 19.45
C GLN I 135 20.34 19.14 20.80
N LYS I 136 20.79 20.04 21.68
CA LYS I 136 20.28 20.11 23.06
C LYS I 136 19.68 21.47 23.46
N ARG I 137 18.59 21.43 24.23
CA ARG I 137 17.87 22.62 24.67
C ARG I 137 18.80 23.77 25.04
N TYR I 138 18.53 24.97 24.54
CA TYR I 138 19.41 26.11 24.78
C TYR I 138 18.64 27.41 24.99
N ARG I 139 19.30 28.36 25.63
CA ARG I 139 18.74 29.70 25.86
C ARG I 139 18.86 30.54 24.60
N ALA I 140 17.74 31.09 24.11
CA ALA I 140 17.76 31.79 22.83
C ALA I 140 17.67 33.29 22.95
N ALA I 141 16.86 33.76 23.88
CA ALA I 141 16.68 35.18 24.04
C ALA I 141 16.25 35.54 25.44
N SER I 142 16.28 36.81 25.78
CA SER I 142 15.88 37.27 27.11
C SER I 142 15.59 38.76 27.06
N ALA I 143 14.84 39.27 28.03
CA ALA I 143 14.55 40.70 28.08
C ALA I 143 13.86 41.07 29.39
N PHE I 144 13.98 42.33 29.78
CA PHE I 144 13.16 42.85 30.86
C PHE I 144 12.07 43.79 30.32
N PHE I 145 10.81 43.36 30.40
CA PHE I 145 9.70 44.24 30.06
C PHE I 145 9.28 45.10 31.25
N THR I 146 8.79 46.31 30.95
CA THR I 146 8.26 47.19 31.98
C THR I 146 6.87 47.61 31.60
N TYR I 147 5.91 47.24 32.44
CA TYR I 147 4.51 47.51 32.13
C TYR I 147 3.95 48.53 33.11
N VAL I 148 2.83 49.13 32.71
CA VAL I 148 2.16 50.12 33.51
C VAL I 148 0.66 49.81 33.48
N SER I 149 -0.03 50.06 34.59
CA SER I 149 -1.45 49.76 34.75
C SER I 149 -2.31 51.00 34.56
N LEU I 150 -3.38 50.85 33.78
CA LEU I 150 -4.27 51.96 33.47
C LEU I 150 -5.68 51.73 33.98
N SER I 151 -6.31 52.81 34.43
CA SER I 151 -7.73 52.80 34.75
C SER I 151 -8.57 52.82 33.49
N GLN I 152 -9.89 52.71 33.66
CA GLN I 152 -10.80 52.80 32.52
C GLN I 152 -10.71 54.14 31.79
N GLU I 153 -10.51 55.22 32.55
CA GLU I 153 -10.32 56.55 31.97
C GLU I 153 -8.96 56.70 31.27
N GLY I 154 -7.99 55.85 31.64
CA GLY I 154 -6.70 55.82 30.99
C GLY I 154 -5.57 56.46 31.77
N ARG I 155 -5.80 56.70 33.06
CA ARG I 155 -4.77 57.26 33.94
C ARG I 155 -3.87 56.17 34.54
N SER I 156 -2.62 56.52 34.84
CA SER I 156 -1.67 55.55 35.37
C SER I 156 -1.93 55.28 36.85
N LEU I 157 -2.16 53.99 37.17
CA LEU I 157 -2.60 53.54 38.51
C LEU I 157 -1.48 53.06 39.44
N PRO I 158 -1.66 53.27 40.75
CA PRO I 158 -0.77 52.53 41.65
C PRO I 158 -0.90 51.02 41.40
N VAL I 159 0.20 50.31 41.56
CA VAL I 159 0.29 48.92 41.20
C VAL I 159 0.41 48.03 42.43
N PRO I 160 -0.29 46.88 42.44
CA PRO I 160 -0.11 45.93 43.56
C PRO I 160 1.36 45.58 43.77
N GLN I 161 1.85 45.67 44.98
CA GLN I 161 3.26 45.39 45.21
C GLN I 161 3.62 43.90 45.09
N LEU I 162 4.80 43.63 44.57
CA LEU I 162 5.29 42.27 44.47
C LEU I 162 5.96 41.93 45.76
N VAL I 163 5.59 40.80 46.37
CA VAL I 163 6.28 40.40 47.60
C VAL I 163 7.11 39.14 47.36
N PRO I 164 8.43 39.30 47.35
CA PRO I 164 9.35 38.20 47.14
C PRO I 164 9.35 37.29 48.36
N GLU I 165 9.65 36.02 48.16
CA GLU I 165 9.64 35.05 49.26
C GLU I 165 10.95 34.26 49.37
N THR I 166 11.45 33.76 48.26
CA THR I 166 12.70 32.99 48.28
C THR I 166 13.93 33.89 48.20
N GLU I 167 15.10 33.26 48.24
CA GLU I 167 16.38 33.96 48.15
C GLU I 167 16.45 34.74 46.85
N ASP I 168 16.25 34.01 45.76
CA ASP I 168 16.43 34.55 44.42
C ASP I 168 15.43 35.64 44.14
N GLU I 169 14.23 35.50 44.68
CA GLU I 169 13.18 36.49 44.47
C GLU I 169 13.56 37.81 45.12
N LYS I 170 14.22 37.74 46.27
CA LYS I 170 14.72 38.96 46.89
C LYS I 170 15.90 39.52 46.10
N LYS I 171 16.73 38.63 45.58
CA LYS I 171 17.88 39.06 44.79
C LYS I 171 17.42 39.73 43.50
N ARG I 172 16.55 39.04 42.77
CA ARG I 172 16.02 39.58 41.51
C ARG I 172 15.24 40.88 41.70
N PHE I 173 14.54 40.99 42.81
CA PHE I 173 13.86 42.24 43.18
C PHE I 173 14.88 43.36 43.36
N GLU I 174 15.97 43.06 44.03
CA GLU I 174 17.01 44.05 44.30
C GLU I 174 17.56 44.55 42.96
N GLU I 175 17.98 43.61 42.12
CA GLU I 175 18.56 43.92 40.83
C GLU I 175 17.58 44.78 40.03
N GLY I 176 16.29 44.44 40.15
CA GLY I 176 15.23 45.21 39.52
C GLY I 176 15.19 46.64 39.99
N LYS I 177 15.22 46.85 41.30
CA LYS I 177 15.26 48.20 41.84
C LYS I 177 16.43 48.94 41.20
N GLY I 178 17.58 48.28 41.13
CA GLY I 178 18.78 48.86 40.49
C GLY I 178 18.50 49.30 39.06
N ARG I 179 18.04 48.38 38.23
CA ARG I 179 17.74 48.71 36.85
C ARG I 179 16.71 49.83 36.74
N TYR I 180 15.80 49.88 37.72
CA TYR I 180 14.73 50.88 37.71
C TYR I 180 15.33 52.26 37.91
N LEU I 181 16.18 52.39 38.94
CA LEU I 181 16.79 53.66 39.26
C LEU I 181 17.63 54.21 38.11
N GLN I 182 18.47 53.36 37.52
CA GLN I 182 19.29 53.77 36.38
C GLN I 182 18.46 54.29 35.20
N MET I 183 17.37 53.62 34.88
CA MET I 183 16.52 54.07 33.80
C MET I 183 15.93 55.45 34.05
N LYS I 184 15.53 55.72 35.30
CA LYS I 184 15.07 57.06 35.68
C LYS I 184 16.17 58.10 35.42
N ALA I 185 17.42 57.75 35.74
CA ALA I 185 18.56 58.61 35.48
C ALA I 185 18.74 58.90 33.97
N LYS I 186 18.61 57.92 33.09
CA LYS I 186 18.73 58.21 31.65
C LYS I 186 17.67 59.21 31.13
N THR J 37 -16.93 22.08 -17.61
CA THR J 37 -18.31 22.63 -17.54
C THR J 37 -18.46 23.56 -16.33
N VAL J 38 -19.47 24.43 -16.30
CA VAL J 38 -19.55 25.37 -15.15
C VAL J 38 -19.84 24.68 -13.82
N SER J 39 -20.63 23.61 -13.85
CA SER J 39 -20.97 22.88 -12.64
C SER J 39 -19.74 22.31 -11.93
N TYR J 40 -18.69 22.09 -12.71
CA TYR J 40 -17.52 21.35 -12.25
C TYR J 40 -16.72 22.20 -11.32
N SER J 41 -16.66 23.49 -11.60
CA SER J 41 -15.85 24.42 -10.74
C SER J 41 -16.69 25.30 -9.84
N GLN J 42 -17.99 25.34 -10.10
CA GLN J 42 -18.90 26.17 -9.32
C GLN J 42 -18.57 26.02 -7.85
N SER J 43 -18.32 27.11 -7.14
CA SER J 43 -17.90 27.02 -5.73
C SER J 43 -18.56 28.13 -4.91
N SER J 44 -18.68 27.94 -3.60
CA SER J 44 -19.30 28.96 -2.79
C SER J 44 -18.81 28.90 -1.36
N LEU J 45 -19.15 29.90 -0.57
CA LEU J 45 -18.44 30.11 0.63
C LEU J 45 -19.37 30.87 1.54
N ILE J 46 -19.33 30.61 2.85
CA ILE J 46 -20.35 31.11 3.72
C ILE J 46 -19.57 31.67 4.88
N HIS J 47 -19.89 32.89 5.33
CA HIS J 47 -19.06 33.59 6.28
C HIS J 47 -19.92 34.36 7.28
N LEU J 48 -19.63 34.23 8.56
CA LEU J 48 -20.46 34.88 9.53
C LEU J 48 -19.76 36.19 9.87
N VAL J 49 -20.36 37.29 9.46
CA VAL J 49 -19.79 38.58 9.73
C VAL J 49 -19.49 38.68 11.19
N GLY J 50 -18.21 38.78 11.53
CA GLY J 50 -17.81 38.89 12.94
C GLY J 50 -17.44 40.30 13.21
N PRO J 51 -16.95 40.59 14.42
CA PRO J 51 -16.77 42.01 14.77
C PRO J 51 -15.50 42.63 14.12
N SER J 52 -14.52 41.81 13.79
CA SER J 52 -13.29 42.34 13.26
C SER J 52 -13.50 42.64 11.77
N ASP J 53 -14.66 42.27 11.25
CA ASP J 53 -15.02 42.53 9.88
C ASP J 53 -15.65 43.92 9.74
N CYS J 54 -15.84 44.63 10.84
CA CYS J 54 -16.76 45.74 10.81
C CYS J 54 -16.17 47.10 11.09
N THR J 55 -16.90 48.07 10.57
CA THR J 55 -16.56 49.45 10.68
C THR J 55 -16.96 49.84 12.10
N LEU J 56 -16.70 51.08 12.51
CA LEU J 56 -17.00 51.51 13.86
C LEU J 56 -18.52 51.57 14.07
N HIS J 57 -19.24 51.82 12.98
CA HIS J 57 -20.68 51.69 12.98
C HIS J 57 -20.94 50.23 12.64
N GLY J 58 -22.17 49.84 12.33
CA GLY J 58 -22.37 48.40 12.21
C GLY J 58 -21.91 47.62 10.96
N PHE J 59 -21.17 48.24 10.04
CA PHE J 59 -21.10 47.69 8.66
C PHE J 59 -19.78 47.04 8.24
N VAL J 60 -19.85 46.11 7.32
CA VAL J 60 -18.67 45.47 6.81
C VAL J 60 -17.84 46.34 5.85
N HIS J 61 -16.54 46.46 6.06
CA HIS J 61 -15.66 47.13 5.10
C HIS J 61 -15.74 46.50 3.73
N GLY J 62 -15.75 47.30 2.69
CA GLY J 62 -15.83 46.73 1.36
C GLY J 62 -14.63 45.83 1.12
N GLY J 63 -13.53 46.13 1.80
CA GLY J 63 -12.28 45.35 1.67
C GLY J 63 -12.43 43.87 2.04
N VAL J 64 -13.02 43.64 3.20
CA VAL J 64 -13.44 42.32 3.58
C VAL J 64 -14.30 41.68 2.49
N THR J 65 -15.42 42.30 2.14
CA THR J 65 -16.21 41.64 1.08
C THR J 65 -15.37 41.38 -0.15
N MET J 66 -14.43 42.27 -0.46
CA MET J 66 -13.73 42.12 -1.75
C MET J 66 -12.80 40.91 -1.68
N LYS J 67 -12.11 40.82 -0.54
CA LYS J 67 -11.26 39.68 -0.28
C LYS J 67 -12.00 38.37 -0.37
N LEU J 68 -13.09 38.22 0.38
CA LEU J 68 -13.90 36.99 0.23
C LEU J 68 -14.25 36.73 -1.22
N MET J 69 -14.68 37.75 -1.95
CA MET J 69 -15.00 37.52 -3.37
C MET J 69 -13.82 36.98 -4.18
N ASP J 70 -12.65 37.53 -3.94
CA ASP J 70 -11.46 37.06 -4.66
C ASP J 70 -11.09 35.59 -4.31
N GLU J 71 -11.13 35.25 -3.01
CA GLU J 71 -10.98 33.86 -2.59
C GLU J 71 -11.87 32.91 -3.36
N VAL J 72 -13.18 33.15 -3.36
CA VAL J 72 -14.04 32.26 -4.15
C VAL J 72 -13.63 32.23 -5.58
N ALA J 73 -13.44 33.37 -6.22
CA ALA J 73 -13.09 33.33 -7.68
C ALA J 73 -11.83 32.52 -7.90
N GLY J 74 -10.87 32.72 -6.97
CA GLY J 74 -9.61 31.98 -7.02
C GLY J 74 -9.86 30.48 -7.08
N ILE J 75 -10.62 30.00 -6.10
CA ILE J 75 -10.96 28.59 -6.01
C ILE J 75 -11.65 28.15 -7.28
N VAL J 76 -12.64 28.89 -7.74
CA VAL J 76 -13.26 28.46 -9.01
C VAL J 76 -12.20 28.31 -10.12
N ALA J 77 -11.29 29.28 -10.23
CA ALA J 77 -10.29 29.28 -11.29
C ALA J 77 -9.38 28.07 -11.18
N ALA J 78 -8.89 27.86 -9.95
CA ALA J 78 -8.08 26.70 -9.64
C ALA J 78 -8.79 25.42 -10.05
N ARG J 79 -10.01 25.19 -9.57
CA ARG J 79 -10.71 23.96 -9.93
C ARG J 79 -10.70 23.77 -11.41
N HIS J 80 -10.90 24.85 -12.15
CA HIS J 80 -11.09 24.71 -13.62
C HIS J 80 -9.75 24.52 -14.34
N CYS J 81 -8.70 25.11 -13.78
CA CYS J 81 -7.38 25.08 -14.43
C CYS J 81 -6.48 23.97 -13.94
N LYS J 82 -6.71 23.58 -12.68
CA LYS J 82 -5.86 22.64 -12.00
C LYS J 82 -4.43 23.14 -12.11
N THR J 83 -4.25 24.45 -12.04
CA THR J 83 -2.94 25.04 -12.21
C THR J 83 -2.77 26.24 -11.30
N ASN J 84 -1.60 26.86 -11.37
CA ASN J 84 -1.40 28.15 -10.71
C ASN J 84 -2.18 29.25 -11.44
N ILE J 85 -2.86 30.09 -10.69
CA ILE J 85 -3.71 31.15 -11.24
C ILE J 85 -3.43 32.49 -10.56
N VAL J 86 -3.54 33.57 -11.31
CA VAL J 86 -3.54 34.93 -10.73
C VAL J 86 -4.68 35.79 -11.27
N THR J 87 -5.11 36.74 -10.46
CA THR J 87 -6.09 37.72 -10.88
C THR J 87 -5.47 38.67 -11.91
N ALA J 88 -6.16 38.87 -13.03
CA ALA J 88 -5.69 39.80 -14.05
C ALA J 88 -6.41 41.13 -13.87
N SER J 89 -7.72 41.05 -13.70
CA SER J 89 -8.50 42.22 -13.46
C SER J 89 -9.79 41.83 -12.79
N VAL J 90 -10.35 42.78 -12.07
CA VAL J 90 -11.70 42.66 -11.56
C VAL J 90 -12.40 43.84 -12.14
N ASP J 91 -13.55 43.61 -12.74
CA ASP J 91 -14.24 44.74 -13.28
C ASP J 91 -15.68 44.81 -12.81
N ALA J 92 -16.12 46.03 -12.47
CA ALA J 92 -17.48 46.29 -12.04
C ALA J 92 -17.81 45.62 -10.72
N ILE J 93 -17.17 46.02 -9.64
CA ILE J 93 -17.60 45.53 -8.35
C ILE J 93 -18.68 46.47 -7.88
N ASN J 94 -19.89 45.96 -7.74
CA ASN J 94 -21.02 46.77 -7.30
C ASN J 94 -21.54 46.40 -5.91
N PHE J 95 -21.57 47.36 -4.99
CA PHE J 95 -22.16 47.10 -3.69
C PHE J 95 -23.61 47.52 -3.66
N HIS J 96 -24.52 46.57 -3.85
CA HIS J 96 -25.95 46.87 -3.91
C HIS J 96 -26.55 47.25 -2.56
N ASP J 97 -25.87 46.89 -1.47
CA ASP J 97 -26.45 47.14 -0.16
C ASP J 97 -25.46 46.82 0.94
N LYS J 98 -25.64 47.48 2.08
CA LYS J 98 -24.75 47.33 3.21
C LYS J 98 -24.93 45.98 3.86
N ILE J 99 -23.88 45.51 4.54
CA ILE J 99 -23.95 44.29 5.31
C ILE J 99 -23.67 44.56 6.77
N ARG J 100 -24.61 44.20 7.63
CA ARG J 100 -24.49 44.49 9.05
C ARG J 100 -23.91 43.33 9.82
N LYS J 101 -23.34 43.64 10.99
CA LYS J 101 -22.95 42.64 11.99
C LYS J 101 -24.03 41.56 12.15
N GLY J 102 -23.59 40.30 12.16
CA GLY J 102 -24.48 39.17 12.41
C GLY J 102 -25.30 38.77 11.21
N CYS J 103 -24.78 39.05 10.04
CA CYS J 103 -25.35 38.47 8.85
C CYS J 103 -24.50 37.28 8.53
N VAL J 104 -25.07 36.33 7.83
CA VAL J 104 -24.26 35.33 7.25
C VAL J 104 -24.22 35.72 5.79
N ILE J 105 -23.05 35.81 5.20
CA ILE J 105 -23.03 36.11 3.78
C ILE J 105 -22.64 34.89 3.00
N THR J 106 -23.34 34.63 1.92
CA THR J 106 -22.93 33.58 1.00
C THR J 106 -22.27 34.24 -0.21
N ILE J 107 -21.03 33.88 -0.49
CA ILE J 107 -20.35 34.34 -1.68
C ILE J 107 -20.30 33.15 -2.59
N SER J 108 -20.84 33.23 -3.79
CA SER J 108 -20.77 32.10 -4.70
C SER J 108 -20.23 32.53 -6.07
N GLY J 109 -19.54 31.62 -6.75
CA GLY J 109 -18.79 31.98 -7.91
C GLY J 109 -19.01 30.88 -8.91
N ARG J 110 -18.98 31.25 -10.20
CA ARG J 110 -19.10 30.29 -11.22
C ARG J 110 -18.43 30.87 -12.47
N MET J 111 -17.99 30.01 -13.36
CA MET J 111 -17.29 30.44 -14.53
C MET J 111 -18.32 30.88 -15.55
N THR J 112 -18.03 31.89 -16.35
CA THR J 112 -19.01 32.37 -17.34
C THR J 112 -18.44 32.30 -18.71
N PHE J 113 -17.17 32.70 -18.86
CA PHE J 113 -16.59 32.73 -20.19
C PHE J 113 -15.11 32.47 -20.11
N THR J 114 -14.55 31.86 -21.15
CA THR J 114 -13.12 31.71 -21.30
C THR J 114 -12.67 32.25 -22.66
N SER J 115 -11.54 32.94 -22.67
CA SER J 115 -10.90 33.25 -23.95
C SER J 115 -9.86 32.15 -24.17
N ASN J 116 -8.86 32.41 -25.00
CA ASN J 116 -7.80 31.44 -25.12
C ASN J 116 -6.91 31.38 -23.86
N LYS J 117 -6.63 32.53 -23.26
CA LYS J 117 -5.68 32.56 -22.16
C LYS J 117 -6.22 33.16 -20.88
N SER J 118 -7.52 33.45 -20.83
CA SER J 118 -8.11 34.04 -19.62
C SER J 118 -9.49 33.47 -19.29
N MET J 119 -9.86 33.54 -18.02
CA MET J 119 -11.14 33.03 -17.53
C MET J 119 -11.97 34.12 -16.84
N GLU J 120 -13.25 34.18 -17.19
CA GLU J 120 -14.13 35.12 -16.48
C GLU J 120 -15.03 34.40 -15.47
N ILE J 121 -15.05 34.91 -14.26
CA ILE J 121 -15.84 34.27 -13.24
C ILE J 121 -16.75 35.29 -12.60
N GLU J 122 -18.03 34.93 -12.46
CA GLU J 122 -18.99 35.80 -11.81
C GLU J 122 -19.10 35.49 -10.33
N VAL J 123 -18.90 36.48 -9.48
CA VAL J 123 -19.09 36.27 -8.06
C VAL J 123 -20.29 37.06 -7.54
N LEU J 124 -21.20 36.40 -6.84
CA LEU J 124 -22.36 37.05 -6.26
C LEU J 124 -22.34 36.91 -4.76
N VAL J 125 -22.63 37.98 -4.02
CA VAL J 125 -22.68 37.93 -2.56
C VAL J 125 -24.09 38.16 -2.03
N ASP J 126 -24.64 37.21 -1.29
CA ASP J 126 -25.96 37.38 -0.69
C ASP J 126 -25.88 37.46 0.82
N ALA J 127 -26.90 37.99 1.50
CA ALA J 127 -26.83 38.15 2.96
C ALA J 127 -28.11 37.72 3.63
N ASP J 128 -28.00 36.87 4.66
CA ASP J 128 -29.13 36.53 5.51
C ASP J 128 -28.89 37.14 6.86
N PRO J 129 -29.90 37.87 7.38
CA PRO J 129 -29.83 38.19 8.80
C PRO J 129 -30.02 36.94 9.67
N VAL J 130 -29.53 37.03 10.92
CA VAL J 130 -29.61 35.93 11.88
C VAL J 130 -30.17 36.40 13.23
N ARG J 137 -33.45 37.69 3.06
CA ARG J 137 -32.26 37.49 2.25
C ARG J 137 -32.20 38.45 1.06
N TYR J 138 -31.05 39.09 0.86
CA TYR J 138 -30.89 40.06 -0.22
C TYR J 138 -29.52 39.99 -0.92
N ARG J 139 -29.47 40.49 -2.16
CA ARG J 139 -28.23 40.58 -2.93
C ARG J 139 -27.36 41.75 -2.47
N ALA J 140 -26.12 41.50 -2.10
CA ALA J 140 -25.31 42.56 -1.47
C ALA J 140 -24.24 43.09 -2.37
N ALA J 141 -23.65 42.22 -3.19
CA ALA J 141 -22.58 42.65 -4.06
C ALA J 141 -22.42 41.73 -5.20
N SER J 142 -21.66 42.15 -6.20
CA SER J 142 -21.42 41.33 -7.37
C SER J 142 -20.20 41.84 -8.13
N ALA J 143 -19.59 40.98 -8.94
CA ALA J 143 -18.42 41.37 -9.74
C ALA J 143 -18.06 40.31 -10.76
N PHE J 144 -17.33 40.73 -11.80
CA PHE J 144 -16.73 39.77 -12.73
C PHE J 144 -15.21 39.78 -12.54
N PHE J 145 -14.66 38.68 -12.02
CA PHE J 145 -13.22 38.50 -11.93
C PHE J 145 -12.66 37.89 -13.20
N THR J 146 -11.44 38.29 -13.52
CA THR J 146 -10.73 37.71 -14.68
C THR J 146 -9.42 37.15 -14.19
N TYR J 147 -9.24 35.86 -14.44
CA TYR J 147 -8.05 35.16 -13.98
C TYR J 147 -7.25 34.65 -15.16
N VAL J 148 -5.98 34.42 -14.87
CA VAL J 148 -5.05 33.92 -15.86
C VAL J 148 -4.27 32.78 -15.20
N SER J 149 -3.92 31.76 -15.97
CA SER J 149 -3.18 30.59 -15.49
C SER J 149 -1.68 30.69 -15.81
N LEU J 150 -0.85 30.40 -14.81
CA LEU J 150 0.59 30.49 -14.96
C LEU J 150 1.30 29.14 -14.81
N SER J 151 2.32 28.92 -15.61
CA SER J 151 3.22 27.79 -15.45
C SER J 151 4.14 27.98 -14.25
N GLN J 152 4.96 26.97 -13.98
CA GLN J 152 5.93 27.04 -12.88
C GLN J 152 6.93 28.17 -13.13
N GLU J 153 7.32 28.32 -14.40
CA GLU J 153 8.23 29.39 -14.79
C GLU J 153 7.60 30.78 -14.69
N GLY J 154 6.27 30.82 -14.77
CA GLY J 154 5.54 32.08 -14.64
C GLY J 154 5.00 32.62 -15.96
N ARG J 155 4.97 31.79 -16.99
CA ARG J 155 4.43 32.22 -18.29
C ARG J 155 2.93 31.96 -18.36
N SER J 156 2.23 32.76 -19.18
CA SER J 156 0.78 32.64 -19.29
C SER J 156 0.37 31.48 -20.21
N LEU J 157 -0.50 30.61 -19.72
CA LEU J 157 -0.86 29.36 -20.39
C LEU J 157 -2.19 29.38 -21.15
N PRO J 158 -2.28 28.60 -22.24
CA PRO J 158 -3.62 28.36 -22.76
C PRO J 158 -4.50 27.77 -21.66
N VAL J 159 -5.77 28.08 -21.72
CA VAL J 159 -6.70 27.72 -20.69
C VAL J 159 -7.72 26.70 -21.20
N PRO J 160 -8.05 25.69 -20.37
CA PRO J 160 -9.14 24.75 -20.76
C PRO J 160 -10.41 25.53 -21.08
N GLN J 161 -11.00 25.27 -22.23
CA GLN J 161 -12.21 25.99 -22.62
C GLN J 161 -13.42 25.65 -21.75
N LEU J 162 -14.31 26.63 -21.58
CA LEU J 162 -15.56 26.39 -20.88
C LEU J 162 -16.59 25.94 -21.90
N VAL J 163 -17.29 24.85 -21.62
CA VAL J 163 -18.35 24.45 -22.53
C VAL J 163 -19.71 24.60 -21.86
N PRO J 164 -20.48 25.60 -22.30
CA PRO J 164 -21.80 25.85 -21.76
C PRO J 164 -22.77 24.77 -22.23
N GLU J 165 -23.80 24.52 -21.42
CA GLU J 165 -24.76 23.47 -21.74
C GLU J 165 -26.19 23.95 -21.74
N THR J 166 -26.59 24.69 -20.72
CA THR J 166 -27.96 25.20 -20.61
C THR J 166 -28.15 26.47 -21.41
N GLU J 167 -29.37 26.99 -21.39
CA GLU J 167 -29.70 28.24 -22.05
C GLU J 167 -28.85 29.36 -21.49
N ASP J 168 -28.92 29.52 -20.17
CA ASP J 168 -28.32 30.64 -19.49
C ASP J 168 -26.81 30.60 -19.63
N GLU J 169 -26.26 29.40 -19.68
CA GLU J 169 -24.82 29.24 -19.76
C GLU J 169 -24.32 29.73 -21.11
N LYS J 170 -25.13 29.54 -22.14
CA LYS J 170 -24.78 30.07 -23.46
C LYS J 170 -24.97 31.58 -23.49
N LYS J 171 -26.01 32.08 -22.82
CA LYS J 171 -26.25 33.51 -22.76
C LYS J 171 -25.13 34.18 -21.98
N ARG J 172 -24.83 33.67 -20.80
CA ARG J 172 -23.77 34.24 -19.94
C ARG J 172 -22.40 34.18 -20.61
N PHE J 173 -22.17 33.13 -21.40
CA PHE J 173 -20.95 33.02 -22.16
C PHE J 173 -20.89 34.13 -23.21
N GLU J 174 -22.01 34.36 -23.89
CA GLU J 174 -22.09 35.37 -24.92
C GLU J 174 -21.76 36.72 -24.31
N GLU J 175 -22.46 37.07 -23.23
CA GLU J 175 -22.29 38.36 -22.60
C GLU J 175 -20.83 38.51 -22.21
N GLY J 176 -20.22 37.41 -21.79
CA GLY J 176 -18.81 37.39 -21.39
C GLY J 176 -17.91 37.73 -22.56
N LYS J 177 -18.13 37.08 -23.69
CA LYS J 177 -17.37 37.42 -24.89
C LYS J 177 -17.47 38.93 -25.12
N GLY J 178 -18.68 39.47 -24.96
CA GLY J 178 -18.91 40.91 -25.10
C GLY J 178 -18.03 41.74 -24.17
N ARG J 179 -18.10 41.45 -22.88
CA ARG J 179 -17.31 42.19 -21.90
C ARG J 179 -15.82 42.04 -22.16
N TYR J 180 -15.44 40.89 -22.72
CA TYR J 180 -14.04 40.60 -22.99
C TYR J 180 -13.53 41.53 -24.08
N LEU J 181 -14.28 41.57 -25.18
CA LEU J 181 -13.90 42.39 -26.33
C LEU J 181 -13.77 43.87 -25.98
N GLN J 182 -14.75 44.41 -25.26
CA GLN J 182 -14.71 45.81 -24.85
C GLN J 182 -13.48 46.12 -24.01
N MET J 183 -13.12 45.23 -23.09
CA MET J 183 -11.97 45.47 -22.23
C MET J 183 -10.70 45.56 -23.07
N LYS J 184 -10.58 44.70 -24.08
CA LYS J 184 -9.44 44.78 -24.97
C LYS J 184 -9.38 46.13 -25.68
N ALA J 185 -10.54 46.63 -26.10
CA ALA J 185 -10.64 47.97 -26.71
C ALA J 185 -10.28 49.04 -25.68
N PRO K 33 14.63 -52.32 22.44
CA PRO K 33 14.46 -52.36 20.97
C PRO K 33 15.41 -53.38 20.35
N GLU K 34 14.85 -54.45 19.80
CA GLU K 34 15.67 -55.57 19.32
C GLU K 34 16.55 -55.12 18.18
N PRO K 35 17.85 -55.45 18.24
CA PRO K 35 18.86 -55.09 17.22
C PRO K 35 18.61 -55.73 15.89
N ASN K 36 19.29 -55.28 14.84
CA ASN K 36 19.10 -55.92 13.51
C ASN K 36 20.26 -55.81 12.52
N THR K 37 20.12 -56.46 11.37
CA THR K 37 21.27 -56.67 10.50
C THR K 37 21.22 -55.83 9.22
N VAL K 38 22.34 -55.57 8.57
CA VAL K 38 22.24 -54.83 7.36
C VAL K 38 21.39 -55.50 6.29
N SER K 39 21.50 -56.79 6.09
CA SER K 39 20.71 -57.49 5.04
C SER K 39 19.25 -57.34 5.24
N TYR K 40 18.82 -57.12 6.48
CA TYR K 40 17.39 -57.10 6.79
C TYR K 40 16.66 -55.88 6.15
N SER K 41 17.36 -54.75 6.09
CA SER K 41 16.81 -53.50 5.67
C SER K 41 17.34 -53.08 4.32
N GLN K 42 18.41 -53.72 3.87
CA GLN K 42 19.03 -53.38 2.59
C GLN K 42 17.95 -53.26 1.54
N SER K 43 17.97 -52.17 0.78
CA SER K 43 16.89 -51.84 -0.18
C SER K 43 17.41 -51.19 -1.43
N SER K 44 16.77 -51.48 -2.55
CA SER K 44 17.19 -50.78 -3.74
C SER K 44 16.04 -50.46 -4.68
N LEU K 45 16.33 -49.69 -5.72
CA LEU K 45 15.31 -49.02 -6.47
C LEU K 45 15.88 -48.79 -7.83
N ILE K 46 15.05 -48.96 -8.85
CA ILE K 46 15.49 -48.91 -10.24
C ILE K 46 14.60 -47.91 -10.96
N HIS K 47 15.18 -47.00 -11.72
CA HIS K 47 14.39 -45.90 -12.29
C HIS K 47 14.80 -45.64 -13.69
N LEU K 48 13.86 -45.65 -14.62
CA LEU K 48 14.21 -45.32 -15.99
C LEU K 48 14.17 -43.81 -16.17
N VAL K 49 15.31 -43.22 -16.46
CA VAL K 49 15.35 -41.78 -16.72
C VAL K 49 14.40 -41.36 -17.83
N GLY K 50 13.36 -40.62 -17.47
CA GLY K 50 12.34 -40.20 -18.41
C GLY K 50 12.60 -38.76 -18.76
N PRO K 51 11.76 -38.18 -19.61
CA PRO K 51 12.10 -36.85 -20.11
C PRO K 51 11.84 -35.75 -19.08
N SER K 52 10.92 -35.99 -18.15
CA SER K 52 10.60 -34.98 -17.16
C SER K 52 11.66 -34.96 -16.08
N ASP K 53 12.66 -35.83 -16.22
CA ASP K 53 13.73 -35.88 -15.24
C ASP K 53 14.88 -35.02 -15.70
N CYS K 54 14.75 -34.44 -16.88
CA CYS K 54 15.92 -33.92 -17.55
C CYS K 54 16.03 -32.44 -17.76
N THR K 55 17.26 -32.00 -17.83
CA THR K 55 17.61 -30.64 -18.10
C THR K 55 17.30 -30.39 -19.57
N LEU K 56 17.48 -29.17 -20.05
CA LEU K 56 17.19 -28.84 -21.45
C LEU K 56 18.20 -29.49 -22.39
N HIS K 57 19.41 -29.71 -21.89
CA HIS K 57 20.36 -30.59 -22.53
C HIS K 57 20.01 -32.01 -22.08
N GLY K 58 20.90 -32.97 -22.28
CA GLY K 58 20.50 -34.36 -22.01
C GLY K 58 20.41 -34.84 -20.57
N PHE K 59 20.71 -34.00 -19.58
CA PHE K 59 21.11 -34.55 -18.27
C PHE K 59 20.08 -34.45 -17.14
N VAL K 60 20.23 -35.32 -16.15
CA VAL K 60 19.30 -35.39 -15.05
C VAL K 60 19.62 -34.34 -13.99
N HIS K 61 18.62 -33.58 -13.58
CA HIS K 61 18.76 -32.66 -12.46
C HIS K 61 19.24 -33.37 -11.20
N GLY K 62 20.24 -32.79 -10.55
CA GLY K 62 20.73 -33.33 -9.30
C GLY K 62 19.60 -33.55 -8.33
N GLY K 63 18.59 -32.70 -8.40
CA GLY K 63 17.48 -32.77 -7.47
C GLY K 63 16.69 -34.03 -7.63
N VAL K 64 16.48 -34.45 -8.87
CA VAL K 64 15.84 -35.72 -9.10
C VAL K 64 16.66 -36.87 -8.50
N THR K 65 17.94 -36.92 -8.79
CA THR K 65 18.76 -37.94 -8.16
C THR K 65 18.68 -37.87 -6.65
N MET K 66 18.79 -36.68 -6.10
CA MET K 66 18.77 -36.51 -4.66
C MET K 66 17.50 -37.05 -4.08
N LYS K 67 16.39 -36.71 -4.69
CA LYS K 67 15.12 -37.18 -4.18
C LYS K 67 14.97 -38.71 -4.22
N LEU K 68 15.46 -39.35 -5.28
CA LEU K 68 15.42 -40.81 -5.32
C LEU K 68 16.34 -41.41 -4.21
N MET K 69 17.53 -40.84 -4.03
CA MET K 69 18.38 -41.25 -2.94
C MET K 69 17.65 -41.15 -1.61
N ASP K 70 16.94 -40.06 -1.34
CA ASP K 70 16.31 -39.92 -0.06
C ASP K 70 15.22 -40.94 0.12
N GLU K 71 14.50 -41.27 -0.95
CA GLU K 71 13.44 -42.27 -0.88
C GLU K 71 13.96 -43.63 -0.44
N VAL K 72 15.06 -44.07 -1.05
CA VAL K 72 15.64 -45.32 -0.68
C VAL K 72 16.13 -45.26 0.76
N ALA K 73 16.97 -44.27 1.10
CA ALA K 73 17.43 -44.21 2.48
C ALA K 73 16.26 -44.27 3.47
N GLY K 74 15.13 -43.68 3.15
CA GLY K 74 14.09 -43.60 4.12
C GLY K 74 13.43 -44.94 4.27
N ILE K 75 13.33 -45.68 3.16
CA ILE K 75 12.77 -46.99 3.17
C ILE K 75 13.68 -47.88 4.03
N VAL K 76 14.99 -47.82 3.76
CA VAL K 76 15.95 -48.52 4.63
C VAL K 76 15.69 -48.17 6.09
N ALA K 77 15.70 -46.89 6.43
CA ALA K 77 15.44 -46.49 7.82
C ALA K 77 14.12 -47.04 8.38
N ALA K 78 13.10 -46.97 7.58
CA ALA K 78 11.82 -47.46 8.01
C ALA K 78 11.87 -48.97 8.29
N ARG K 79 12.51 -49.73 7.42
CA ARG K 79 12.52 -51.18 7.60
C ARG K 79 13.22 -51.49 8.89
N HIS K 80 14.32 -50.83 9.15
CA HIS K 80 15.08 -51.05 10.36
C HIS K 80 14.43 -50.58 11.67
N CYS K 81 13.65 -49.51 11.65
CA CYS K 81 13.09 -48.93 12.87
C CYS K 81 11.68 -49.36 13.08
N LYS K 82 11.02 -49.73 12.00
CA LYS K 82 9.59 -50.03 12.02
C LYS K 82 8.84 -48.90 12.71
N THR K 83 9.26 -47.67 12.45
CA THR K 83 8.70 -46.51 13.14
C THR K 83 8.67 -45.32 12.21
N ASN K 84 8.08 -44.22 12.64
CA ASN K 84 8.22 -42.98 11.91
C ASN K 84 9.68 -42.49 11.88
N ILE K 85 10.15 -42.06 10.72
CA ILE K 85 11.53 -41.60 10.60
C ILE K 85 11.58 -40.22 9.92
N VAL K 86 12.60 -39.41 10.24
CA VAL K 86 12.91 -38.19 9.46
C VAL K 86 14.38 -38.02 9.21
N THR K 87 14.71 -37.38 8.10
CA THR K 87 16.10 -37.09 7.79
C THR K 87 16.63 -36.07 8.79
N ALA K 88 17.81 -36.32 9.33
CA ALA K 88 18.46 -35.34 10.19
C ALA K 88 19.52 -34.62 9.42
N SER K 89 20.28 -35.31 8.59
CA SER K 89 21.29 -34.64 7.79
C SER K 89 21.68 -35.57 6.71
N VAL K 90 22.22 -35.01 5.64
CA VAL K 90 22.77 -35.79 4.58
C VAL K 90 24.11 -35.16 4.46
N ASP K 91 25.13 -35.98 4.38
CA ASP K 91 26.43 -35.38 4.28
C ASP K 91 27.23 -35.99 3.15
N ALA K 92 27.93 -35.12 2.43
CA ALA K 92 28.76 -35.56 1.32
C ALA K 92 27.94 -36.24 0.24
N ILE K 93 27.13 -35.48 -0.49
CA ILE K 93 26.56 -36.03 -1.72
C ILE K 93 27.52 -35.73 -2.86
N ASN K 94 28.01 -36.78 -3.50
CA ASN K 94 29.00 -36.62 -4.54
C ASN K 94 28.48 -37.10 -5.85
N PHE K 95 28.52 -36.23 -6.86
CA PHE K 95 28.11 -36.62 -8.19
C PHE K 95 29.34 -36.97 -8.99
N HIS K 96 29.60 -38.26 -9.16
CA HIS K 96 30.81 -38.73 -9.84
C HIS K 96 30.70 -38.60 -11.35
N ASP K 97 29.48 -38.53 -11.86
CA ASP K 97 29.29 -38.47 -13.30
C ASP K 97 27.85 -38.14 -13.67
N LYS K 98 27.69 -37.56 -14.85
CA LYS K 98 26.38 -37.18 -15.34
C LYS K 98 25.53 -38.40 -15.66
N ILE K 99 24.23 -38.20 -15.67
CA ILE K 99 23.32 -39.24 -16.09
C ILE K 99 22.51 -38.75 -17.30
N ARG K 100 22.57 -39.48 -18.41
CA ARG K 100 21.88 -39.07 -19.61
C ARG K 100 20.52 -39.69 -19.82
N LYS K 101 19.64 -39.02 -20.54
CA LYS K 101 18.38 -39.60 -20.99
C LYS K 101 18.56 -41.07 -21.39
N GLY K 102 17.64 -41.91 -20.92
CA GLY K 102 17.62 -43.32 -21.34
C GLY K 102 18.69 -44.17 -20.67
N CYS K 103 19.01 -43.82 -19.43
CA CYS K 103 19.75 -44.69 -18.56
C CYS K 103 18.75 -45.31 -17.66
N VAL K 104 19.08 -46.47 -17.13
CA VAL K 104 18.36 -46.95 -16.02
C VAL K 104 19.29 -46.69 -14.88
N ILE K 105 18.80 -46.10 -13.79
CA ILE K 105 19.64 -45.89 -12.63
C ILE K 105 19.18 -46.77 -11.50
N THR K 106 20.15 -47.38 -10.83
CA THR K 106 19.89 -48.22 -9.67
C THR K 106 20.37 -47.44 -8.45
N ILE K 107 19.47 -47.23 -7.49
CA ILE K 107 19.84 -46.56 -6.31
C ILE K 107 19.71 -47.59 -5.24
N SER K 108 20.77 -47.83 -4.49
CA SER K 108 20.66 -48.86 -3.49
C SER K 108 21.16 -48.33 -2.22
N GLY K 109 20.54 -48.77 -1.13
CA GLY K 109 20.93 -48.28 0.18
C GLY K 109 21.07 -49.41 1.20
N ARG K 110 21.89 -49.13 2.19
CA ARG K 110 22.11 -50.08 3.26
C ARG K 110 22.55 -49.34 4.46
N MET K 111 22.15 -49.84 5.61
CA MET K 111 22.57 -49.26 6.87
C MET K 111 24.05 -49.49 7.11
N THR K 112 24.74 -48.52 7.68
CA THR K 112 26.17 -48.67 7.96
C THR K 112 26.51 -48.55 9.43
N PHE K 113 25.89 -47.65 10.14
CA PHE K 113 26.24 -47.44 11.52
C PHE K 113 25.02 -46.93 12.24
N THR K 114 24.91 -47.20 13.54
CA THR K 114 23.85 -46.61 14.37
C THR K 114 24.52 -46.09 15.61
N SER K 115 24.00 -44.96 16.10
CA SER K 115 24.40 -44.44 17.42
C SER K 115 23.24 -44.82 18.28
N ASN K 116 23.12 -44.22 19.45
CA ASN K 116 21.96 -44.51 20.26
C ASN K 116 20.64 -44.03 19.66
N LYS K 117 20.64 -42.82 19.10
CA LYS K 117 19.41 -42.24 18.58
C LYS K 117 19.40 -41.89 17.11
N SER K 118 20.39 -42.35 16.36
CA SER K 118 20.48 -42.01 14.92
C SER K 118 21.04 -43.17 14.09
N MET K 119 20.66 -43.22 12.80
CA MET K 119 21.06 -44.27 11.87
C MET K 119 21.79 -43.68 10.70
N GLU K 120 22.91 -44.26 10.29
CA GLU K 120 23.57 -43.81 9.09
C GLU K 120 23.34 -44.80 7.98
N ILE K 121 22.88 -44.31 6.83
CA ILE K 121 22.64 -45.17 5.68
C ILE K 121 23.44 -44.74 4.46
N GLU K 122 24.08 -45.69 3.79
CA GLU K 122 24.85 -45.37 2.62
C GLU K 122 24.02 -45.59 1.36
N VAL K 123 24.00 -44.61 0.46
CA VAL K 123 23.22 -44.76 -0.76
C VAL K 123 24.18 -44.66 -1.90
N LEU K 124 24.10 -45.60 -2.83
CA LEU K 124 24.91 -45.57 -4.04
C LEU K 124 24.00 -45.53 -5.28
N VAL K 125 24.42 -44.77 -6.30
CA VAL K 125 23.66 -44.68 -7.53
C VAL K 125 24.49 -45.12 -8.69
N ASP K 126 24.02 -46.15 -9.39
CA ASP K 126 24.73 -46.61 -10.59
C ASP K 126 23.87 -46.39 -11.82
N ALA K 127 24.49 -46.35 -13.01
CA ALA K 127 23.74 -46.09 -14.23
C ALA K 127 24.09 -47.07 -15.33
N ASP K 128 23.08 -47.70 -15.95
CA ASP K 128 23.29 -48.49 -17.17
C ASP K 128 22.70 -47.75 -18.33
N PRO K 129 23.46 -47.60 -19.40
CA PRO K 129 22.80 -47.21 -20.63
C PRO K 129 21.88 -48.33 -21.09
N VAL K 130 20.80 -47.96 -21.75
CA VAL K 130 19.80 -48.91 -22.22
C VAL K 130 19.70 -48.67 -23.70
N VAL K 131 20.27 -47.54 -24.11
CA VAL K 131 20.54 -47.24 -25.51
C VAL K 131 21.79 -48.05 -25.82
N ASP K 132 22.10 -48.20 -27.10
CA ASP K 132 23.28 -48.97 -27.47
C ASP K 132 24.51 -48.07 -27.70
N SER K 133 25.45 -48.18 -26.76
CA SER K 133 26.71 -47.44 -26.83
C SER K 133 27.91 -48.24 -26.26
N SER K 134 29.10 -47.90 -26.73
CA SER K 134 30.30 -48.45 -26.14
C SER K 134 30.56 -47.72 -24.83
N GLN K 135 30.03 -48.25 -23.73
CA GLN K 135 30.10 -47.52 -22.48
C GLN K 135 29.40 -48.30 -21.36
N LYS K 136 30.16 -48.81 -20.39
CA LYS K 136 29.61 -49.73 -19.37
C LYS K 136 28.92 -49.06 -18.17
N ARG K 137 28.20 -49.90 -17.42
CA ARG K 137 27.65 -49.50 -16.14
C ARG K 137 28.69 -48.71 -15.32
N TYR K 138 28.25 -47.61 -14.70
CA TYR K 138 29.17 -46.76 -13.92
C TYR K 138 28.54 -46.19 -12.65
N ARG K 139 29.38 -45.82 -11.69
CA ARG K 139 28.96 -45.20 -10.46
C ARG K 139 28.64 -43.71 -10.68
N ALA K 140 27.44 -43.28 -10.32
CA ALA K 140 27.04 -41.90 -10.66
C ALA K 140 27.01 -40.96 -9.49
N ALA K 141 26.63 -41.48 -8.34
CA ALA K 141 26.54 -40.64 -7.17
C ALA K 141 26.62 -41.47 -5.92
N SER K 142 26.75 -40.81 -4.77
CA SER K 142 26.82 -41.50 -3.49
C SER K 142 26.60 -40.51 -2.36
N ALA K 143 26.15 -41.02 -1.22
CA ALA K 143 25.95 -40.17 -0.07
C ALA K 143 25.76 -40.96 1.22
N PHE K 144 25.98 -40.30 2.35
CA PHE K 144 25.59 -40.83 3.65
C PHE K 144 24.40 -40.05 4.27
N PHE K 145 23.23 -40.65 4.24
CA PHE K 145 22.09 -40.08 4.93
C PHE K 145 22.08 -40.39 6.44
N THR K 146 21.61 -39.46 7.25
CA THR K 146 21.46 -39.74 8.66
C THR K 146 20.01 -39.54 9.09
N TYR K 147 19.39 -40.62 9.57
CA TYR K 147 17.99 -40.57 9.96
C TYR K 147 17.80 -40.67 11.45
N VAL K 148 16.61 -40.32 11.92
CA VAL K 148 16.32 -40.31 13.33
C VAL K 148 14.90 -40.85 13.46
N SER K 149 14.59 -41.48 14.56
CA SER K 149 13.29 -42.13 14.71
C SER K 149 12.42 -41.39 15.69
N LEU K 150 11.16 -41.19 15.33
CA LEU K 150 10.25 -40.43 16.18
C LEU K 150 9.06 -41.23 16.66
N SER K 151 8.64 -40.99 17.90
CA SER K 151 7.44 -41.59 18.45
C SER K 151 6.22 -40.90 17.88
N GLN K 152 5.03 -41.41 18.19
CA GLN K 152 3.80 -40.77 17.73
C GLN K 152 3.67 -39.33 18.25
N GLU K 153 4.13 -39.10 19.47
CA GLU K 153 4.12 -37.77 20.07
C GLU K 153 5.16 -36.85 19.40
N GLY K 154 6.16 -37.45 18.78
CA GLY K 154 7.18 -36.68 18.05
C GLY K 154 8.51 -36.55 18.77
N ARG K 155 8.72 -37.34 19.82
CA ARG K 155 9.99 -37.34 20.54
C ARG K 155 11.00 -38.27 19.90
N SER K 156 12.28 -37.94 20.05
CA SER K 156 13.35 -38.74 19.45
C SER K 156 13.60 -40.03 20.23
N LEU K 157 13.53 -41.15 19.54
CA LEU K 157 13.55 -42.46 20.17
C LEU K 157 14.89 -43.14 20.13
N PRO K 158 15.22 -43.93 21.15
CA PRO K 158 16.33 -44.85 20.99
C PRO K 158 16.10 -45.79 19.81
N VAL K 159 17.18 -46.12 19.12
CA VAL K 159 17.13 -46.79 17.85
C VAL K 159 17.64 -48.23 17.97
N PRO K 160 16.98 -49.18 17.30
CA PRO K 160 17.52 -50.53 17.25
C PRO K 160 18.97 -50.53 16.77
N GLN K 161 19.87 -51.17 17.52
CA GLN K 161 21.28 -51.23 17.14
C GLN K 161 21.53 -52.09 15.92
N LEU K 162 22.48 -51.65 15.11
CA LEU K 162 22.86 -52.39 13.93
C LEU K 162 23.92 -53.35 14.33
N VAL K 163 23.77 -54.62 13.96
CA VAL K 163 24.80 -55.58 14.31
C VAL K 163 25.47 -56.11 13.05
N PRO K 164 26.70 -55.66 12.80
CA PRO K 164 27.47 -56.08 11.66
C PRO K 164 27.88 -57.55 11.82
N GLU K 165 28.11 -58.22 10.70
CA GLU K 165 28.43 -59.63 10.71
C GLU K 165 29.68 -59.93 9.89
N THR K 166 29.77 -59.38 8.70
CA THR K 166 30.95 -59.64 7.86
C THR K 166 32.11 -58.70 8.15
N GLU K 167 33.21 -58.90 7.43
CA GLU K 167 34.38 -58.05 7.57
C GLU K 167 34.00 -56.61 7.27
N ASP K 168 33.43 -56.42 6.08
CA ASP K 168 33.14 -55.10 5.57
C ASP K 168 32.13 -54.35 6.43
N GLU K 169 31.17 -55.10 6.96
CA GLU K 169 30.16 -54.51 7.82
C GLU K 169 30.77 -53.99 9.11
N LYS K 170 31.81 -54.65 9.62
CA LYS K 170 32.48 -54.12 10.78
C LYS K 170 33.31 -52.92 10.39
N LYS K 171 33.88 -52.95 9.18
CA LYS K 171 34.72 -51.86 8.73
C LYS K 171 33.88 -50.63 8.48
N ARG K 172 32.80 -50.81 7.72
CA ARG K 172 31.89 -49.71 7.43
C ARG K 172 31.28 -49.14 8.70
N PHE K 173 31.00 -50.00 9.67
CA PHE K 173 30.49 -49.53 10.96
C PHE K 173 31.51 -48.64 11.65
N GLU K 174 32.76 -49.07 11.63
CA GLU K 174 33.83 -48.32 12.23
C GLU K 174 33.97 -46.95 11.59
N GLU K 175 34.04 -46.93 10.27
CA GLU K 175 34.09 -45.68 9.52
C GLU K 175 32.90 -44.76 9.86
N GLY K 176 31.71 -45.35 9.96
CA GLY K 176 30.52 -44.64 10.41
C GLY K 176 30.70 -43.97 11.78
N LYS K 177 31.21 -44.71 12.75
CA LYS K 177 31.42 -44.15 14.06
C LYS K 177 32.35 -42.96 13.93
N GLY K 178 33.36 -43.08 13.07
CA GLY K 178 34.29 -41.97 12.79
C GLY K 178 33.56 -40.74 12.26
N ARG K 179 32.85 -40.90 11.16
CA ARG K 179 32.06 -39.83 10.60
C ARG K 179 31.07 -39.21 11.59
N TYR K 180 30.54 -40.06 12.48
CA TYR K 180 29.56 -39.61 13.47
C TYR K 180 30.20 -38.68 14.46
N LEU K 181 31.35 -39.08 14.99
CA LEU K 181 32.06 -38.27 15.96
C LEU K 181 32.44 -36.91 15.39
N GLN K 182 33.00 -36.90 14.19
CA GLN K 182 33.39 -35.62 13.57
C GLN K 182 32.23 -34.66 13.38
N MET K 183 31.08 -35.17 12.96
CA MET K 183 29.91 -34.33 12.81
C MET K 183 29.50 -33.68 14.13
N LYS K 184 29.57 -34.42 15.22
CA LYS K 184 29.26 -33.85 16.52
C LYS K 184 30.25 -32.73 16.86
N ALA K 185 31.51 -32.92 16.48
CA ALA K 185 32.54 -31.89 16.68
C ALA K 185 32.35 -30.68 15.77
N LYS K 186 32.53 -30.88 14.46
CA LYS K 186 32.36 -29.82 13.46
C LYS K 186 31.12 -29.00 13.82
N ARG K 187 30.23 -29.59 14.63
CA ARG K 187 29.09 -28.89 15.21
C ARG K 187 29.38 -28.26 16.59
N GLN K 188 30.65 -27.91 16.85
CA GLN K 188 31.11 -27.27 18.09
C GLN K 188 32.34 -26.38 17.83
N PRO L 33 -1.65 73.01 3.45
CA PRO L 33 -2.45 72.17 2.56
C PRO L 33 -3.94 72.44 2.70
N GLU L 34 -4.50 73.19 1.75
CA GLU L 34 -5.90 73.69 1.82
C GLU L 34 -6.95 72.58 1.90
N PRO L 35 -8.02 72.79 2.70
CA PRO L 35 -9.11 71.82 2.77
C PRO L 35 -9.82 71.65 1.42
N ASN L 36 -10.44 70.49 1.20
CA ASN L 36 -11.18 70.22 -0.03
C ASN L 36 -10.29 70.05 -1.26
N THR L 37 -8.99 70.12 -1.07
CA THR L 37 -8.07 69.93 -2.18
C THR L 37 -7.54 68.50 -2.18
N VAL L 38 -6.94 68.05 -3.29
CA VAL L 38 -6.48 66.67 -3.31
C VAL L 38 -5.31 66.45 -2.36
N SER L 39 -4.43 67.44 -2.21
CA SER L 39 -3.28 67.32 -1.30
C SER L 39 -3.71 67.11 0.14
N TYR L 40 -4.86 67.64 0.51
CA TYR L 40 -5.35 67.57 1.88
C TYR L 40 -5.62 66.15 2.35
N SER L 41 -6.13 65.31 1.45
CA SER L 41 -6.58 63.98 1.81
C SER L 41 -5.66 62.89 1.25
N GLN L 42 -4.76 63.28 0.36
CA GLN L 42 -3.84 62.34 -0.27
C GLN L 42 -3.19 61.48 0.81
N SER L 43 -3.28 60.17 0.65
CA SER L 43 -2.81 59.24 1.69
C SER L 43 -2.14 58.03 1.11
N SER L 44 -1.15 57.50 1.81
CA SER L 44 -0.50 56.30 1.30
C SER L 44 -0.13 55.34 2.42
N LEU L 45 0.30 54.16 2.01
CA LEU L 45 0.43 53.08 2.92
C LEU L 45 1.49 52.16 2.38
N ILE L 46 2.36 51.66 3.26
CA ILE L 46 3.51 50.86 2.87
C ILE L 46 3.45 49.52 3.60
N HIS L 47 3.56 48.43 2.87
CA HIS L 47 3.34 47.13 3.48
C HIS L 47 4.42 46.15 3.05
N LEU L 48 4.98 45.44 4.01
CA LEU L 48 5.97 44.43 3.66
C LEU L 48 5.24 43.11 3.43
N VAL L 49 5.27 42.62 2.19
CA VAL L 49 4.63 41.36 1.92
C VAL L 49 5.21 40.28 2.82
N GLY L 50 4.39 39.76 3.72
CA GLY L 50 4.80 38.70 4.63
C GLY L 50 4.29 37.36 4.11
N PRO L 51 4.57 36.29 4.86
CA PRO L 51 4.26 34.97 4.30
C PRO L 51 2.75 34.65 4.34
N SER L 52 2.02 35.26 5.27
CA SER L 52 0.59 34.99 5.36
C SER L 52 -0.18 35.75 4.29
N ASP L 53 0.52 36.54 3.49
CA ASP L 53 -0.12 37.27 2.39
C ASP L 53 -0.05 36.47 1.11
N CYS L 54 0.59 35.31 1.16
CA CYS L 54 0.97 34.65 -0.08
C CYS L 54 0.29 33.35 -0.43
N THR L 55 0.31 33.09 -1.72
CA THR L 55 -0.20 31.87 -2.25
C THR L 55 0.83 30.76 -1.98
N LEU L 56 0.54 29.53 -2.36
CA LEU L 56 1.46 28.42 -2.07
C LEU L 56 2.74 28.55 -2.88
N HIS L 57 2.62 29.17 -4.05
CA HIS L 57 3.78 29.60 -4.83
C HIS L 57 4.18 30.95 -4.25
N GLY L 58 5.04 31.69 -4.92
CA GLY L 58 5.53 32.92 -4.26
C GLY L 58 4.66 34.17 -4.15
N PHE L 59 3.41 34.13 -4.59
CA PHE L 59 2.70 35.37 -4.97
C PHE L 59 1.58 35.81 -4.03
N VAL L 60 1.29 37.11 -4.05
CA VAL L 60 0.28 37.71 -3.17
C VAL L 60 -1.13 37.50 -3.72
N HIS L 61 -2.02 36.97 -2.89
CA HIS L 61 -3.43 36.89 -3.27
C HIS L 61 -3.99 38.26 -3.66
N GLY L 62 -4.74 38.32 -4.75
CA GLY L 62 -5.41 39.55 -5.19
C GLY L 62 -6.25 40.14 -4.08
N GLY L 63 -6.79 39.25 -3.23
CA GLY L 63 -7.63 39.63 -2.09
C GLY L 63 -6.88 40.55 -1.16
N VAL L 64 -5.67 40.19 -0.83
CA VAL L 64 -4.85 41.01 0.04
C VAL L 64 -4.63 42.35 -0.60
N THR L 65 -4.22 42.38 -1.86
CA THR L 65 -3.97 43.66 -2.48
C THR L 65 -5.24 44.52 -2.49
N MET L 66 -6.36 43.90 -2.84
CA MET L 66 -7.62 44.61 -2.89
C MET L 66 -7.96 45.19 -1.53
N LYS L 67 -7.82 44.43 -0.46
CA LYS L 67 -8.11 44.93 0.86
C LYS L 67 -7.26 46.12 1.21
N LEU L 68 -5.96 46.07 0.91
CA LEU L 68 -5.06 47.19 1.25
C LEU L 68 -5.53 48.41 0.47
N MET L 69 -5.88 48.19 -0.79
CA MET L 69 -6.35 49.28 -1.61
C MET L 69 -7.62 49.96 -1.04
N ASP L 70 -8.55 49.15 -0.56
CA ASP L 70 -9.75 49.69 0.03
C ASP L 70 -9.42 50.47 1.28
N GLU L 71 -8.49 49.97 2.07
CA GLU L 71 -8.12 50.65 3.28
C GLU L 71 -7.64 52.06 2.98
N VAL L 72 -6.79 52.20 1.97
CA VAL L 72 -6.24 53.51 1.63
C VAL L 72 -7.34 54.44 1.12
N ALA L 73 -8.12 53.95 0.17
CA ALA L 73 -9.25 54.72 -0.32
C ALA L 73 -10.11 55.23 0.85
N GLY L 74 -10.45 54.35 1.77
CA GLY L 74 -11.34 54.69 2.86
C GLY L 74 -10.73 55.79 3.68
N ILE L 75 -9.41 55.75 3.85
CA ILE L 75 -8.73 56.76 4.64
C ILE L 75 -8.82 58.10 3.92
N VAL L 76 -8.49 58.09 2.63
CA VAL L 76 -8.63 59.29 1.83
C VAL L 76 -10.06 59.86 1.95
N ALA L 77 -11.08 59.03 1.69
CA ALA L 77 -12.48 59.43 1.86
C ALA L 77 -12.73 60.06 3.23
N ALA L 78 -12.32 59.35 4.28
CA ALA L 78 -12.56 59.84 5.62
C ALA L 78 -11.95 61.21 5.80
N ARG L 79 -10.72 61.41 5.32
CA ARG L 79 -10.03 62.70 5.53
C ARG L 79 -10.80 63.83 4.87
N HIS L 80 -11.32 63.54 3.69
CA HIS L 80 -12.03 64.53 2.92
C HIS L 80 -13.44 64.83 3.43
N CYS L 81 -14.12 63.82 3.98
CA CYS L 81 -15.49 63.98 4.45
C CYS L 81 -15.59 64.29 5.91
N LYS L 82 -14.58 63.91 6.66
CA LYS L 82 -14.63 63.99 8.12
C LYS L 82 -15.92 63.38 8.63
N THR L 83 -16.36 62.32 7.97
CA THR L 83 -17.62 61.67 8.31
C THR L 83 -17.52 60.13 8.19
N ASN L 84 -18.62 59.44 8.48
CA ASN L 84 -18.71 58.04 8.19
C ASN L 84 -18.80 57.84 6.68
N ILE L 85 -18.05 56.87 6.16
CA ILE L 85 -18.01 56.60 4.72
C ILE L 85 -18.20 55.09 4.40
N VAL L 86 -18.75 54.79 3.23
CA VAL L 86 -18.79 53.41 2.79
C VAL L 86 -18.48 53.34 1.33
N THR L 87 -17.93 52.20 0.90
CA THR L 87 -17.66 51.93 -0.50
C THR L 87 -18.96 51.69 -1.22
N ALA L 88 -19.14 52.37 -2.36
CA ALA L 88 -20.33 52.20 -3.17
C ALA L 88 -20.00 51.29 -4.33
N SER L 89 -18.87 51.53 -4.97
CA SER L 89 -18.46 50.65 -6.03
C SER L 89 -16.96 50.79 -6.25
N VAL L 90 -16.37 49.76 -6.82
CA VAL L 90 -14.99 49.81 -7.21
C VAL L 90 -15.09 49.42 -8.64
N ASP L 91 -14.42 50.18 -9.48
CA ASP L 91 -14.48 49.83 -10.86
C ASP L 91 -13.10 49.78 -11.49
N ALA L 92 -12.91 48.75 -12.31
CA ALA L 92 -11.66 48.56 -13.02
C ALA L 92 -10.50 48.36 -12.08
N ILE L 93 -10.48 47.24 -11.35
CA ILE L 93 -9.26 46.84 -10.67
C ILE L 93 -8.39 46.08 -11.67
N ASN L 94 -7.22 46.65 -11.98
CA ASN L 94 -6.31 45.99 -12.90
C ASN L 94 -5.03 45.56 -12.23
N PHE L 95 -4.71 44.28 -12.39
CA PHE L 95 -3.45 43.75 -11.86
C PHE L 95 -2.42 43.71 -12.97
N HIS L 96 -1.54 44.70 -12.96
CA HIS L 96 -0.56 44.84 -14.04
C HIS L 96 0.58 43.83 -13.94
N ASP L 97 0.80 43.30 -12.75
CA ASP L 97 1.89 42.38 -12.54
C ASP L 97 1.81 41.74 -11.17
N LYS L 98 2.46 40.58 -11.05
CA LYS L 98 2.46 39.82 -9.81
C LYS L 98 3.29 40.50 -8.74
N ILE L 99 2.99 40.20 -7.49
CA ILE L 99 3.83 40.67 -6.40
C ILE L 99 4.39 39.49 -5.61
N ARG L 100 5.70 39.46 -5.48
CA ARG L 100 6.43 38.36 -4.83
C ARG L 100 6.61 38.56 -3.32
N LYS L 101 6.81 37.45 -2.60
CA LYS L 101 7.29 37.49 -1.21
C LYS L 101 8.48 38.43 -1.08
N GLY L 102 8.45 39.28 -0.06
CA GLY L 102 9.57 40.17 0.25
C GLY L 102 9.68 41.38 -0.67
N CYS L 103 8.53 41.83 -1.15
CA CYS L 103 8.46 43.12 -1.79
C CYS L 103 7.96 44.03 -0.73
N VAL L 104 8.26 45.30 -0.88
CA VAL L 104 7.52 46.30 -0.16
C VAL L 104 6.54 46.91 -1.15
N ILE L 105 5.26 46.94 -0.82
CA ILE L 105 4.31 47.57 -1.70
C ILE L 105 3.83 48.86 -1.11
N THR L 106 3.86 49.90 -1.95
CA THR L 106 3.31 51.20 -1.58
C THR L 106 1.94 51.33 -2.24
N ILE L 107 0.93 51.52 -1.41
CA ILE L 107 -0.41 51.77 -1.89
C ILE L 107 -0.72 53.24 -1.65
N SER L 108 -0.89 54.01 -2.72
CA SER L 108 -1.21 55.41 -2.50
C SER L 108 -2.52 55.79 -3.17
N GLY L 109 -3.27 56.66 -2.51
CA GLY L 109 -4.56 57.07 -3.00
C GLY L 109 -4.67 58.58 -3.02
N ARG L 110 -5.52 59.07 -3.91
CA ARG L 110 -5.85 60.49 -3.97
C ARG L 110 -7.21 60.67 -4.60
N MET L 111 -7.87 61.73 -4.19
CA MET L 111 -9.19 62.06 -4.68
C MET L 111 -9.08 62.53 -6.12
N THR L 112 -10.02 62.12 -6.97
CA THR L 112 -9.96 62.58 -8.35
C THR L 112 -11.17 63.42 -8.73
N PHE L 113 -12.33 63.02 -8.27
CA PHE L 113 -13.57 63.65 -8.68
C PHE L 113 -14.60 63.53 -7.58
N THR L 114 -15.46 64.53 -7.44
CA THR L 114 -16.63 64.42 -6.58
C THR L 114 -17.89 64.75 -7.37
N SER L 115 -18.98 64.04 -7.11
CA SER L 115 -20.28 64.42 -7.62
C SER L 115 -20.92 65.12 -6.45
N ASN L 116 -22.24 65.25 -6.46
CA ASN L 116 -22.89 65.86 -5.30
C ASN L 116 -22.85 64.94 -4.09
N LYS L 117 -23.05 63.66 -4.32
CA LYS L 117 -23.17 62.73 -3.20
C LYS L 117 -22.13 61.60 -3.18
N SER L 118 -21.14 61.65 -4.07
CA SER L 118 -20.18 60.57 -4.18
C SER L 118 -18.76 61.05 -4.47
N MET L 119 -17.76 60.30 -4.01
CA MET L 119 -16.34 60.64 -4.19
C MET L 119 -15.60 59.58 -4.98
N GLU L 120 -14.81 60.00 -5.96
CA GLU L 120 -13.98 59.04 -6.68
C GLU L 120 -12.52 59.16 -6.23
N ILE L 121 -11.95 58.03 -5.85
CA ILE L 121 -10.56 57.97 -5.40
C ILE L 121 -9.71 57.01 -6.23
N GLU L 122 -8.55 57.48 -6.68
CA GLU L 122 -7.68 56.64 -7.48
C GLU L 122 -6.64 56.00 -6.58
N VAL L 123 -6.55 54.68 -6.64
CA VAL L 123 -5.55 53.98 -5.85
C VAL L 123 -4.54 53.32 -6.77
N LEU L 124 -3.27 53.57 -6.51
CA LEU L 124 -2.18 52.95 -7.26
C LEU L 124 -1.31 52.10 -6.33
N VAL L 125 -0.92 50.93 -6.83
CA VAL L 125 -0.03 50.05 -6.06
C VAL L 125 1.30 49.86 -6.77
N ASP L 126 2.39 50.23 -6.09
CA ASP L 126 3.76 50.01 -6.62
C ASP L 126 4.54 49.02 -5.77
N ALA L 127 5.54 48.36 -6.36
CA ALA L 127 6.30 47.31 -5.66
C ALA L 127 7.80 47.49 -5.79
N ASP L 128 8.51 47.53 -4.65
CA ASP L 128 9.98 47.46 -4.65
C ASP L 128 10.40 46.09 -4.16
N PRO L 129 11.30 45.44 -4.91
CA PRO L 129 11.99 44.30 -4.31
C PRO L 129 12.98 44.76 -3.22
N SER L 134 17.22 43.21 -4.63
CA SER L 134 17.29 44.60 -5.13
C SER L 134 17.12 44.74 -6.66
N GLN L 135 15.87 44.64 -7.12
CA GLN L 135 15.48 44.83 -8.53
C GLN L 135 14.49 46.01 -8.67
N LYS L 136 14.14 46.37 -9.91
CA LYS L 136 13.50 47.68 -10.14
C LYS L 136 12.00 47.86 -9.82
N ARG L 137 11.65 49.01 -9.24
CA ARG L 137 10.28 49.37 -8.83
C ARG L 137 9.28 49.38 -10.00
N TYR L 138 8.11 48.79 -9.81
CA TYR L 138 7.13 48.68 -10.90
C TYR L 138 5.70 48.88 -10.43
N ARG L 139 4.83 49.26 -11.36
CA ARG L 139 3.41 49.43 -11.09
C ARG L 139 2.70 48.07 -11.03
N ALA L 140 1.99 47.77 -9.95
CA ALA L 140 1.46 46.42 -9.78
C ALA L 140 -0.05 46.36 -9.95
N ALA L 141 -0.74 47.39 -9.48
CA ALA L 141 -2.19 47.42 -9.61
C ALA L 141 -2.72 48.83 -9.59
N SER L 142 -3.98 48.98 -9.97
CA SER L 142 -4.67 50.27 -9.92
C SER L 142 -6.17 50.10 -9.90
N ALA L 143 -6.86 51.11 -9.41
CA ALA L 143 -8.31 51.06 -9.39
C ALA L 143 -8.91 52.42 -9.10
N PHE L 144 -10.19 52.60 -9.48
CA PHE L 144 -10.97 53.75 -9.03
C PHE L 144 -12.04 53.31 -8.06
N PHE L 145 -11.91 53.74 -6.81
CA PHE L 145 -12.91 53.49 -5.78
C PHE L 145 -13.95 54.61 -5.72
N THR L 146 -15.18 54.24 -5.41
CA THR L 146 -16.22 55.23 -5.27
C THR L 146 -16.83 55.13 -3.90
N TYR L 147 -16.70 56.20 -3.13
CA TYR L 147 -17.23 56.23 -1.78
C TYR L 147 -18.43 57.16 -1.61
N VAL L 148 -19.18 56.94 -0.55
CA VAL L 148 -20.36 57.70 -0.29
C VAL L 148 -20.29 58.03 1.18
N SER L 149 -20.63 59.27 1.51
CA SER L 149 -20.59 59.71 2.90
C SER L 149 -21.94 59.45 3.56
N LEU L 150 -21.91 58.94 4.78
CA LEU L 150 -23.13 58.58 5.50
C LEU L 150 -23.25 59.32 6.82
N SER L 151 -24.48 59.68 7.18
CA SER L 151 -24.75 60.26 8.49
C SER L 151 -24.80 59.16 9.54
N GLN L 152 -24.97 59.55 10.79
CA GLN L 152 -25.04 58.58 11.88
C GLN L 152 -26.25 57.65 11.69
N GLU L 153 -27.33 58.19 11.17
CA GLU L 153 -28.52 57.40 10.89
C GLU L 153 -28.33 56.46 9.70
N GLY L 154 -27.37 56.78 8.83
CA GLY L 154 -27.07 55.94 7.68
C GLY L 154 -27.61 56.46 6.37
N ARG L 155 -27.99 57.73 6.31
CA ARG L 155 -28.47 58.34 5.07
C ARG L 155 -27.29 58.95 4.28
N SER L 156 -27.44 58.99 2.95
CA SER L 156 -26.37 59.51 2.10
C SER L 156 -26.36 61.03 2.10
N LEU L 157 -25.21 61.61 2.41
CA LEU L 157 -25.03 63.05 2.59
C LEU L 157 -24.45 63.78 1.37
N PRO L 158 -24.80 65.07 1.19
CA PRO L 158 -24.00 65.85 0.26
C PRO L 158 -22.53 65.86 0.68
N VAL L 159 -21.65 65.90 -0.29
CA VAL L 159 -20.24 65.70 -0.05
C VAL L 159 -19.46 66.95 -0.34
N PRO L 160 -18.48 67.30 0.52
CA PRO L 160 -17.63 68.44 0.23
C PRO L 160 -17.04 68.35 -1.18
N GLN L 161 -17.13 69.42 -1.95
CA GLN L 161 -16.63 69.38 -3.33
C GLN L 161 -15.11 69.38 -3.39
N LEU L 162 -14.58 68.66 -4.35
CA LEU L 162 -13.14 68.66 -4.57
C LEU L 162 -12.79 69.82 -5.48
N VAL L 163 -11.84 70.65 -5.08
CA VAL L 163 -11.42 71.72 -5.96
C VAL L 163 -10.01 71.47 -6.50
N PRO L 164 -9.92 71.14 -7.80
CA PRO L 164 -8.64 70.91 -8.47
C PRO L 164 -7.87 72.21 -8.60
N GLU L 165 -6.55 72.13 -8.67
CA GLU L 165 -5.72 73.32 -8.75
C GLU L 165 -4.71 73.26 -9.89
N THR L 166 -4.03 72.13 -10.04
CA THR L 166 -3.03 71.99 -11.10
C THR L 166 -3.68 71.53 -12.41
N GLU L 167 -2.84 71.38 -13.43
CA GLU L 167 -3.28 70.93 -14.74
C GLU L 167 -3.91 69.56 -14.62
N ASP L 168 -3.12 68.64 -14.07
CA ASP L 168 -3.49 67.24 -14.00
C ASP L 168 -4.75 67.03 -13.15
N GLU L 169 -4.88 67.83 -12.10
CA GLU L 169 -6.02 67.72 -11.21
C GLU L 169 -7.31 68.08 -11.94
N LYS L 170 -7.24 69.05 -12.84
CA LYS L 170 -8.40 69.40 -13.66
C LYS L 170 -8.66 68.32 -14.70
N LYS L 171 -7.59 67.78 -15.26
CA LYS L 171 -7.72 66.69 -16.22
C LYS L 171 -8.32 65.46 -15.56
N ARG L 172 -7.75 65.03 -14.44
CA ARG L 172 -8.24 63.85 -13.74
C ARG L 172 -9.68 64.04 -13.25
N PHE L 173 -10.02 65.26 -12.86
CA PHE L 173 -11.39 65.58 -12.50
C PHE L 173 -12.34 65.39 -13.67
N GLU L 174 -11.88 65.82 -14.84
CA GLU L 174 -12.66 65.73 -16.05
C GLU L 174 -12.92 64.27 -16.38
N GLU L 175 -11.84 63.49 -16.45
CA GLU L 175 -11.94 62.07 -16.73
C GLU L 175 -12.87 61.40 -15.73
N GLY L 176 -12.83 61.87 -14.49
CA GLY L 176 -13.69 61.36 -13.44
C GLY L 176 -15.16 61.58 -13.72
N LYS L 177 -15.50 62.82 -14.08
CA LYS L 177 -16.87 63.16 -14.46
C LYS L 177 -17.29 62.20 -15.57
N GLY L 178 -16.40 61.97 -16.51
CA GLY L 178 -16.66 61.03 -17.60
C GLY L 178 -17.06 59.68 -17.08
N ARG L 179 -16.18 59.08 -16.27
CA ARG L 179 -16.42 57.73 -15.71
C ARG L 179 -17.68 57.68 -14.85
N TYR L 180 -17.95 58.78 -14.17
CA TYR L 180 -19.16 58.90 -13.37
C TYR L 180 -20.43 58.79 -14.22
N LEU L 181 -20.49 59.57 -15.30
CA LEU L 181 -21.64 59.59 -16.17
C LEU L 181 -21.91 58.21 -16.78
N GLN L 182 -20.87 57.59 -17.31
CA GLN L 182 -21.04 56.27 -17.93
C GLN L 182 -21.60 55.26 -16.96
N MET L 183 -21.12 55.30 -15.72
CA MET L 183 -21.59 54.35 -14.71
C MET L 183 -23.07 54.52 -14.43
N LYS L 184 -23.53 55.75 -14.37
CA LYS L 184 -24.96 56.00 -14.22
C LYS L 184 -25.75 55.44 -15.41
N ALA L 185 -25.18 55.53 -16.60
CA ALA L 185 -25.79 54.93 -17.76
C ALA L 185 -25.87 53.41 -17.63
N LYS L 186 -24.77 52.74 -17.26
CA LYS L 186 -24.88 51.28 -17.16
C LYS L 186 -26.00 50.82 -16.21
N ARG L 187 -26.17 51.53 -15.09
CA ARG L 187 -27.14 51.15 -14.06
C ARG L 187 -28.61 51.45 -14.38
N GLN L 188 -29.02 51.43 -15.65
CA GLN L 188 -30.35 51.92 -16.01
C GLN L 188 -31.09 51.25 -17.18
N GLY L 189 -30.43 50.99 -18.32
CA GLY L 189 -31.15 50.44 -19.47
C GLY L 189 -31.61 51.59 -20.38
N HIS L 190 -32.49 51.33 -21.34
CA HIS L 190 -32.67 52.35 -22.40
C HIS L 190 -34.14 52.77 -22.70
#